data_5B0A
# 
_entry.id   5B0A 
# 
_audit_conform.dict_name       mmcif_pdbx.dic 
_audit_conform.dict_version    5.380 
_audit_conform.dict_location   http://mmcif.pdb.org/dictionaries/ascii/mmcif_pdbx.dic 
# 
loop_
_database_2.database_id 
_database_2.database_code 
_database_2.pdbx_database_accession 
_database_2.pdbx_DOI 
PDB   5B0A         pdb_00005b0a 10.2210/pdb5b0a/pdb 
WWPDB D_1300000260 ?            ?                   
# 
loop_
_pdbx_database_related.content_type 
_pdbx_database_related.db_id 
_pdbx_database_related.db_name 
_pdbx_database_related.details 
unspecified 5B0G PDB . 
unspecified 5B0F PDB . 
unspecified 5B0E PDB . 
unspecified 5B0D PDB . 
unspecified 5B0C PDB . 
unspecified 5B0B PDB . 
unspecified 5B09 PDB . 
unspecified 5B08 PDB . 
# 
_pdbx_database_status.status_code                     REL 
_pdbx_database_status.status_code_sf                  REL 
_pdbx_database_status.status_code_mr                  ? 
_pdbx_database_status.entry_id                        5B0A 
_pdbx_database_status.recvd_initial_deposition_date   2015-10-28 
_pdbx_database_status.SG_entry                        N 
_pdbx_database_status.deposit_site                    PDBJ 
_pdbx_database_status.process_site                    PDBJ 
_pdbx_database_status.status_code_cs                  ? 
_pdbx_database_status.methods_development_category    ? 
_pdbx_database_status.pdb_format_compatible           Y 
_pdbx_database_status.status_code_nmr_data            ? 
# 
loop_
_audit_author.name 
_audit_author.pdbx_ordinal 
'Yang, X.'   1 
'Matsui, T.' 2 
'Mori, T.'   3 
'Abe, I.'    4 
'Morita, H.' 5 
# 
_citation.abstract                  ? 
_citation.abstract_id_CAS           ? 
_citation.book_id_ISBN              ? 
_citation.book_publisher            ? 
_citation.book_publisher_city       ? 
_citation.book_title                ? 
_citation.coordinate_linkage        ? 
_citation.country                   UK 
_citation.database_id_Medline       ? 
_citation.details                   ? 
_citation.id                        primary 
_citation.journal_abbrev            'Febs J.' 
_citation.journal_id_ASTM           ? 
_citation.journal_id_CSD            ? 
_citation.journal_id_ISSN           1742-464X 
_citation.journal_full              ? 
_citation.journal_issue             ? 
_citation.journal_volume            283 
_citation.language                  ? 
_citation.page_first                1088 
_citation.page_last                 1106 
_citation.title                     'Structural basis for olivetolic acid formation by a polyketide cyclase from Cannabis sativa' 
_citation.year                      2016 
_citation.database_id_CSD           ? 
_citation.pdbx_database_id_DOI      10.1111/febs.13654 
_citation.pdbx_database_id_PubMed   26783002 
_citation.unpublished_flag          ? 
# 
loop_
_citation_author.citation_id 
_citation_author.name 
_citation_author.ordinal 
_citation_author.identifier_ORCID 
primary 'Yang, X.'    1 ? 
primary 'Matsui, T.'  2 ? 
primary 'Kodama, T.'  3 ? 
primary 'Mori, T.'    4 ? 
primary 'Zhou, X.'    5 ? 
primary 'Taura, F.'   6 ? 
primary 'Noguchi, H.' 7 ? 
primary 'Abe, I.'     8 ? 
primary 'Morita, H.'  9 ? 
# 
_cell.angle_alpha                  90.000 
_cell.angle_alpha_esd              ? 
_cell.angle_beta                   95.490 
_cell.angle_beta_esd               ? 
_cell.angle_gamma                  90.000 
_cell.angle_gamma_esd              ? 
_cell.entry_id                     5B0A 
_cell.details                      ? 
_cell.formula_units_Z              ? 
_cell.length_a                     36.800 
_cell.length_a_esd                 ? 
_cell.length_b                     30.490 
_cell.length_b_esd                 ? 
_cell.length_c                     81.530 
_cell.length_c_esd                 ? 
_cell.volume                       ? 
_cell.volume_esd                   ? 
_cell.Z_PDB                        4 
_cell.reciprocal_angle_alpha       ? 
_cell.reciprocal_angle_beta        ? 
_cell.reciprocal_angle_gamma       ? 
_cell.reciprocal_angle_alpha_esd   ? 
_cell.reciprocal_angle_beta_esd    ? 
_cell.reciprocal_angle_gamma_esd   ? 
_cell.reciprocal_length_a          ? 
_cell.reciprocal_length_b          ? 
_cell.reciprocal_length_c          ? 
_cell.reciprocal_length_a_esd      ? 
_cell.reciprocal_length_b_esd      ? 
_cell.reciprocal_length_c_esd      ? 
_cell.pdbx_unique_axis             ? 
# 
_symmetry.entry_id                         5B0A 
_symmetry.cell_setting                     ? 
_symmetry.Int_Tables_number                4 
_symmetry.space_group_name_Hall            ? 
_symmetry.space_group_name_H-M             'P 1 21 1' 
_symmetry.pdbx_full_space_group_name_H-M   ? 
# 
loop_
_entity.id 
_entity.type 
_entity.src_method 
_entity.pdbx_description 
_entity.formula_weight 
_entity.pdbx_number_of_molecules 
_entity.pdbx_ec 
_entity.pdbx_mutation 
_entity.pdbx_fragment 
_entity.details 
1 polymer man 'Olivetolic acid cyclase' 12219.993 2  4.4.1.26 H5Q ? ? 
2 water   nat water                     18.015    51 ?        ?   ? ? 
# 
_entity_poly.entity_id                      1 
_entity_poly.type                           'polypeptide(L)' 
_entity_poly.nstd_linkage                   no 
_entity_poly.nstd_monomer                   no 
_entity_poly.pdbx_seq_one_letter_code       
;GPGMAVKQLIVLKFKDEITEAQKEEFFKTYVNLVNIIPAMKDVYWGKDVTQKNKEEGYTHIVEVTFESVETIQDYIIHPA
HVGFGDVYRSFWEKLLIFDYTPRK
;
_entity_poly.pdbx_seq_one_letter_code_can   
;GPGMAVKQLIVLKFKDEITEAQKEEFFKTYVNLVNIIPAMKDVYWGKDVTQKNKEEGYTHIVEVTFESVETIQDYIIHPA
HVGFGDVYRSFWEKLLIFDYTPRK
;
_entity_poly.pdbx_strand_id                 A,B 
_entity_poly.pdbx_target_identifier         ? 
# 
loop_
_entity_poly_seq.entity_id 
_entity_poly_seq.num 
_entity_poly_seq.mon_id 
_entity_poly_seq.hetero 
1 1   GLY n 
1 2   PRO n 
1 3   GLY n 
1 4   MET n 
1 5   ALA n 
1 6   VAL n 
1 7   LYS n 
1 8   GLN n 
1 9   LEU n 
1 10  ILE n 
1 11  VAL n 
1 12  LEU n 
1 13  LYS n 
1 14  PHE n 
1 15  LYS n 
1 16  ASP n 
1 17  GLU n 
1 18  ILE n 
1 19  THR n 
1 20  GLU n 
1 21  ALA n 
1 22  GLN n 
1 23  LYS n 
1 24  GLU n 
1 25  GLU n 
1 26  PHE n 
1 27  PHE n 
1 28  LYS n 
1 29  THR n 
1 30  TYR n 
1 31  VAL n 
1 32  ASN n 
1 33  LEU n 
1 34  VAL n 
1 35  ASN n 
1 36  ILE n 
1 37  ILE n 
1 38  PRO n 
1 39  ALA n 
1 40  MET n 
1 41  LYS n 
1 42  ASP n 
1 43  VAL n 
1 44  TYR n 
1 45  TRP n 
1 46  GLY n 
1 47  LYS n 
1 48  ASP n 
1 49  VAL n 
1 50  THR n 
1 51  GLN n 
1 52  LYS n 
1 53  ASN n 
1 54  LYS n 
1 55  GLU n 
1 56  GLU n 
1 57  GLY n 
1 58  TYR n 
1 59  THR n 
1 60  HIS n 
1 61  ILE n 
1 62  VAL n 
1 63  GLU n 
1 64  VAL n 
1 65  THR n 
1 66  PHE n 
1 67  GLU n 
1 68  SER n 
1 69  VAL n 
1 70  GLU n 
1 71  THR n 
1 72  ILE n 
1 73  GLN n 
1 74  ASP n 
1 75  TYR n 
1 76  ILE n 
1 77  ILE n 
1 78  HIS n 
1 79  PRO n 
1 80  ALA n 
1 81  HIS n 
1 82  VAL n 
1 83  GLY n 
1 84  PHE n 
1 85  GLY n 
1 86  ASP n 
1 87  VAL n 
1 88  TYR n 
1 89  ARG n 
1 90  SER n 
1 91  PHE n 
1 92  TRP n 
1 93  GLU n 
1 94  LYS n 
1 95  LEU n 
1 96  LEU n 
1 97  ILE n 
1 98  PHE n 
1 99  ASP n 
1 100 TYR n 
1 101 THR n 
1 102 PRO n 
1 103 ARG n 
1 104 LYS n 
# 
_entity_src_gen.entity_id                          1 
_entity_src_gen.pdbx_src_id                        1 
_entity_src_gen.pdbx_alt_source_flag               sample 
_entity_src_gen.pdbx_seq_type                      'Biological sequence' 
_entity_src_gen.pdbx_beg_seq_num                   1 
_entity_src_gen.pdbx_end_seq_num                   104 
_entity_src_gen.gene_src_common_name               Hemp 
_entity_src_gen.gene_src_genus                     ? 
_entity_src_gen.pdbx_gene_src_gene                 OAC 
_entity_src_gen.gene_src_species                   ? 
_entity_src_gen.gene_src_strain                    ? 
_entity_src_gen.gene_src_tissue                    ? 
_entity_src_gen.gene_src_tissue_fraction           ? 
_entity_src_gen.gene_src_details                   ? 
_entity_src_gen.pdbx_gene_src_fragment             ? 
_entity_src_gen.pdbx_gene_src_scientific_name      'Cannabis sativa' 
_entity_src_gen.pdbx_gene_src_ncbi_taxonomy_id     3483 
_entity_src_gen.pdbx_gene_src_variant              ? 
_entity_src_gen.pdbx_gene_src_cell_line            ? 
_entity_src_gen.pdbx_gene_src_atcc                 ? 
_entity_src_gen.pdbx_gene_src_organ                ? 
_entity_src_gen.pdbx_gene_src_organelle            ? 
_entity_src_gen.pdbx_gene_src_cell                 ? 
_entity_src_gen.pdbx_gene_src_cellular_location    ? 
_entity_src_gen.host_org_common_name               ? 
_entity_src_gen.pdbx_host_org_scientific_name      'Escherichia coli' 
_entity_src_gen.pdbx_host_org_ncbi_taxonomy_id     562 
_entity_src_gen.host_org_genus                     ? 
_entity_src_gen.pdbx_host_org_gene                 ? 
_entity_src_gen.pdbx_host_org_organ                ? 
_entity_src_gen.host_org_species                   ? 
_entity_src_gen.pdbx_host_org_tissue               ? 
_entity_src_gen.pdbx_host_org_tissue_fraction      ? 
_entity_src_gen.pdbx_host_org_strain               M15 
_entity_src_gen.pdbx_host_org_variant              ? 
_entity_src_gen.pdbx_host_org_cell_line            ? 
_entity_src_gen.pdbx_host_org_atcc                 ? 
_entity_src_gen.pdbx_host_org_culture_collection   ? 
_entity_src_gen.pdbx_host_org_cell                 ? 
_entity_src_gen.pdbx_host_org_organelle            ? 
_entity_src_gen.pdbx_host_org_cellular_location    ? 
_entity_src_gen.pdbx_host_org_vector_type          plasmid 
_entity_src_gen.pdbx_host_org_vector               ? 
_entity_src_gen.host_org_details                   ? 
_entity_src_gen.expression_system_id               ? 
_entity_src_gen.plasmid_name                       pQE-80L 
_entity_src_gen.plasmid_details                    ? 
_entity_src_gen.pdbx_description                   ? 
# 
_struct_ref.id                         1 
_struct_ref.db_name                    UNP 
_struct_ref.db_code                    OLIAC_CANSA 
_struct_ref.pdbx_db_accession          I6WU39 
_struct_ref.pdbx_db_isoform            ? 
_struct_ref.entity_id                  1 
_struct_ref.pdbx_seq_one_letter_code   
;MAVKHLIVLKFKDEITEAQKEEFFKTYVNLVNIIPAMKDVYWGKDVTQKNKEEGYTHIVEVTFESVETIQDYIIHPAHVG
FGDVYRSFWEKLLIFDYTPRK
;
_struct_ref.pdbx_align_begin           1 
# 
loop_
_struct_ref_seq.align_id 
_struct_ref_seq.ref_id 
_struct_ref_seq.pdbx_PDB_id_code 
_struct_ref_seq.pdbx_strand_id 
_struct_ref_seq.seq_align_beg 
_struct_ref_seq.pdbx_seq_align_beg_ins_code 
_struct_ref_seq.seq_align_end 
_struct_ref_seq.pdbx_seq_align_end_ins_code 
_struct_ref_seq.pdbx_db_accession 
_struct_ref_seq.db_align_beg 
_struct_ref_seq.pdbx_db_align_beg_ins_code 
_struct_ref_seq.db_align_end 
_struct_ref_seq.pdbx_db_align_end_ins_code 
_struct_ref_seq.pdbx_auth_seq_align_beg 
_struct_ref_seq.pdbx_auth_seq_align_end 
1 1 5B0A A 4 ? 104 ? I6WU39 1 ? 101 ? 1 101 
2 1 5B0A B 4 ? 104 ? I6WU39 1 ? 101 ? 1 101 
# 
loop_
_struct_ref_seq_dif.align_id 
_struct_ref_seq_dif.pdbx_pdb_id_code 
_struct_ref_seq_dif.mon_id 
_struct_ref_seq_dif.pdbx_pdb_strand_id 
_struct_ref_seq_dif.seq_num 
_struct_ref_seq_dif.pdbx_pdb_ins_code 
_struct_ref_seq_dif.pdbx_seq_db_name 
_struct_ref_seq_dif.pdbx_seq_db_accession_code 
_struct_ref_seq_dif.db_mon_id 
_struct_ref_seq_dif.pdbx_seq_db_seq_num 
_struct_ref_seq_dif.details 
_struct_ref_seq_dif.pdbx_auth_seq_num 
_struct_ref_seq_dif.pdbx_ordinal 
1 5B0A GLY A 1 ? UNP I6WU39 ?   ? 'expression tag'      -2 1 
1 5B0A PRO A 2 ? UNP I6WU39 ?   ? 'expression tag'      -1 2 
1 5B0A GLY A 3 ? UNP I6WU39 ?   ? 'expression tag'      0  3 
1 5B0A GLN A 8 ? UNP I6WU39 HIS 5 'engineered mutation' 5  4 
2 5B0A GLY B 1 ? UNP I6WU39 ?   ? 'expression tag'      -2 5 
2 5B0A PRO B 2 ? UNP I6WU39 ?   ? 'expression tag'      -1 6 
2 5B0A GLY B 3 ? UNP I6WU39 ?   ? 'expression tag'      0  7 
2 5B0A GLN B 8 ? UNP I6WU39 HIS 5 'engineered mutation' 5  8 
# 
loop_
_chem_comp.id 
_chem_comp.type 
_chem_comp.mon_nstd_flag 
_chem_comp.name 
_chem_comp.pdbx_synonyms 
_chem_comp.formula 
_chem_comp.formula_weight 
ALA 'L-peptide linking' y ALANINE         ? 'C3 H7 N O2'     89.093  
ARG 'L-peptide linking' y ARGININE        ? 'C6 H15 N4 O2 1' 175.209 
ASN 'L-peptide linking' y ASPARAGINE      ? 'C4 H8 N2 O3'    132.118 
ASP 'L-peptide linking' y 'ASPARTIC ACID' ? 'C4 H7 N O4'     133.103 
GLN 'L-peptide linking' y GLUTAMINE       ? 'C5 H10 N2 O3'   146.144 
GLU 'L-peptide linking' y 'GLUTAMIC ACID' ? 'C5 H9 N O4'     147.129 
GLY 'peptide linking'   y GLYCINE         ? 'C2 H5 N O2'     75.067  
HIS 'L-peptide linking' y HISTIDINE       ? 'C6 H10 N3 O2 1' 156.162 
HOH non-polymer         . WATER           ? 'H2 O'           18.015  
ILE 'L-peptide linking' y ISOLEUCINE      ? 'C6 H13 N O2'    131.173 
LEU 'L-peptide linking' y LEUCINE         ? 'C6 H13 N O2'    131.173 
LYS 'L-peptide linking' y LYSINE          ? 'C6 H15 N2 O2 1' 147.195 
MET 'L-peptide linking' y METHIONINE      ? 'C5 H11 N O2 S'  149.211 
PHE 'L-peptide linking' y PHENYLALANINE   ? 'C9 H11 N O2'    165.189 
PRO 'L-peptide linking' y PROLINE         ? 'C5 H9 N O2'     115.130 
SER 'L-peptide linking' y SERINE          ? 'C3 H7 N O3'     105.093 
THR 'L-peptide linking' y THREONINE       ? 'C4 H9 N O3'     119.119 
TRP 'L-peptide linking' y TRYPTOPHAN      ? 'C11 H12 N2 O2'  204.225 
TYR 'L-peptide linking' y TYROSINE        ? 'C9 H11 N O3'    181.189 
VAL 'L-peptide linking' y VALINE          ? 'C5 H11 N O2'    117.146 
# 
_exptl.absorpt_coefficient_mu     ? 
_exptl.absorpt_correction_T_max   ? 
_exptl.absorpt_correction_T_min   ? 
_exptl.absorpt_correction_type    ? 
_exptl.absorpt_process_details    ? 
_exptl.entry_id                   5B0A 
_exptl.crystals_number            1 
_exptl.details                    ? 
_exptl.method                     'X-RAY DIFFRACTION' 
_exptl.method_details             ? 
# 
_exptl_crystal.colour                      ? 
_exptl_crystal.density_diffrn              ? 
_exptl_crystal.density_Matthews            1.86 
_exptl_crystal.density_method              ? 
_exptl_crystal.density_percent_sol         33.97 
_exptl_crystal.description                 ? 
_exptl_crystal.F_000                       ? 
_exptl_crystal.id                          1 
_exptl_crystal.preparation                 ? 
_exptl_crystal.size_max                    ? 
_exptl_crystal.size_mid                    ? 
_exptl_crystal.size_min                    ? 
_exptl_crystal.size_rad                    ? 
_exptl_crystal.colour_lustre               ? 
_exptl_crystal.colour_modifier             ? 
_exptl_crystal.colour_primary              ? 
_exptl_crystal.density_meas                ? 
_exptl_crystal.density_meas_esd            ? 
_exptl_crystal.density_meas_gt             ? 
_exptl_crystal.density_meas_lt             ? 
_exptl_crystal.density_meas_temp           ? 
_exptl_crystal.density_meas_temp_esd       ? 
_exptl_crystal.density_meas_temp_gt        ? 
_exptl_crystal.density_meas_temp_lt        ? 
_exptl_crystal.pdbx_crystal_image_url      ? 
_exptl_crystal.pdbx_crystal_image_format   ? 
_exptl_crystal.pdbx_mosaicity              ? 
_exptl_crystal.pdbx_mosaicity_esd          ? 
# 
_exptl_crystal_grow.apparatus       ? 
_exptl_crystal_grow.atmosphere      ? 
_exptl_crystal_grow.crystal_id      1 
_exptl_crystal_grow.details         ? 
_exptl_crystal_grow.method          'VAPOR DIFFUSION, SITTING DROP' 
_exptl_crystal_grow.method_ref      ? 
_exptl_crystal_grow.pH              ? 
_exptl_crystal_grow.pressure        ? 
_exptl_crystal_grow.pressure_esd    ? 
_exptl_crystal_grow.seeding         ? 
_exptl_crystal_grow.seeding_ref     ? 
_exptl_crystal_grow.temp            278 
_exptl_crystal_grow.temp_details    ? 
_exptl_crystal_grow.temp_esd        ? 
_exptl_crystal_grow.time            ? 
_exptl_crystal_grow.pdbx_details    '100mM Sodium acetate, 25%(w/v) PEG4000, 8%(v/v) isopropanol' 
_exptl_crystal_grow.pdbx_pH_range   ? 
# 
_diffrn.ambient_environment    ? 
_diffrn.ambient_temp           100 
_diffrn.ambient_temp_details   ? 
_diffrn.ambient_temp_esd       ? 
_diffrn.crystal_id             1 
_diffrn.crystal_support        ? 
_diffrn.crystal_treatment      ? 
_diffrn.details                ? 
_diffrn.id                     1 
_diffrn.ambient_pressure       ? 
_diffrn.ambient_pressure_esd   ? 
_diffrn.ambient_pressure_gt    ? 
_diffrn.ambient_pressure_lt    ? 
_diffrn.ambient_temp_gt        ? 
_diffrn.ambient_temp_lt        ? 
# 
_diffrn_detector.details                      ? 
_diffrn_detector.detector                     'IMAGE PLATE' 
_diffrn_detector.diffrn_id                    1 
_diffrn_detector.type                         'RIGAKU RAXIS VII' 
_diffrn_detector.area_resol_mean              ? 
_diffrn_detector.dtime                        ? 
_diffrn_detector.pdbx_frames_total            ? 
_diffrn_detector.pdbx_collection_time_total   ? 
_diffrn_detector.pdbx_collection_date         2015-09-17 
# 
_diffrn_radiation.collimation                      ? 
_diffrn_radiation.diffrn_id                        1 
_diffrn_radiation.filter_edge                      ? 
_diffrn_radiation.inhomogeneity                    ? 
_diffrn_radiation.monochromator                    ? 
_diffrn_radiation.polarisn_norm                    ? 
_diffrn_radiation.polarisn_ratio                   ? 
_diffrn_radiation.probe                            ? 
_diffrn_radiation.type                             ? 
_diffrn_radiation.xray_symbol                      ? 
_diffrn_radiation.wavelength_id                    1 
_diffrn_radiation.pdbx_monochromatic_or_laue_m_l   M 
_diffrn_radiation.pdbx_wavelength_list             ? 
_diffrn_radiation.pdbx_wavelength                  ? 
_diffrn_radiation.pdbx_diffrn_protocol             'SINGLE WAVELENGTH' 
_diffrn_radiation.pdbx_analyzer                    ? 
_diffrn_radiation.pdbx_scattering_type             x-ray 
# 
_diffrn_radiation_wavelength.id           1 
_diffrn_radiation_wavelength.wavelength   1.5418 
_diffrn_radiation_wavelength.wt           1.0 
# 
_diffrn_source.current                     ? 
_diffrn_source.details                     ? 
_diffrn_source.diffrn_id                   1 
_diffrn_source.power                       ? 
_diffrn_source.size                        ? 
_diffrn_source.source                      'ROTATING ANODE' 
_diffrn_source.target                      ? 
_diffrn_source.type                        'RIGAKU MICROMAX-007 HF' 
_diffrn_source.voltage                     ? 
_diffrn_source.take-off_angle              ? 
_diffrn_source.pdbx_wavelength_list        1.5418 
_diffrn_source.pdbx_wavelength             ? 
_diffrn_source.pdbx_synchrotron_beamline   ? 
_diffrn_source.pdbx_synchrotron_site       ? 
# 
_reflns.B_iso_Wilson_estimate            ? 
_reflns.entry_id                         5B0A 
_reflns.data_reduction_details           ? 
_reflns.data_reduction_method            ? 
_reflns.d_resolution_high                2.10 
_reflns.d_resolution_low                 50 
_reflns.details                          ? 
_reflns.limit_h_max                      ? 
_reflns.limit_h_min                      ? 
_reflns.limit_k_max                      ? 
_reflns.limit_k_min                      ? 
_reflns.limit_l_max                      ? 
_reflns.limit_l_min                      ? 
_reflns.number_all                       ? 
_reflns.number_obs                       10898 
_reflns.observed_criterion               ? 
_reflns.observed_criterion_F_max         ? 
_reflns.observed_criterion_F_min         ? 
_reflns.observed_criterion_I_max         ? 
_reflns.observed_criterion_I_min         ? 
_reflns.observed_criterion_sigma_F       ? 
_reflns.observed_criterion_sigma_I       ? 
_reflns.percent_possible_obs             95.8 
_reflns.R_free_details                   ? 
_reflns.Rmerge_F_all                     ? 
_reflns.Rmerge_F_obs                     ? 
_reflns.Friedel_coverage                 ? 
_reflns.number_gt                        ? 
_reflns.threshold_expression             ? 
_reflns.pdbx_redundancy                  3.5 
_reflns.pdbx_Rmerge_I_obs                0.024 
_reflns.pdbx_Rmerge_I_all                ? 
_reflns.pdbx_Rsym_value                  ? 
_reflns.pdbx_netI_over_av_sigmaI         ? 
_reflns.pdbx_netI_over_sigmaI            31.9 
_reflns.pdbx_res_netI_over_av_sigmaI_2   ? 
_reflns.pdbx_res_netI_over_sigmaI_2      ? 
_reflns.pdbx_chi_squared                 ? 
_reflns.pdbx_scaling_rejects             ? 
_reflns.pdbx_d_res_high_opt              ? 
_reflns.pdbx_d_res_low_opt               ? 
_reflns.pdbx_d_res_opt_method            ? 
_reflns.phase_calculation_details        ? 
_reflns.pdbx_Rrim_I_all                  ? 
_reflns.pdbx_Rpim_I_all                  ? 
_reflns.pdbx_d_opt                       ? 
_reflns.pdbx_number_measured_all         ? 
_reflns.pdbx_diffrn_id                   1 
_reflns.pdbx_ordinal                     1 
_reflns.pdbx_CC_half                     ? 
_reflns.pdbx_R_split                     ? 
# 
_reflns_shell.d_res_high                  2.1 
_reflns_shell.d_res_low                   2.22 
_reflns_shell.meanI_over_sigI_all         ? 
_reflns_shell.meanI_over_sigI_obs         13 
_reflns_shell.number_measured_all         ? 
_reflns_shell.number_measured_obs         ? 
_reflns_shell.number_possible             ? 
_reflns_shell.number_unique_all           ? 
_reflns_shell.number_unique_obs           ? 
_reflns_shell.percent_possible_all        91.2 
_reflns_shell.percent_possible_obs        ? 
_reflns_shell.Rmerge_F_all                ? 
_reflns_shell.Rmerge_F_obs                ? 
_reflns_shell.Rmerge_I_all                ? 
_reflns_shell.Rmerge_I_obs                0.099 
_reflns_shell.meanI_over_sigI_gt          ? 
_reflns_shell.meanI_over_uI_all           ? 
_reflns_shell.meanI_over_uI_gt            ? 
_reflns_shell.number_measured_gt          ? 
_reflns_shell.number_unique_gt            ? 
_reflns_shell.percent_possible_gt         ? 
_reflns_shell.Rmerge_F_gt                 ? 
_reflns_shell.Rmerge_I_gt                 ? 
_reflns_shell.pdbx_redundancy             3.3 
_reflns_shell.pdbx_Rsym_value             ? 
_reflns_shell.pdbx_chi_squared            ? 
_reflns_shell.pdbx_netI_over_sigmaI_all   ? 
_reflns_shell.pdbx_netI_over_sigmaI_obs   ? 
_reflns_shell.pdbx_Rrim_I_all             ? 
_reflns_shell.pdbx_Rpim_I_all             ? 
_reflns_shell.pdbx_rejects                ? 
_reflns_shell.pdbx_ordinal                1 
_reflns_shell.pdbx_diffrn_id              1 
_reflns_shell.pdbx_CC_half                ? 
_reflns_shell.pdbx_R_split                ? 
# 
_refine.aniso_B[1][1]                            ? 
_refine.aniso_B[1][2]                            ? 
_refine.aniso_B[1][3]                            ? 
_refine.aniso_B[2][2]                            ? 
_refine.aniso_B[2][3]                            ? 
_refine.aniso_B[3][3]                            ? 
_refine.B_iso_max                                73.310 
_refine.B_iso_mean                               27.8493 
_refine.B_iso_min                                13.020 
_refine.correlation_coeff_Fo_to_Fc               ? 
_refine.correlation_coeff_Fo_to_Fc_free          ? 
_refine.details                                  ? 
_refine.diff_density_max                         ? 
_refine.diff_density_max_esd                     ? 
_refine.diff_density_min                         ? 
_refine.diff_density_min_esd                     ? 
_refine.diff_density_rms                         ? 
_refine.diff_density_rms_esd                     ? 
_refine.entry_id                                 5B0A 
_refine.pdbx_refine_id                           'X-RAY DIFFRACTION' 
_refine.ls_abs_structure_details                 ? 
_refine.ls_abs_structure_Flack                   ? 
_refine.ls_abs_structure_Flack_esd               ? 
_refine.ls_abs_structure_Rogers                  ? 
_refine.ls_abs_structure_Rogers_esd              ? 
_refine.ls_d_res_high                            2.10 
_refine.ls_d_res_low                             34.6540 
_refine.ls_extinction_coef                       ? 
_refine.ls_extinction_coef_esd                   ? 
_refine.ls_extinction_expression                 ? 
_refine.ls_extinction_method                     ? 
_refine.ls_goodness_of_fit_all                   ? 
_refine.ls_goodness_of_fit_all_esd               ? 
_refine.ls_goodness_of_fit_obs                   ? 
_refine.ls_goodness_of_fit_obs_esd               ? 
_refine.ls_hydrogen_treatment                    ? 
_refine.ls_matrix_type                           ? 
_refine.ls_number_constraints                    ? 
_refine.ls_number_parameters                     ? 
_refine.ls_number_reflns_all                     ? 
_refine.ls_number_reflns_obs                     10406 
_refine.ls_number_reflns_R_free                  521 
_refine.ls_number_reflns_R_work                  9885 
_refine.ls_number_restraints                     ? 
_refine.ls_percent_reflns_obs                    95.5000 
_refine.ls_percent_reflns_R_free                 5.0100 
_refine.ls_R_factor_all                          ? 
_refine.ls_R_factor_obs                          0.2247 
_refine.ls_R_factor_R_free                       0.2739 
_refine.ls_R_factor_R_free_error                 ? 
_refine.ls_R_factor_R_free_error_details         ? 
_refine.ls_R_factor_R_work                       0.2221 
_refine.ls_R_Fsqd_factor_obs                     ? 
_refine.ls_R_I_factor_obs                        ? 
_refine.ls_redundancy_reflns_all                 ? 
_refine.ls_redundancy_reflns_obs                 ? 
_refine.ls_restrained_S_all                      ? 
_refine.ls_restrained_S_obs                      ? 
_refine.ls_shift_over_esd_max                    ? 
_refine.ls_shift_over_esd_mean                   ? 
_refine.ls_structure_factor_coef                 ? 
_refine.ls_weighting_details                     ? 
_refine.ls_weighting_scheme                      ? 
_refine.ls_wR_factor_all                         ? 
_refine.ls_wR_factor_obs                         ? 
_refine.ls_wR_factor_R_free                      ? 
_refine.ls_wR_factor_R_work                      ? 
_refine.occupancy_max                            ? 
_refine.occupancy_min                            ? 
_refine.solvent_model_details                    'FLAT BULK SOLVENT MODEL' 
_refine.solvent_model_param_bsol                 ? 
_refine.solvent_model_param_ksol                 ? 
_refine.ls_R_factor_gt                           ? 
_refine.ls_goodness_of_fit_gt                    ? 
_refine.ls_goodness_of_fit_ref                   ? 
_refine.ls_shift_over_su_max                     ? 
_refine.ls_shift_over_su_max_lt                  ? 
_refine.ls_shift_over_su_mean                    ? 
_refine.ls_shift_over_su_mean_lt                 ? 
_refine.pdbx_ls_sigma_I                          ? 
_refine.pdbx_ls_sigma_F                          1.370 
_refine.pdbx_ls_sigma_Fsqd                       ? 
_refine.pdbx_data_cutoff_high_absF               ? 
_refine.pdbx_data_cutoff_high_rms_absF           ? 
_refine.pdbx_data_cutoff_low_absF                ? 
_refine.pdbx_isotropic_thermal_model             ? 
_refine.pdbx_ls_cross_valid_method               'FREE R-VALUE' 
_refine.pdbx_method_to_determine_struct          'MOLECULAR REPLACEMENT' 
_refine.pdbx_starting_model                      5B08 
_refine.pdbx_stereochemistry_target_values       ML 
_refine.pdbx_R_Free_selection_details            'Random selection' 
_refine.pdbx_stereochem_target_val_spec_case     ? 
_refine.pdbx_overall_ESU_R                       ? 
_refine.pdbx_overall_ESU_R_Free                  ? 
_refine.pdbx_solvent_vdw_probe_radii             1.1100 
_refine.pdbx_solvent_ion_probe_radii             ? 
_refine.pdbx_solvent_shrinkage_radii             0.9000 
_refine.pdbx_real_space_R                        ? 
_refine.pdbx_density_correlation                 ? 
_refine.pdbx_pd_number_of_powder_patterns        ? 
_refine.pdbx_pd_number_of_points                 ? 
_refine.pdbx_pd_meas_number_of_points            ? 
_refine.pdbx_pd_proc_ls_prof_R_factor            ? 
_refine.pdbx_pd_proc_ls_prof_wR_factor           ? 
_refine.pdbx_pd_Marquardt_correlation_coeff      ? 
_refine.pdbx_pd_Fsqrd_R_factor                   ? 
_refine.pdbx_pd_ls_matrix_band_width             ? 
_refine.pdbx_overall_phase_error                 32.4900 
_refine.pdbx_overall_SU_R_free_Cruickshank_DPI   ? 
_refine.pdbx_overall_SU_R_free_Blow_DPI          ? 
_refine.pdbx_overall_SU_R_Blow_DPI               ? 
_refine.pdbx_TLS_residual_ADP_flag               ? 
_refine.pdbx_diffrn_id                           1 
_refine.overall_SU_B                             ? 
_refine.overall_SU_ML                            0.2300 
_refine.overall_SU_R_Cruickshank_DPI             ? 
_refine.overall_SU_R_free                        ? 
_refine.overall_FOM_free_R_set                   ? 
_refine.overall_FOM_work_R_set                   ? 
_refine.pdbx_average_fsc_overall                 ? 
_refine.pdbx_average_fsc_work                    ? 
_refine.pdbx_average_fsc_free                    ? 
# 
_refine_hist.cycle_id                         final 
_refine_hist.pdbx_refine_id                   'X-RAY DIFFRACTION' 
_refine_hist.d_res_high                       2.10 
_refine_hist.d_res_low                        34.6540 
_refine_hist.pdbx_number_atoms_ligand         0 
_refine_hist.number_atoms_solvent             51 
_refine_hist.number_atoms_total               1655 
_refine_hist.pdbx_number_residues_total       190 
_refine_hist.pdbx_B_iso_mean_solvent          28.00 
_refine_hist.pdbx_number_atoms_protein        1604 
_refine_hist.pdbx_number_atoms_nucleic_acid   0 
# 
loop_
_refine_ls_restr.pdbx_refine_id 
_refine_ls_restr.criterion 
_refine_ls_restr.dev_ideal 
_refine_ls_restr.dev_ideal_target 
_refine_ls_restr.number 
_refine_ls_restr.rejects 
_refine_ls_restr.type 
_refine_ls_restr.weight 
_refine_ls_restr.pdbx_restraint_function 
'X-RAY DIFFRACTION' ? 0.011  ? 1645 ? f_bond_d           ? ? 
'X-RAY DIFFRACTION' ? 1.123  ? 2224 ? f_angle_d          ? ? 
'X-RAY DIFFRACTION' ? 0.070  ? 244  ? f_chiral_restr     ? ? 
'X-RAY DIFFRACTION' ? 0.007  ? 274  ? f_plane_restr      ? ? 
'X-RAY DIFFRACTION' ? 17.731 ? 596  ? f_dihedral_angle_d ? ? 
# 
loop_
_refine_ls_shell.pdbx_refine_id 
_refine_ls_shell.d_res_high 
_refine_ls_shell.d_res_low 
_refine_ls_shell.number_reflns_all 
_refine_ls_shell.number_reflns_obs 
_refine_ls_shell.number_reflns_R_free 
_refine_ls_shell.number_reflns_R_work 
_refine_ls_shell.percent_reflns_obs 
_refine_ls_shell.percent_reflns_R_free 
_refine_ls_shell.R_factor_all 
_refine_ls_shell.R_factor_obs 
_refine_ls_shell.R_factor_R_free 
_refine_ls_shell.R_factor_R_free_error 
_refine_ls_shell.R_factor_R_work 
_refine_ls_shell.redundancy_reflns_all 
_refine_ls_shell.redundancy_reflns_obs 
_refine_ls_shell.wR_factor_all 
_refine_ls_shell.wR_factor_obs 
_refine_ls_shell.wR_factor_R_free 
_refine_ls_shell.wR_factor_R_work 
_refine_ls_shell.pdbx_total_number_of_bins_used 
_refine_ls_shell.pdbx_phase_error 
_refine_ls_shell.pdbx_fsc_work 
_refine_ls_shell.pdbx_fsc_free 
'X-RAY DIFFRACTION' 2.0957 2.3066  2478 . 124 2354 92.0000 . . . 0.3210 . 0.2449 . . . . . . 4 . . . 
'X-RAY DIFFRACTION' 2.3066 2.6402  2603 . 130 2473 96.0000 . . . 0.3279 . 0.2537 . . . . . . 4 . . . 
'X-RAY DIFFRACTION' 2.6402 3.3260  2616 . 131 2485 97.0000 . . . 0.2906 . 0.2361 . . . . . . 4 . . . 
'X-RAY DIFFRACTION' 3.3260 34.6587 2709 . 136 2573 97.0000 . . . 0.2299 . 0.1961 . . . . . . 4 . . . 
# 
_struct.entry_id                     5B0A 
_struct.title                        'Polyketide cyclase OAC from Cannabis sativa, H5Q mutant' 
_struct.pdbx_model_details           ? 
_struct.pdbx_formula_weight          ? 
_struct.pdbx_formula_weight_method   ? 
_struct.pdbx_model_type_details      ? 
_struct.pdbx_CASP_flag               ? 
# 
_struct_keywords.entry_id        5B0A 
_struct_keywords.text            'Cannabis sativa, plant polyketide cyclase, LYASE' 
_struct_keywords.pdbx_keywords   LYASE 
# 
loop_
_struct_asym.id 
_struct_asym.pdbx_blank_PDB_chainid_flag 
_struct_asym.pdbx_modified 
_struct_asym.entity_id 
_struct_asym.details 
A N N 1 ? 
B N N 1 ? 
C N N 2 ? 
D N N 2 ? 
# 
loop_
_struct_conf.conf_type_id 
_struct_conf.id 
_struct_conf.pdbx_PDB_helix_id 
_struct_conf.beg_label_comp_id 
_struct_conf.beg_label_asym_id 
_struct_conf.beg_label_seq_id 
_struct_conf.pdbx_beg_PDB_ins_code 
_struct_conf.end_label_comp_id 
_struct_conf.end_label_asym_id 
_struct_conf.end_label_seq_id 
_struct_conf.pdbx_end_PDB_ins_code 
_struct_conf.beg_auth_comp_id 
_struct_conf.beg_auth_asym_id 
_struct_conf.beg_auth_seq_id 
_struct_conf.end_auth_comp_id 
_struct_conf.end_auth_asym_id 
_struct_conf.end_auth_seq_id 
_struct_conf.pdbx_PDB_helix_class 
_struct_conf.details 
_struct_conf.pdbx_PDB_helix_length 
HELX_P HELX_P1 AA1 THR A 19 ? ILE A 37 ? THR A 16 ILE A 34 1 ? 19 
HELX_P HELX_P2 AA2 GLU A 70 ? HIS A 78 ? GLU A 67 HIS A 75 1 ? 9  
HELX_P HELX_P3 AA3 HIS A 78 ? ARG A 89 ? HIS A 75 ARG A 86 1 ? 12 
HELX_P HELX_P4 AA4 THR B 19 ? LEU B 33 ? THR B 16 LEU B 30 1 ? 15 
HELX_P HELX_P5 AA5 VAL B 34 ? ILE B 36 ? VAL B 31 ILE B 33 5 ? 3  
HELX_P HELX_P6 AA6 GLN B 73 ? ILE B 77 ? GLN B 70 ILE B 74 1 ? 5  
HELX_P HELX_P7 AA7 HIS B 78 ? ARG B 89 ? HIS B 75 ARG B 86 1 ? 12 
# 
_struct_conf_type.id          HELX_P 
_struct_conf_type.criteria    ? 
_struct_conf_type.reference   ? 
# 
loop_
_struct_sheet.id 
_struct_sheet.type 
_struct_sheet.number_strands 
_struct_sheet.details 
AA1 ? 4 ? 
AA2 ? 4 ? 
# 
loop_
_struct_sheet_order.sheet_id 
_struct_sheet_order.range_id_1 
_struct_sheet_order.range_id_2 
_struct_sheet_order.offset 
_struct_sheet_order.sense 
AA1 1 2 ? anti-parallel 
AA1 2 3 ? anti-parallel 
AA1 3 4 ? anti-parallel 
AA2 1 2 ? anti-parallel 
AA2 2 3 ? anti-parallel 
AA2 3 4 ? anti-parallel 
# 
loop_
_struct_sheet_range.sheet_id 
_struct_sheet_range.id 
_struct_sheet_range.beg_label_comp_id 
_struct_sheet_range.beg_label_asym_id 
_struct_sheet_range.beg_label_seq_id 
_struct_sheet_range.pdbx_beg_PDB_ins_code 
_struct_sheet_range.end_label_comp_id 
_struct_sheet_range.end_label_asym_id 
_struct_sheet_range.end_label_seq_id 
_struct_sheet_range.pdbx_end_PDB_ins_code 
_struct_sheet_range.beg_auth_comp_id 
_struct_sheet_range.beg_auth_asym_id 
_struct_sheet_range.beg_auth_seq_id 
_struct_sheet_range.end_auth_comp_id 
_struct_sheet_range.end_auth_asym_id 
_struct_sheet_range.end_auth_seq_id 
AA1 1 ASP A 42 ? LYS A 47  ? ASP A 39 LYS A 44 
AA1 2 HIS A 60 ? PHE A 66  ? HIS A 57 PHE A 63 
AA1 3 VAL A 6  ? PHE A 14  ? VAL A 3  PHE A 11 
AA1 4 TRP A 92 ? TYR A 100 ? TRP A 89 TYR A 97 
AA2 1 ASP B 42 ? LYS B 47  ? ASP B 39 LYS B 44 
AA2 2 HIS B 60 ? PHE B 66  ? HIS B 57 PHE B 63 
AA2 3 VAL B 6  ? PHE B 14  ? VAL B 3  PHE B 11 
AA2 4 TRP B 92 ? TYR B 100 ? TRP B 89 TYR B 97 
# 
loop_
_pdbx_struct_sheet_hbond.sheet_id 
_pdbx_struct_sheet_hbond.range_id_1 
_pdbx_struct_sheet_hbond.range_id_2 
_pdbx_struct_sheet_hbond.range_1_label_atom_id 
_pdbx_struct_sheet_hbond.range_1_label_comp_id 
_pdbx_struct_sheet_hbond.range_1_label_asym_id 
_pdbx_struct_sheet_hbond.range_1_label_seq_id 
_pdbx_struct_sheet_hbond.range_1_PDB_ins_code 
_pdbx_struct_sheet_hbond.range_1_auth_atom_id 
_pdbx_struct_sheet_hbond.range_1_auth_comp_id 
_pdbx_struct_sheet_hbond.range_1_auth_asym_id 
_pdbx_struct_sheet_hbond.range_1_auth_seq_id 
_pdbx_struct_sheet_hbond.range_2_label_atom_id 
_pdbx_struct_sheet_hbond.range_2_label_comp_id 
_pdbx_struct_sheet_hbond.range_2_label_asym_id 
_pdbx_struct_sheet_hbond.range_2_label_seq_id 
_pdbx_struct_sheet_hbond.range_2_PDB_ins_code 
_pdbx_struct_sheet_hbond.range_2_auth_atom_id 
_pdbx_struct_sheet_hbond.range_2_auth_comp_id 
_pdbx_struct_sheet_hbond.range_2_auth_asym_id 
_pdbx_struct_sheet_hbond.range_2_auth_seq_id 
AA1 1 2 N TYR A 44 ? N TYR A 41 O GLU A 63  ? O GLU A 60 
AA1 2 3 O VAL A 64 ? O VAL A 61 N GLN A 8   ? N GLN A 5  
AA1 3 4 N LYS A 7  ? N LYS A 4  O TYR A 100 ? O TYR A 97 
AA2 1 2 N TYR B 44 ? N TYR B 41 O GLU B 63  ? O GLU B 60 
AA2 2 3 O PHE B 66 ? O PHE B 63 N VAL B 6   ? N VAL B 3  
AA2 3 4 N LEU B 9  ? N LEU B 6  O PHE B 98  ? O PHE B 95 
# 
_atom_sites.entry_id                    5B0A 
_atom_sites.fract_transf_matrix[1][1]   -0.01354127 
_atom_sites.fract_transf_matrix[1][2]   -0.01626360 
_atom_sites.fract_transf_matrix[1][3]   -0.01724465 
_atom_sites.fract_transf_matrix[2][1]   0.01596667 
_atom_sites.fract_transf_matrix[2][2]   -0.02601580 
_atom_sites.fract_transf_matrix[2][3]   0.01199802 
_atom_sites.fract_transf_matrix[3][1]   -0.00940368 
_atom_sites.fract_transf_matrix[3][2]   -0.00224859 
_atom_sites.fract_transf_matrix[3][3]   0.00763848 
_atom_sites.fract_transf_vector[1]      0.258679 
_atom_sites.fract_transf_vector[2]      -0.535323 
_atom_sites.fract_transf_vector[3]      0.253751 
# 
loop_
_atom_type.symbol 
C 
N 
O 
S 
# 
loop_
_atom_site.group_PDB 
_atom_site.id 
_atom_site.type_symbol 
_atom_site.label_atom_id 
_atom_site.label_alt_id 
_atom_site.label_comp_id 
_atom_site.label_asym_id 
_atom_site.label_entity_id 
_atom_site.label_seq_id 
_atom_site.pdbx_PDB_ins_code 
_atom_site.Cartn_x 
_atom_site.Cartn_y 
_atom_site.Cartn_z 
_atom_site.occupancy 
_atom_site.B_iso_or_equiv 
_atom_site.pdbx_formal_charge 
_atom_site.auth_seq_id 
_atom_site.auth_comp_id 
_atom_site.auth_asym_id 
_atom_site.auth_atom_id 
_atom_site.pdbx_PDB_model_num 
ATOM   1    N N   . ALA A 1 5   ? -2.179  -15.901 1.048   1.00 46.07 ?  2   ALA A N   1 
ATOM   2    C CA  . ALA A 1 5   ? -2.446  -14.859 2.043   1.00 46.77 ?  2   ALA A CA  1 
ATOM   3    C C   . ALA A 1 5   ? -3.028  -13.597 1.415   1.00 41.26 ?  2   ALA A C   1 
ATOM   4    O O   . ALA A 1 5   ? -2.660  -13.250 0.283   1.00 43.38 ?  2   ALA A O   1 
ATOM   5    C CB  . ALA A 1 5   ? -1.187  -14.498 2.762   1.00 47.71 ?  2   ALA A CB  1 
ATOM   6    N N   . VAL A 1 6   ? -3.890  -12.892 2.156   1.00 33.58 ?  3   VAL A N   1 
ATOM   7    C CA  . VAL A 1 6   ? -4.564  -11.698 1.656   1.00 32.26 ?  3   VAL A CA  1 
ATOM   8    C C   . VAL A 1 6   ? -4.158  -10.514 2.534   1.00 32.59 ?  3   VAL A C   1 
ATOM   9    O O   . VAL A 1 6   ? -4.029  -10.643 3.757   1.00 32.74 ?  3   VAL A O   1 
ATOM   10   C CB  . VAL A 1 6   ? -6.095  -11.877 1.608   1.00 31.14 ?  3   VAL A CB  1 
ATOM   11   C CG1 . VAL A 1 6   ? -6.783  -10.556 1.635   1.00 31.95 ?  3   VAL A CG1 1 
ATOM   12   C CG2 . VAL A 1 6   ? -6.491  -12.580 0.320   1.00 39.34 ?  3   VAL A CG2 1 
ATOM   13   N N   . LYS A 1 7   ? -3.868  -9.389  1.895   1.00 23.94 ?  4   LYS A N   1 
ATOM   14   C CA  . LYS A 1 7   ? -3.391  -8.207  2.596   1.00 24.84 ?  4   LYS A CA  1 
ATOM   15   C C   . LYS A 1 7   ? -4.413  -7.096  2.470   1.00 22.57 ?  4   LYS A C   1 
ATOM   16   O O   . LYS A 1 7   ? -5.155  -7.020  1.481   1.00 18.59 ?  4   LYS A O   1 
ATOM   17   C CB  . LYS A 1 7   ? -2.052  -7.705  2.053   1.00 25.04 ?  4   LYS A CB  1 
ATOM   18   C CG  . LYS A 1 7   ? -0.909  -8.564  2.489   1.00 27.14 ?  4   LYS A CG  1 
ATOM   19   C CD  . LYS A 1 7   ? 0.429   -7.949  2.169   1.00 29.61 ?  4   LYS A CD  1 
ATOM   20   C CE  . LYS A 1 7   ? 0.912   -7.060  3.316   1.00 30.55 ?  4   LYS A CE  1 
ATOM   21   N NZ  . LYS A 1 7   ? 2.086   -6.230  2.892   1.00 26.75 ?  4   LYS A NZ  1 
ATOM   22   N N   . GLN A 1 8   ? -4.465  -6.251  3.493   1.00 18.98 ?  5   GLN A N   1 
ATOM   23   C CA  . GLN A 1 8   ? -5.186  -4.995  3.404   1.00 18.52 ?  5   GLN A CA  1 
ATOM   24   C C   . GLN A 1 8   ? -4.193  -3.854  3.567   1.00 22.55 ?  5   GLN A C   1 
ATOM   25   O O   . GLN A 1 8   ? -3.402  -3.831  4.527   1.00 23.27 ?  5   GLN A O   1 
ATOM   26   C CB  . GLN A 1 8   ? -6.308  -4.893  4.434   1.00 20.25 ?  5   GLN A CB  1 
ATOM   27   C CG  . GLN A 1 8   ? -7.014  -3.571  4.358   1.00 18.96 ?  5   GLN A CG  1 
ATOM   28   C CD  . GLN A 1 8   ? -8.304  -3.532  5.158   1.00 21.90 ?  5   GLN A CD  1 
ATOM   29   O OE1 . GLN A 1 8   ? -8.354  -2.901  6.214   1.00 28.47 ?  5   GLN A OE1 1 
ATOM   30   N NE2 . GLN A 1 8   ? -9.374  -4.173  4.638   1.00 17.68 ?  5   GLN A NE2 1 
ATOM   31   N N   . LEU A 1 9   ? -4.214  -2.943  2.597   1.00 17.97 ?  6   LEU A N   1 
ATOM   32   C CA  . LEU A 1 9   ? -3.414  -1.730  2.598   1.00 16.87 ?  6   LEU A CA  1 
ATOM   33   C C   . LEU A 1 9   ? -4.305  -0.533  2.929   1.00 16.73 ?  6   LEU A C   1 
ATOM   34   O O   . LEU A 1 9   ? -5.343  -0.333  2.292   1.00 15.91 ?  6   LEU A O   1 
ATOM   35   C CB  . LEU A 1 9   ? -2.751  -1.544  1.230   1.00 17.60 ?  6   LEU A CB  1 
ATOM   36   C CG  . LEU A 1 9   ? -2.218  -0.140  0.983   1.00 21.16 ?  6   LEU A CG  1 
ATOM   37   C CD1 . LEU A 1 9   ? -1.160  0.156   2.033   1.00 18.75 ?  6   LEU A CD1 1 
ATOM   38   C CD2 . LEU A 1 9   ? -1.614  -0.015  -0.416  1.00 23.42 ?  6   LEU A CD2 1 
ATOM   39   N N   . ILE A 1 10  ? -3.904  0.253   3.921   1.00 13.84 ?  7   ILE A N   1 
ATOM   40   C CA  . ILE A 1 10  ? -4.606  1.473   4.309   1.00 16.78 ?  7   ILE A CA  1 
ATOM   41   C C   . ILE A 1 10  ? -3.652  2.637   4.140   1.00 16.29 ?  7   ILE A C   1 
ATOM   42   O O   . ILE A 1 10  ? -2.539  2.613   4.680   1.00 14.02 ?  7   ILE A O   1 
ATOM   43   C CB  . ILE A 1 10  ? -5.091  1.415   5.767   1.00 16.38 ?  7   ILE A CB  1 
ATOM   44   C CG1 . ILE A 1 10  ? -5.965  0.188   5.965   1.00 14.99 ?  7   ILE A CG1 1 
ATOM   45   C CG2 . ILE A 1 10  ? -5.865  2.704   6.130   1.00 14.44 ?  7   ILE A CG2 1 
ATOM   46   C CD1 . ILE A 1 10  ? -5.921  -0.318  7.356   1.00 18.28 ?  7   ILE A CD1 1 
ATOM   47   N N   . VAL A 1 11  ? -4.078  3.639   3.374   1.00 15.31 ?  8   VAL A N   1 
ATOM   48   C CA  . VAL A 1 11  ? -3.301  4.841   3.123   1.00 15.00 ?  8   VAL A CA  1 
ATOM   49   C C   . VAL A 1 11  ? -4.068  5.991   3.756   1.00 18.53 ?  8   VAL A C   1 
ATOM   50   O O   . VAL A 1 11  ? -5.271  6.133   3.504   1.00 16.19 ?  8   VAL A O   1 
ATOM   51   C CB  . VAL A 1 11  ? -3.122  5.077   1.619   1.00 17.31 ?  8   VAL A CB  1 
ATOM   52   C CG1 . VAL A 1 11  ? -2.301  6.305   1.384   1.00 14.49 ?  8   VAL A CG1 1 
ATOM   53   C CG2 . VAL A 1 11  ? -2.506  3.851   0.974   1.00 19.70 ?  8   VAL A CG2 1 
ATOM   54   N N   . LEU A 1 12  ? -3.402  6.805   4.574   1.00 13.02 ?  9   LEU A N   1 
ATOM   55   C CA  . LEU A 1 12  ? -4.202  7.840   5.214   1.00 18.47 ?  9   LEU A CA  1 
ATOM   56   C C   . LEU A 1 12  ? -3.453  9.155   5.384   1.00 19.12 ?  9   LEU A C   1 
ATOM   57   O O   . LEU A 1 12  ? -2.228  9.233   5.275   1.00 14.67 ?  9   LEU A O   1 
ATOM   58   C CB  . LEU A 1 12  ? -4.740  7.347   6.557   1.00 23.53 ?  9   LEU A CB  1 
ATOM   59   C CG  . LEU A 1 12  ? -3.732  6.992   7.636   1.00 20.74 ?  9   LEU A CG  1 
ATOM   60   C CD1 . LEU A 1 12  ? -3.679  8.123   8.644   1.00 26.91 ?  9   LEU A CD1 1 
ATOM   61   C CD2 . LEU A 1 12  ? -4.109  5.677   8.272   1.00 19.77 ?  9   LEU A CD2 1 
ATOM   62   N N   . LYS A 1 13  ? -4.246  10.200  5.610   1.00 21.26 ?  10  LYS A N   1 
ATOM   63   C CA  . LYS A 1 13  ? -3.783  11.517  6.024   1.00 22.81 ?  10  LYS A CA  1 
ATOM   64   C C   . LYS A 1 13  ? -4.547  11.918  7.284   1.00 21.86 ?  10  LYS A C   1 
ATOM   65   O O   . LYS A 1 13  ? -5.778  11.836  7.307   1.00 23.15 ?  10  LYS A O   1 
ATOM   66   C CB  . LYS A 1 13  ? -4.016  12.556  4.908   1.00 26.50 ?  10  LYS A CB  1 
ATOM   67   C CG  . LYS A 1 13  ? -3.584  13.976  5.307   1.00 24.83 ?  10  LYS A CG  1 
ATOM   68   C CD  . LYS A 1 13  ? -3.920  15.022  4.249   1.00 29.30 ?  10  LYS A CD  1 
ATOM   69   C CE  . LYS A 1 13  ? -3.361  16.381  4.671   1.00 33.46 ?  10  LYS A CE  1 
ATOM   70   N NZ  . LYS A 1 13  ? -4.017  17.535  3.965   1.00 30.87 ?  10  LYS A NZ  1 
ATOM   71   N N   . PHE A 1 14  ? -3.834  12.360  8.320   1.00 22.08 ?  11  PHE A N   1 
ATOM   72   C CA  . PHE A 1 14  ? -4.506  12.842  9.523   1.00 26.18 ?  11  PHE A CA  1 
ATOM   73   C C   . PHE A 1 14  ? -4.948  14.299  9.353   1.00 25.89 ?  11  PHE A C   1 
ATOM   74   O O   . PHE A 1 14  ? -4.413  15.055  8.528   1.00 21.25 ?  11  PHE A O   1 
ATOM   75   C CB  . PHE A 1 14  ? -3.597  12.736  10.756  1.00 22.49 ?  11  PHE A CB  1 
ATOM   76   C CG  . PHE A 1 14  ? -3.230  11.317  11.128  1.00 21.35 ?  11  PHE A CG  1 
ATOM   77   C CD1 . PHE A 1 14  ? -4.093  10.538  11.881  1.00 18.49 ?  11  PHE A CD1 1 
ATOM   78   C CD2 . PHE A 1 14  ? -2.009  10.769  10.711  1.00 19.96 ?  11  PHE A CD2 1 
ATOM   79   C CE1 . PHE A 1 14  ? -3.771  9.231   12.224  1.00 20.84 ?  11  PHE A CE1 1 
ATOM   80   C CE2 . PHE A 1 14  ? -1.662  9.468   11.037  1.00 19.75 ?  11  PHE A CE2 1 
ATOM   81   C CZ  . PHE A 1 14  ? -2.553  8.678   11.807  1.00 18.92 ?  11  PHE A CZ  1 
ATOM   82   N N   . LYS A 1 15  ? -5.945  14.674  10.150  1.00 24.84 ?  12  LYS A N   1 
ATOM   83   C CA  . LYS A 1 15  ? -6.326  16.072  10.301  1.00 32.57 ?  12  LYS A CA  1 
ATOM   84   C C   . LYS A 1 15  ? -5.151  16.880  10.857  1.00 32.21 ?  12  LYS A C   1 
ATOM   85   O O   . LYS A 1 15  ? -4.326  16.359  11.612  1.00 25.49 ?  12  LYS A O   1 
ATOM   86   C CB  . LYS A 1 15  ? -7.518  16.183  11.260  1.00 32.37 ?  12  LYS A CB  1 
ATOM   87   C CG  . LYS A 1 15  ? -8.800  15.492  10.789  1.00 36.76 ?  12  LYS A CG  1 
ATOM   88   C CD  . LYS A 1 15  ? -9.790  16.480  10.211  1.00 37.43 ?  12  LYS A CD  1 
ATOM   89   C CE  . LYS A 1 15  ? -11.118 16.404  10.951  1.00 38.40 ?  12  LYS A CE  1 
ATOM   90   N NZ  . LYS A 1 15  ? -11.704 15.037  10.869  1.00 33.37 ?  12  LYS A NZ  1 
ATOM   91   N N   . ASP A 1 16  ? -5.092  18.174  10.505  1.00 30.42 ?  13  ASP A N   1 
ATOM   92   C CA  . ASP A 1 16  ? -3.982  19.019  10.966  1.00 30.40 ?  13  ASP A CA  1 
ATOM   93   C C   . ASP A 1 16  ? -3.923  19.154  12.491  1.00 28.60 ?  13  ASP A C   1 
ATOM   94   O O   . ASP A 1 16  ? -2.835  19.357  13.054  1.00 24.08 ?  13  ASP A O   1 
ATOM   95   C CB  . ASP A 1 16  ? -4.077  20.398  10.316  1.00 34.43 ?  13  ASP A CB  1 
ATOM   96   C CG  . ASP A 1 16  ? -3.650  20.385  8.848   1.00 43.15 ?  13  ASP A CG  1 
ATOM   97   O OD1 . ASP A 1 16  ? -2.957  19.424  8.430   1.00 47.90 ?  13  ASP A OD1 1 
ATOM   98   O OD2 . ASP A 1 16  ? -4.008  21.332  8.099   1.00 50.33 ?  13  ASP A OD2 1 
ATOM   99   N N   . GLU A 1 17  ? -5.061  19.030  13.182  1.00 24.41 ?  14  GLU A N   1 
ATOM   100  C CA  . GLU A 1 17  ? -5.063  19.187  14.636  1.00 29.59 ?  14  GLU A CA  1 
ATOM   101  C C   . GLU A 1 17  ? -4.489  17.983  15.356  1.00 31.79 ?  14  GLU A C   1 
ATOM   102  O O   . GLU A 1 17  ? -4.142  18.087  16.542  1.00 24.98 ?  14  GLU A O   1 
ATOM   103  C CB  . GLU A 1 17  ? -6.472  19.366  15.204  1.00 31.31 ?  14  GLU A CB  1 
ATOM   104  C CG  . GLU A 1 17  ? -7.412  20.220  14.409  1.00 36.41 ?  14  GLU A CG  1 
ATOM   105  C CD  . GLU A 1 17  ? -8.073  19.399  13.337  1.00 40.92 ?  14  GLU A CD  1 
ATOM   106  O OE1 . GLU A 1 17  ? -8.985  18.604  13.694  1.00 44.06 ?  14  GLU A OE1 1 
ATOM   107  O OE2 . GLU A 1 17  ? -7.699  19.561  12.147  1.00 40.69 ?  14  GLU A OE2 1 
ATOM   108  N N   . ILE A 1 18  ? -4.488  16.816  14.718  1.00 29.07 ?  15  ILE A N   1 
ATOM   109  C CA  . ILE A 1 18  ? -4.020  15.625  15.402  1.00 26.66 ?  15  ILE A CA  1 
ATOM   110  C C   . ILE A 1 18  ? -2.538  15.756  15.705  1.00 21.01 ?  15  ILE A C   1 
ATOM   111  O O   . ILE A 1 18  ? -1.750  16.104  14.827  1.00 23.01 ?  15  ILE A O   1 
ATOM   112  C CB  . ILE A 1 18  ? -4.314  14.374  14.564  1.00 23.92 ?  15  ILE A CB  1 
ATOM   113  C CG1 . ILE A 1 18  ? -5.815  14.301  14.282  1.00 26.05 ?  15  ILE A CG1 1 
ATOM   114  C CG2 . ILE A 1 18  ? -3.755  13.137  15.271  1.00 18.91 ?  15  ILE A CG2 1 
ATOM   115  C CD1 . ILE A 1 18  ? -6.629  14.098  15.542  1.00 25.94 ?  15  ILE A CD1 1 
ATOM   116  N N   . THR A 1 19  ? -2.153  15.422  16.935  1.00 22.96 ?  16  THR A N   1 
ATOM   117  C CA  . THR A 1 19  ? -0.787  15.575  17.405  1.00 23.36 ?  16  THR A CA  1 
ATOM   118  C C   . THR A 1 19  ? 0.023   14.302  17.169  1.00 24.45 ?  16  THR A C   1 
ATOM   119  O O   . THR A 1 19  ? -0.531  13.215  16.957  1.00 20.49 ?  16  THR A O   1 
ATOM   120  C CB  . THR A 1 19  ? -0.788  15.898  18.886  1.00 20.93 ?  16  THR A CB  1 
ATOM   121  O OG1 . THR A 1 19  ? -1.182  14.726  19.604  1.00 23.19 ?  16  THR A OG1 1 
ATOM   122  C CG2 . THR A 1 19  ? -1.794  16.962  19.157  1.00 29.12 ?  16  THR A CG2 1 
ATOM   123  N N   . GLU A 1 20  ? 1.358   14.439  17.246  1.00 23.41 ?  17  GLU A N   1 
ATOM   124  C CA  . GLU A 1 20  ? 2.230   13.282  17.048  1.00 22.40 ?  17  GLU A CA  1 
ATOM   125  C C   . GLU A 1 20  ? 1.955   12.192  18.070  1.00 23.04 ?  17  GLU A C   1 
ATOM   126  O O   . GLU A 1 20  ? 1.964   10.997  17.724  1.00 20.19 ?  17  GLU A O   1 
ATOM   127  C CB  . GLU A 1 20  ? 3.703   13.675  17.132  1.00 22.47 ?  17  GLU A CB  1 
ATOM   128  C CG  . GLU A 1 20  ? 4.167   14.519  15.993  1.00 31.09 ?  17  GLU A CG  1 
ATOM   129  C CD  . GLU A 1 20  ? 4.066   13.812  14.651  1.00 31.23 ?  17  GLU A CD  1 
ATOM   130  O OE1 . GLU A 1 20  ? 4.678   12.730  14.481  1.00 31.91 ?  17  GLU A OE1 1 
ATOM   131  O OE2 . GLU A 1 20  ? 3.393   14.368  13.763  1.00 34.11 ?  17  GLU A OE2 1 
ATOM   132  N N   . ALA A 1 21  ? 1.745   12.577  19.342  1.00 19.73 ?  18  ALA A N   1 
ATOM   133  C CA  . ALA A 1 21  ? 1.474   11.583  20.379  1.00 23.58 ?  18  ALA A CA  1 
ATOM   134  C C   . ALA A 1 21  ? 0.184   10.807  20.073  1.00 20.44 ?  18  ALA A C   1 
ATOM   135  O O   . ALA A 1 21  ? 0.138   9.584   20.247  1.00 17.77 ?  18  ALA A O   1 
ATOM   136  C CB  . ALA A 1 21  ? 1.399   12.256  21.763  1.00 21.61 ?  18  ALA A CB  1 
ATOM   137  N N   . GLN A 1 22  ? -0.845  11.505  19.561  1.00 16.81 ?  19  GLN A N   1 
ATOM   138  C CA  . GLN A 1 22  ? -2.107  10.862  19.193  1.00 22.11 ?  19  GLN A CA  1 
ATOM   139  C C   . GLN A 1 22  ? -1.907  9.845   18.080  1.00 20.77 ?  19  GLN A C   1 
ATOM   140  O O   . GLN A 1 22  ? -2.395  8.715   18.169  1.00 21.47 ?  19  GLN A O   1 
ATOM   141  C CB  . GLN A 1 22  ? -3.132  11.914  18.771  1.00 23.12 ?  19  GLN A CB  1 
ATOM   142  C CG  . GLN A 1 22  ? -3.702  12.794  19.909  1.00 23.00 ?  19  GLN A CG  1 
ATOM   143  C CD  . GLN A 1 22  ? -4.757  13.762  19.396  1.00 25.73 ?  19  GLN A CD  1 
ATOM   144  O OE1 . GLN A 1 22  ? -4.468  14.638  18.566  1.00 22.97 ?  19  GLN A OE1 1 
ATOM   145  N NE2 . GLN A 1 22  ? -5.996  13.596  19.869  1.00 29.32 ?  19  GLN A NE2 1 
ATOM   146  N N   . LYS A 1 23  ? -1.168  10.225  17.028  1.00 19.01 ?  20  LYS A N   1 
ATOM   147  C CA  . LYS A 1 23  ? -0.892  9.302   15.929  1.00 18.02 ?  20  LYS A CA  1 
ATOM   148  C C   . LYS A 1 23  ? -0.192  8.041   16.426  1.00 19.33 ?  20  LYS A C   1 
ATOM   149  O O   . LYS A 1 23  ? -0.595  6.915   16.089  1.00 16.89 ?  20  LYS A O   1 
ATOM   150  C CB  . LYS A 1 23  ? -0.048  10.021  14.868  1.00 18.39 ?  20  LYS A CB  1 
ATOM   151  C CG  . LYS A 1 23  ? -0.773  11.190  14.203  1.00 21.20 ?  20  LYS A CG  1 
ATOM   152  C CD  . LYS A 1 23  ? 0.181   11.995  13.307  1.00 22.26 ?  20  LYS A CD  1 
ATOM   153  C CE  . LYS A 1 23  ? -0.410  13.350  12.973  1.00 22.60 ?  20  LYS A CE  1 
ATOM   154  N NZ  . LYS A 1 23  ? 0.547   14.201  12.200  1.00 25.10 ?  20  LYS A NZ  1 
ATOM   155  N N   . GLU A 1 24  ? 0.864   8.216   17.240  1.00 18.49 ?  21  GLU A N   1 
ATOM   156  C CA  . GLU A 1 24  ? 1.532   7.086   17.885  1.00 21.01 ?  21  GLU A CA  1 
ATOM   157  C C   . GLU A 1 24  ? 0.527   6.193   18.622  1.00 19.63 ?  21  GLU A C   1 
ATOM   158  O O   . GLU A 1 24  ? 0.587   4.957   18.543  1.00 19.13 ?  21  GLU A O   1 
ATOM   159  C CB  . GLU A 1 24  ? 2.581   7.597   18.879  1.00 24.61 ?  21  GLU A CB  1 
ATOM   160  C CG  . GLU A 1 24  ? 3.647   8.469   18.308  1.00 30.81 ?  21  GLU A CG  1 
ATOM   161  C CD  . GLU A 1 24  ? 4.734   7.696   17.601  1.00 42.49 ?  21  GLU A CD  1 
ATOM   162  O OE1 . GLU A 1 24  ? 4.731   6.440   17.674  1.00 36.67 ?  21  GLU A OE1 1 
ATOM   163  O OE2 . GLU A 1 24  ? 5.609   8.359   16.991  1.00 45.47 ?  21  GLU A OE2 1 
ATOM   164  N N   . GLU A 1 25  ? -0.389  6.803   19.372  1.00 20.32 ?  22  GLU A N   1 
ATOM   165  C CA  . GLU A 1 25  ? -1.376  6.005   20.101  1.00 21.53 ?  22  GLU A CA  1 
ATOM   166  C C   . GLU A 1 25  ? -2.337  5.300   19.132  1.00 19.70 ?  22  GLU A C   1 
ATOM   167  O O   . GLU A 1 25  ? -2.717  4.143   19.343  1.00 19.71 ?  22  GLU A O   1 
ATOM   168  C CB  . GLU A 1 25  ? -2.154  6.907   21.062  1.00 24.03 ?  22  GLU A CB  1 
ATOM   169  C CG  . GLU A 1 25  ? -3.169  6.161   21.940  1.00 32.13 ?  22  GLU A CG  1 
ATOM   170  C CD  . GLU A 1 25  ? -4.069  7.121   22.706  1.00 39.94 ?  22  GLU A CD  1 
ATOM   171  O OE1 . GLU A 1 25  ? -5.214  7.340   22.222  1.00 48.11 ?  22  GLU A OE1 1 
ATOM   172  O OE2 . GLU A 1 25  ? -3.648  7.659   23.762  1.00 46.49 ?  22  GLU A OE2 1 
ATOM   173  N N   . PHE A 1 26  ? -2.756  6.006   18.087  1.00 18.39 ?  23  PHE A N   1 
ATOM   174  C CA  . PHE A 1 26  ? -3.576  5.426   17.036  1.00 19.00 ?  23  PHE A CA  1 
ATOM   175  C C   . PHE A 1 26  ? -2.957  4.125   16.512  1.00 19.14 ?  23  PHE A C   1 
ATOM   176  O O   . PHE A 1 26  ? -3.599  3.064   16.527  1.00 19.05 ?  23  PHE A O   1 
ATOM   177  C CB  . PHE A 1 26  ? -3.745  6.499   15.953  1.00 18.75 ?  23  PHE A CB  1 
ATOM   178  C CG  . PHE A 1 26  ? -4.493  6.062   14.723  1.00 21.39 ?  23  PHE A CG  1 
ATOM   179  C CD1 . PHE A 1 26  ? -3.825  5.520   13.636  1.00 19.78 ?  23  PHE A CD1 1 
ATOM   180  C CD2 . PHE A 1 26  ? -5.863  6.252   14.639  1.00 22.69 ?  23  PHE A CD2 1 
ATOM   181  C CE1 . PHE A 1 26  ? -4.525  5.137   12.489  1.00 22.94 ?  23  PHE A CE1 1 
ATOM   182  C CE2 . PHE A 1 26  ? -6.557  5.880   13.506  1.00 25.92 ?  23  PHE A CE2 1 
ATOM   183  C CZ  . PHE A 1 26  ? -5.892  5.311   12.427  1.00 22.94 ?  23  PHE A CZ  1 
ATOM   184  N N   . PHE A 1 27  ? -1.675  4.172   16.127  1.00 16.77 ?  24  PHE A N   1 
ATOM   185  C CA  . PHE A 1 27  ? -1.053  3.022   15.485  1.00 18.43 ?  24  PHE A CA  1 
ATOM   186  C C   . PHE A 1 27  ? -0.783  1.900   16.482  1.00 17.75 ?  24  PHE A C   1 
ATOM   187  O O   . PHE A 1 27  ? -0.940  0.719   16.144  1.00 16.47 ?  24  PHE A O   1 
ATOM   188  C CB  . PHE A 1 27  ? 0.240   3.452   14.754  1.00 16.95 ?  24  PHE A CB  1 
ATOM   189  C CG  . PHE A 1 27  ? -0.017  4.326   13.543  1.00 15.90 ?  24  PHE A CG  1 
ATOM   190  C CD1 . PHE A 1 27  ? -0.710  3.831   12.450  1.00 16.31 ?  24  PHE A CD1 1 
ATOM   191  C CD2 . PHE A 1 27  ? 0.406   5.638   13.509  1.00 14.69 ?  24  PHE A CD2 1 
ATOM   192  C CE1 . PHE A 1 27  ? -0.979  4.631   11.349  1.00 15.02 ?  24  PHE A CE1 1 
ATOM   193  C CE2 . PHE A 1 27  ? 0.145   6.447   12.407  1.00 16.72 ?  24  PHE A CE2 1 
ATOM   194  C CZ  . PHE A 1 27  ? -0.555  5.940   11.322  1.00 14.55 ?  24  PHE A CZ  1 
ATOM   195  N N   . LYS A 1 28  ? -0.352  2.230   17.707  1.00 18.90 ?  25  LYS A N   1 
ATOM   196  C CA  . LYS A 1 28  ? -0.126  1.169   18.693  1.00 17.15 ?  25  LYS A CA  1 
ATOM   197  C C   . LYS A 1 28  ? -1.420  0.405   18.983  1.00 19.98 ?  25  LYS A C   1 
ATOM   198  O O   . LYS A 1 28  ? -1.428  -0.834  19.037  1.00 20.08 ?  25  LYS A O   1 
ATOM   199  C CB  . LYS A 1 28  ? 0.458   1.757   19.972  1.00 25.04 ?  25  LYS A CB  1 
ATOM   200  C CG  . LYS A 1 28  ? 0.593   0.763   21.132  1.00 24.36 ?  25  LYS A CG  1 
ATOM   201  C CD  . LYS A 1 28  ? 0.823   1.509   22.449  1.00 34.92 ?  25  LYS A CD  1 
ATOM   202  C CE  . LYS A 1 28  ? 1.450   0.610   23.513  1.00 48.03 ?  25  LYS A CE  1 
ATOM   203  N NZ  . LYS A 1 28  ? 2.044   1.404   24.631  1.00 51.29 ?  25  LYS A NZ  1 
ATOM   204  N N   . THR A 1 29  ? -2.523  1.130   19.152  1.00 19.17 ?  26  THR A N   1 
ATOM   205  C CA  . THR A 1 29  ? -3.821  0.491   19.324  1.00 19.78 ?  26  THR A CA  1 
ATOM   206  C C   . THR A 1 29  ? -4.172  -0.342  18.105  1.00 21.63 ?  26  THR A C   1 
ATOM   207  O O   . THR A 1 29  ? -4.608  -1.495  18.232  1.00 19.74 ?  26  THR A O   1 
ATOM   208  C CB  . THR A 1 29  ? -4.897  1.549   19.545  1.00 20.50 ?  26  THR A CB  1 
ATOM   209  O OG1 . THR A 1 29  ? -4.490  2.422   20.603  1.00 31.79 ?  26  THR A OG1 1 
ATOM   210  C CG2 . THR A 1 29  ? -6.259  0.894   19.933  1.00 24.97 ?  26  THR A CG2 1 
ATOM   211  N N   . TYR A 1 30  ? -3.964  0.211   16.904  1.00 19.22 ?  27  TYR A N   1 
ATOM   212  C CA  . TYR A 1 30  ? -4.306  -0.571  15.721  1.00 23.09 ?  27  TYR A CA  1 
ATOM   213  C C   . TYR A 1 30  ? -3.459  -1.836  15.664  1.00 24.00 ?  27  TYR A C   1 
ATOM   214  O O   . TYR A 1 30  ? -3.967  -2.928  15.363  1.00 23.16 ?  27  TYR A O   1 
ATOM   215  C CB  . TYR A 1 30  ? -4.148  0.261   14.439  1.00 23.13 ?  27  TYR A CB  1 
ATOM   216  C CG  . TYR A 1 30  ? -4.878  -0.404  13.314  1.00 23.10 ?  27  TYR A CG  1 
ATOM   217  C CD1 . TYR A 1 30  ? -6.249  -0.230  13.158  1.00 26.05 ?  27  TYR A CD1 1 
ATOM   218  C CD2 . TYR A 1 30  ? -4.234  -1.298  12.478  1.00 23.14 ?  27  TYR A CD2 1 
ATOM   219  C CE1 . TYR A 1 30  ? -6.953  -0.884  12.144  1.00 28.93 ?  27  TYR A CE1 1 
ATOM   220  C CE2 . TYR A 1 30  ? -4.924  -1.951  11.465  1.00 30.28 ?  27  TYR A CE2 1 
ATOM   221  C CZ  . TYR A 1 30  ? -6.279  -1.742  11.298  1.00 31.39 ?  27  TYR A CZ  1 
ATOM   222  O OH  . TYR A 1 30  ? -6.955  -2.405  10.290  1.00 42.41 ?  27  TYR A OH  1 
ATOM   223  N N   . VAL A 1 31  ? -2.177  -1.727  16.022  1.00 17.59 ?  28  VAL A N   1 
ATOM   224  C CA  . VAL A 1 31  ? -1.307  -2.896  15.983  1.00 23.50 ?  28  VAL A CA  1 
ATOM   225  C C   . VAL A 1 31  ? -1.748  -3.935  17.019  1.00 27.92 ?  28  VAL A C   1 
ATOM   226  O O   . VAL A 1 31  ? -1.703  -5.148  16.766  1.00 25.74 ?  28  VAL A O   1 
ATOM   227  C CB  . VAL A 1 31  ? 0.162   -2.488  16.196  1.00 20.27 ?  28  VAL A CB  1 
ATOM   228  C CG1 . VAL A 1 31  ? 0.995   -3.729  16.387  1.00 26.73 ?  28  VAL A CG1 1 
ATOM   229  C CG2 . VAL A 1 31  ? 0.705   -1.640  15.013  1.00 21.15 ?  28  VAL A CG2 1 
ATOM   230  N N   . ASN A 1 32  ? -2.168  -3.484  18.208  1.00 27.01 ?  29  ASN A N   1 
ATOM   231  C CA  . ASN A 1 32  ? -2.612  -4.456  19.209  1.00 30.63 ?  29  ASN A CA  1 
ATOM   232  C C   . ASN A 1 32  ? -3.880  -5.202  18.783  1.00 28.80 ?  29  ASN A C   1 
ATOM   233  O O   . ASN A 1 32  ? -4.120  -6.307  19.281  1.00 31.62 ?  29  ASN A O   1 
ATOM   234  C CB  . ASN A 1 32  ? -2.742  -3.772  20.586  1.00 24.52 ?  29  ASN A CB  1 
ATOM   235  C CG  . ASN A 1 32  ? -1.388  -3.745  21.349  1.00 33.64 ?  29  ASN A CG  1 
ATOM   236  O OD1 . ASN A 1 32  ? -0.658  -4.744  21.321  1.00 38.90 ?  29  ASN A OD1 1 
ATOM   237  N ND2 . ASN A 1 32  ? -1.035  -2.608  21.991  1.00 30.14 ?  29  ASN A ND2 1 
ATOM   238  N N   . LEU A 1 33  ? -4.656  -4.665  17.831  1.00 24.92 ?  30  LEU A N   1 
ATOM   239  C CA  . LEU A 1 33  ? -5.799  -5.401  17.295  1.00 26.02 ?  30  LEU A CA  1 
ATOM   240  C C   . LEU A 1 33  ? -5.471  -6.812  16.829  1.00 27.72 ?  30  LEU A C   1 
ATOM   241  O O   . LEU A 1 33  ? -6.376  -7.656  16.782  1.00 31.13 ?  30  LEU A O   1 
ATOM   242  C CB  . LEU A 1 33  ? -6.441  -4.667  16.130  1.00 27.29 ?  30  LEU A CB  1 
ATOM   243  C CG  . LEU A 1 33  ? -7.330  -3.494  16.461  1.00 24.79 ?  30  LEU A CG  1 
ATOM   244  C CD1 . LEU A 1 33  ? -7.922  -2.991  15.169  1.00 21.65 ?  30  LEU A CD1 1 
ATOM   245  C CD2 . LEU A 1 33  ? -8.394  -3.957  17.453  1.00 25.87 ?  30  LEU A CD2 1 
ATOM   246  N N   . VAL A 1 34  ? -4.221  -7.104  16.468  1.00 26.43 ?  31  VAL A N   1 
ATOM   247  C CA  . VAL A 1 34  ? -3.882  -8.482  16.110  1.00 27.81 ?  31  VAL A CA  1 
ATOM   248  C C   . VAL A 1 34  ? -4.171  -9.407  17.283  1.00 34.29 ?  31  VAL A C   1 
ATOM   249  O O   . VAL A 1 34  ? -4.452  -10.603 17.103  1.00 34.27 ?  31  VAL A O   1 
ATOM   250  C CB  . VAL A 1 34  ? -2.410  -8.585  15.676  1.00 29.63 ?  31  VAL A CB  1 
ATOM   251  C CG1 . VAL A 1 34  ? -1.984  -10.038 15.553  1.00 31.22 ?  31  VAL A CG1 1 
ATOM   252  C CG2 . VAL A 1 34  ? -2.197  -7.857  14.354  1.00 31.67 ?  31  VAL A CG2 1 
ATOM   253  N N   . ASN A 1 35  ? -4.109  -8.876  18.505  1.00 30.49 ?  32  ASN A N   1 
ATOM   254  C CA  . ASN A 1 35  ? -4.329  -9.722  19.665  1.00 32.96 ?  32  ASN A CA  1 
ATOM   255  C C   . ASN A 1 35  ? -5.805  -10.045 19.886  1.00 30.86 ?  32  ASN A C   1 
ATOM   256  O O   . ASN A 1 35  ? -6.111  -11.068 20.506  1.00 34.83 ?  32  ASN A O   1 
ATOM   257  C CB  . ASN A 1 35  ? -3.729  -9.050  20.910  1.00 30.72 ?  32  ASN A CB  1 
ATOM   258  C CG  . ASN A 1 35  ? -2.229  -8.828  20.787  1.00 32.95 ?  32  ASN A CG  1 
ATOM   259  O OD1 . ASN A 1 35  ? -1.479  -9.760  20.481  1.00 25.27 ?  32  ASN A OD1 1 
ATOM   260  N ND2 . ASN A 1 35  ? -1.783  -7.601  21.054  1.00 33.75 ?  32  ASN A ND2 1 
ATOM   261  N N   . ILE A 1 36  ? -6.719  -9.202  19.408  1.00 29.18 ?  33  ILE A N   1 
ATOM   262  C CA  . ILE A 1 36  ? -8.141  -9.385  19.682  1.00 31.23 ?  33  ILE A CA  1 
ATOM   263  C C   . ILE A 1 36  ? -8.894  -10.033 18.526  1.00 30.98 ?  33  ILE A C   1 
ATOM   264  O O   . ILE A 1 36  ? -9.978  -10.602 18.749  1.00 27.44 ?  33  ILE A O   1 
ATOM   265  C CB  . ILE A 1 36  ? -8.844  -8.054  20.011  1.00 27.76 ?  33  ILE A CB  1 
ATOM   266  C CG1 . ILE A 1 36  ? -8.030  -7.159  20.892  1.00 26.35 ?  33  ILE A CG1 1 
ATOM   267  C CG2 . ILE A 1 36  ? -10.150 -8.319  20.749  1.00 36.06 ?  33  ILE A CG2 1 
ATOM   268  C CD1 . ILE A 1 36  ? -8.818  -5.885  21.190  1.00 29.30 ?  33  ILE A CD1 1 
ATOM   269  N N   . ILE A 1 37  ? -8.386  -9.923  17.306  1.00 28.22 ?  34  ILE A N   1 
ATOM   270  C CA  . ILE A 1 37  ? -9.109  -10.354 16.113  1.00 29.54 ?  34  ILE A CA  1 
ATOM   271  C C   . ILE A 1 37  ? -8.388  -11.579 15.562  1.00 32.16 ?  34  ILE A C   1 
ATOM   272  O O   . ILE A 1 37  ? -7.214  -11.489 15.148  1.00 28.03 ?  34  ILE A O   1 
ATOM   273  C CB  . ILE A 1 37  ? -9.222  -9.224  15.080  1.00 27.57 ?  34  ILE A CB  1 
ATOM   274  C CG1 . ILE A 1 37  ? -9.876  -8.006  15.742  1.00 29.26 ?  34  ILE A CG1 1 
ATOM   275  C CG2 . ILE A 1 37  ? -10.079 -9.665  13.895  1.00 30.39 ?  34  ILE A CG2 1 
ATOM   276  C CD1 . ILE A 1 37  ? -10.168 -6.834  14.805  1.00 27.29 ?  34  ILE A CD1 1 
ATOM   277  N N   . PRO A 1 38  ? -9.016  -12.758 15.591  1.00 30.65 ?  35  PRO A N   1 
ATOM   278  C CA  . PRO A 1 38  ? -8.291  -13.969 15.175  1.00 34.02 ?  35  PRO A CA  1 
ATOM   279  C C   . PRO A 1 38  ? -7.884  -13.914 13.721  1.00 26.35 ?  35  PRO A C   1 
ATOM   280  O O   . PRO A 1 38  ? -6.806  -14.415 13.366  1.00 27.42 ?  35  PRO A O   1 
ATOM   281  C CB  . PRO A 1 38  ? -9.294  -15.107 15.449  1.00 35.41 ?  35  PRO A CB  1 
ATOM   282  C CG  . PRO A 1 38  ? -10.460 -14.480 16.169  1.00 28.91 ?  35  PRO A CG  1 
ATOM   283  C CD  . PRO A 1 38  ? -10.435 -13.017 15.893  1.00 31.77 ?  35  PRO A CD  1 
ATOM   284  N N   . ALA A 1 39  ? -8.720  -13.282 12.888  1.00 22.63 ?  36  ALA A N   1 
ATOM   285  C CA  . ALA A 1 39  ? -8.443  -13.127 11.469  1.00 29.67 ?  36  ALA A CA  1 
ATOM   286  C C   . ALA A 1 39  ? -7.180  -12.301 11.208  1.00 31.53 ?  36  ALA A C   1 
ATOM   287  O O   . ALA A 1 39  ? -6.516  -12.511 10.186  1.00 34.38 ?  36  ALA A O   1 
ATOM   288  C CB  . ALA A 1 39  ? -9.654  -12.493 10.775  1.00 32.82 ?  36  ALA A CB  1 
ATOM   289  N N   . MET A 1 40  ? -6.834  -11.362 12.099  1.00 30.70 ?  37  MET A N   1 
ATOM   290  C CA  . MET A 1 40  ? -5.670  -10.498 11.907  1.00 30.70 ?  37  MET A CA  1 
ATOM   291  C C   . MET A 1 40  ? -4.404  -11.224 12.324  1.00 29.44 ?  37  MET A C   1 
ATOM   292  O O   . MET A 1 40  ? -4.188  -11.475 13.513  1.00 30.94 ?  37  MET A O   1 
ATOM   293  C CB  . MET A 1 40  ? -5.792  -9.201  12.695  1.00 30.98 ?  37  MET A CB  1 
ATOM   294  C CG  . MET A 1 40  ? -6.829  -8.250  12.231  1.00 32.37 ?  37  MET A CG  1 
ATOM   295  S SD  . MET A 1 40  ? -6.664  -6.732  13.185  1.00 45.79 ?  37  MET A SD  1 
ATOM   296  C CE  . MET A 1 40  ? -5.154  -6.079  12.602  1.00 28.00 ?  37  MET A CE  1 
ATOM   297  N N   . LYS A 1 41  ? -3.541  -11.503 11.355  1.00 24.80 ?  38  LYS A N   1 
ATOM   298  C CA  . LYS A 1 41  ? -2.300  -12.228 11.583  1.00 30.60 ?  38  LYS A CA  1 
ATOM   299  C C   . LYS A 1 41  ? -1.111  -11.310 11.828  1.00 32.25 ?  38  LYS A C   1 
ATOM   300  O O   . LYS A 1 41  ? -0.216  -11.676 12.596  1.00 32.12 ?  38  LYS A O   1 
ATOM   301  C CB  . LYS A 1 41  ? -1.972  -13.136 10.383  1.00 31.27 ?  38  LYS A CB  1 
ATOM   302  C CG  . LYS A 1 41  ? -2.935  -14.293 10.129  1.00 37.74 ?  38  LYS A CG  1 
ATOM   303  C CD  . LYS A 1 41  ? -3.284  -14.968 11.441  1.00 38.78 ?  38  LYS A CD  1 
ATOM   304  C CE  . LYS A 1 41  ? -3.568  -16.440 11.268  1.00 41.29 ?  38  LYS A CE  1 
ATOM   305  N NZ  . LYS A 1 41  ? -3.827  -16.919 12.649  1.00 45.78 ?  38  LYS A NZ  1 
ATOM   306  N N   . ASP A 1 42  ? -1.055  -10.143 11.179  1.00 26.75 ?  39  ASP A N   1 
ATOM   307  C CA  . ASP A 1 42  ? 0.103   -9.267  11.304  1.00 25.66 ?  39  ASP A CA  1 
ATOM   308  C C   . ASP A 1 42  ? -0.261  -7.852  10.875  1.00 23.04 ?  39  ASP A C   1 
ATOM   309  O O   . ASP A 1 42  ? -1.187  -7.641  10.093  1.00 23.37 ?  39  ASP A O   1 
ATOM   310  C CB  . ASP A 1 42  ? 1.275   -9.789  10.463  1.00 28.17 ?  39  ASP A CB  1 
ATOM   311  C CG  . ASP A 1 42  ? 2.611   -9.497  11.093  1.00 32.98 ?  39  ASP A CG  1 
ATOM   312  O OD1 . ASP A 1 42  ? 2.639   -8.823  12.161  1.00 34.25 ?  39  ASP A OD1 1 
ATOM   313  O OD2 . ASP A 1 42  ? 3.636   -9.895  10.488  1.00 34.85 ?  39  ASP A OD2 1 
ATOM   314  N N   . VAL A 1 43  ? 0.485   -6.884  11.401  1.00 21.26 ?  40  VAL A N   1 
ATOM   315  C CA  . VAL A 1 43  ? 0.277   -5.475  11.076  1.00 21.53 ?  40  VAL A CA  1 
ATOM   316  C C   . VAL A 1 43  ? 1.623   -4.787  11.105  1.00 25.52 ?  40  VAL A C   1 
ATOM   317  O O   . VAL A 1 43  ? 2.384   -4.942  12.067  1.00 26.71 ?  40  VAL A O   1 
ATOM   318  C CB  . VAL A 1 43  ? -0.642  -4.724  12.062  1.00 27.46 ?  40  VAL A CB  1 
ATOM   319  C CG1 . VAL A 1 43  ? -0.665  -3.226  11.724  1.00 20.78 ?  40  VAL A CG1 1 
ATOM   320  C CG2 . VAL A 1 43  ? -2.017  -5.272  12.073  1.00 29.62 ?  40  VAL A CG2 1 
ATOM   321  N N   . TYR A 1 44  ? 1.902   -3.990  10.080  1.00 17.50 ?  41  TYR A N   1 
ATOM   322  C CA  . TYR A 1 44  ? 2.961   -3.008  10.163  1.00 20.31 ?  41  TYR A CA  1 
ATOM   323  C C   . TYR A 1 44  ? 2.405   -1.669  9.733   1.00 20.13 ?  41  TYR A C   1 
ATOM   324  O O   . TYR A 1 44  ? 1.408   -1.598  9.013   1.00 14.05 ?  41  TYR A O   1 
ATOM   325  C CB  . TYR A 1 44  ? 4.136   -3.366  9.281   1.00 23.07 ?  41  TYR A CB  1 
ATOM   326  C CG  . TYR A 1 44  ? 4.816   -4.640  9.693   1.00 29.77 ?  41  TYR A CG  1 
ATOM   327  C CD1 . TYR A 1 44  ? 4.534   -5.831  9.038   1.00 29.46 ?  41  TYR A CD1 1 
ATOM   328  C CD2 . TYR A 1 44  ? 5.721   -4.657  10.748  1.00 28.90 ?  41  TYR A CD2 1 
ATOM   329  C CE1 . TYR A 1 44  ? 5.142   -6.995  9.403   1.00 30.16 ?  41  TYR A CE1 1 
ATOM   330  C CE2 . TYR A 1 44  ? 6.338   -5.826  11.128  1.00 31.02 ?  41  TYR A CE2 1 
ATOM   331  C CZ  . TYR A 1 44  ? 6.039   -6.995  10.449  1.00 37.50 ?  41  TYR A CZ  1 
ATOM   332  O OH  . TYR A 1 44  ? 6.633   -8.185  10.813  1.00 52.32 ?  41  TYR A OH  1 
ATOM   333  N N   . TRP A 1 45  ? 3.081   -0.597  10.145  1.00 17.14 ?  42  TRP A N   1 
ATOM   334  C CA  . TRP A 1 45  ? 2.733   0.712   9.627   1.00 18.24 ?  42  TRP A CA  1 
ATOM   335  C C   . TRP A 1 45  ? 4.005   1.512   9.405   1.00 17.67 ?  42  TRP A C   1 
ATOM   336  O O   . TRP A 1 45  ? 5.105   1.112   9.816   1.00 17.91 ?  42  TRP A O   1 
ATOM   337  C CB  . TRP A 1 45  ? 1.763   1.436   10.550  1.00 15.56 ?  42  TRP A CB  1 
ATOM   338  C CG  . TRP A 1 45  ? 2.381   1.810   11.830  1.00 18.84 ?  42  TRP A CG  1 
ATOM   339  C CD1 . TRP A 1 45  ? 2.513   1.016   12.947  1.00 21.25 ?  42  TRP A CD1 1 
ATOM   340  C CD2 . TRP A 1 45  ? 2.948   3.090   12.169  1.00 17.13 ?  42  TRP A CD2 1 
ATOM   341  N NE1 . TRP A 1 45  ? 3.144   1.724   13.947  1.00 23.93 ?  42  TRP A NE1 1 
ATOM   342  C CE2 . TRP A 1 45  ? 3.415   2.997   13.503  1.00 19.82 ?  42  TRP A CE2 1 
ATOM   343  C CE3 . TRP A 1 45  ? 3.116   4.285   11.473  1.00 16.18 ?  42  TRP A CE3 1 
ATOM   344  C CZ2 . TRP A 1 45  ? 4.018   4.057   14.157  1.00 21.71 ?  42  TRP A CZ2 1 
ATOM   345  C CZ3 . TRP A 1 45  ? 3.733   5.336   12.115  1.00 20.39 ?  42  TRP A CZ3 1 
ATOM   346  C CH2 . TRP A 1 45  ? 4.176   5.219   13.454  1.00 22.98 ?  42  TRP A CH2 1 
ATOM   347  N N   . GLY A 1 46  ? 3.851   2.644   8.723   1.00 17.60 ?  43  GLY A N   1 
ATOM   348  C CA  . GLY A 1 46  ? 4.994   3.483   8.407   1.00 16.11 ?  43  GLY A CA  1 
ATOM   349  C C   . GLY A 1 46  ? 4.546   4.845   7.929   1.00 16.83 ?  43  GLY A C   1 
ATOM   350  O O   . GLY A 1 46  ? 3.408   5.022   7.464   1.00 17.25 ?  43  GLY A O   1 
ATOM   351  N N   . LYS A 1 47  ? 5.465   5.801   8.039   1.00 15.09 ?  44  LYS A N   1 
ATOM   352  C CA  . LYS A 1 47  ? 5.255   7.172   7.586   1.00 15.79 ?  44  LYS A CA  1 
ATOM   353  C C   . LYS A 1 47  ? 6.077   7.435   6.315   1.00 16.68 ?  44  LYS A C   1 
ATOM   354  O O   . LYS A 1 47  ? 7.296   7.176   6.288   1.00 15.26 ?  44  LYS A O   1 
ATOM   355  C CB  . LYS A 1 47  ? 5.657   8.152   8.686   1.00 16.36 ?  44  LYS A CB  1 
ATOM   356  C CG  . LYS A 1 47  ? 5.448   9.599   8.283   1.00 19.32 ?  44  LYS A CG  1 
ATOM   357  C CD  . LYS A 1 47  ? 6.004   10.568  9.327   1.00 28.39 ?  44  LYS A CD  1 
ATOM   358  C CE  . LYS A 1 47  ? 5.540   12.005  8.998   1.00 33.63 ?  44  LYS A CE  1 
ATOM   359  N NZ  . LYS A 1 47  ? 5.922   13.011  10.054  1.00 41.34 ?  44  LYS A NZ  1 
ATOM   360  N N   . ASP A 1 48  ? 5.409   7.948   5.272   1.00 13.02 ?  45  ASP A N   1 
ATOM   361  C CA  . ASP A 1 48  ? 6.066   8.275   4.017   1.00 14.21 ?  45  ASP A CA  1 
ATOM   362  C C   . ASP A 1 48  ? 7.141   9.327   4.259   1.00 18.91 ?  45  ASP A C   1 
ATOM   363  O O   . ASP A 1 48  ? 6.906   10.341  4.931   1.00 15.99 ?  45  ASP A O   1 
ATOM   364  C CB  . ASP A 1 48  ? 5.045   8.802   3.001   1.00 16.75 ?  45  ASP A CB  1 
ATOM   365  C CG  . ASP A 1 48  ? 5.700   9.313   1.706   1.00 15.76 ?  45  ASP A CG  1 
ATOM   366  O OD1 . ASP A 1 48  ? 6.520   8.579   1.102   1.00 15.63 ?  45  ASP A OD1 1 
ATOM   367  O OD2 . ASP A 1 48  ? 5.393   10.446  1.291   1.00 15.90 ?  45  ASP A OD2 1 
ATOM   368  N N   . VAL A 1 49  ? 8.335   9.096   3.732   1.00 17.09 ?  46  VAL A N   1 
ATOM   369  C CA  . VAL A 1 49  ? 9.369   10.104  3.939   1.00 21.81 ?  46  VAL A CA  1 
ATOM   370  C C   . VAL A 1 49  ? 9.529   11.024  2.735   1.00 22.95 ?  46  VAL A C   1 
ATOM   371  O O   . VAL A 1 49  ? 10.015  12.150  2.905   1.00 23.79 ?  46  VAL A O   1 
ATOM   372  C CB  . VAL A 1 49  ? 10.719  9.471   4.316   1.00 18.82 ?  46  VAL A CB  1 
ATOM   373  C CG1 . VAL A 1 49  ? 10.608  8.718   5.663   1.00 17.82 ?  46  VAL A CG1 1 
ATOM   374  C CG2 . VAL A 1 49  ? 11.203  8.551   3.190   1.00 19.87 ?  46  VAL A CG2 1 
ATOM   375  N N   . THR A 1 50  ? 9.091   10.604  1.544   1.00 21.65 ?  47  THR A N   1 
ATOM   376  C CA  . THR A 1 50  ? 9.469   11.325  0.328   1.00 23.29 ?  47  THR A CA  1 
ATOM   377  C C   . THR A 1 50  ? 8.523   12.455  -0.005  1.00 26.60 ?  47  THR A C   1 
ATOM   378  O O   . THR A 1 50  ? 8.945   13.453  -0.605  1.00 27.02 ?  47  THR A O   1 
ATOM   379  C CB  . THR A 1 50  ? 9.500   10.403  -0.889  1.00 27.18 ?  47  THR A CB  1 
ATOM   380  O OG1 . THR A 1 50  ? 10.022  9.132   -0.522  1.00 25.62 ?  47  THR A OG1 1 
ATOM   381  C CG2 . THR A 1 50  ? 10.428  11.018  -1.937  1.00 31.87 ?  47  THR A CG2 1 
ATOM   382  N N   . GLN A 1 51  ? 7.245   12.296  0.325   1.00 20.79 ?  48  GLN A N   1 
ATOM   383  C CA  . GLN A 1 51  ? 6.222   13.273  -0.037  1.00 27.18 ?  48  GLN A CA  1 
ATOM   384  C C   . GLN A 1 51  ? 6.239   13.612  -1.536  1.00 31.71 ?  48  GLN A C   1 
ATOM   385  O O   . GLN A 1 51  ? 6.135   14.775  -1.928  1.00 31.30 ?  48  GLN A O   1 
ATOM   386  C CB  . GLN A 1 51  ? 6.343   14.520  0.840   1.00 27.04 ?  48  GLN A CB  1 
ATOM   387  C CG  . GLN A 1 51  ? 6.399   14.144  2.325   1.00 31.31 ?  48  GLN A CG  1 
ATOM   388  C CD  . GLN A 1 51  ? 6.547   15.346  3.240   1.00 33.84 ?  48  GLN A CD  1 
ATOM   389  O OE1 . GLN A 1 51  ? 7.197   15.279  4.291   1.00 28.45 ?  48  GLN A OE1 1 
ATOM   390  N NE2 . GLN A 1 51  ? 5.928   16.456  2.847   1.00 35.03 ?  48  GLN A NE2 1 
ATOM   391  N N   . LYS A 1 52  ? 6.322   12.569  -2.381  1.00 31.00 ?  49  LYS A N   1 
ATOM   392  C CA  . LYS A 1 52  ? 6.342   12.742  -3.833  1.00 32.86 ?  49  LYS A CA  1 
ATOM   393  C C   . LYS A 1 52  ? 5.052   13.375  -4.331  1.00 41.00 ?  49  LYS A C   1 
ATOM   394  O O   . LYS A 1 52  ? 5.072   14.167  -5.281  1.00 51.44 ?  49  LYS A O   1 
ATOM   395  C CB  . LYS A 1 52  ? 6.561   11.381  -4.518  1.00 35.86 ?  49  LYS A CB  1 
ATOM   396  C CG  . LYS A 1 52  ? 6.669   11.486  -6.054  1.00 46.52 ?  49  LYS A CG  1 
ATOM   397  C CD  . LYS A 1 52  ? 6.937   10.190  -6.859  1.00 47.92 ?  49  LYS A CD  1 
ATOM   398  C CE  . LYS A 1 52  ? 6.970   10.588  -8.367  1.00 52.58 ?  49  LYS A CE  1 
ATOM   399  N NZ  . LYS A 1 52  ? 7.212   9.561   -9.451  1.00 60.61 ?  49  LYS A NZ  1 
ATOM   400  N N   . ASN A 1 53  ? 3.940   13.093  -3.675  1.00 35.08 ?  50  ASN A N   1 
ATOM   401  C CA  . ASN A 1 53  ? 2.660   13.592  -4.134  1.00 41.77 ?  50  ASN A CA  1 
ATOM   402  C C   . ASN A 1 53  ? 2.091   14.658  -3.193  1.00 35.92 ?  50  ASN A C   1 
ATOM   403  O O   . ASN A 1 53  ? 0.907   14.638  -2.852  1.00 44.79 ?  50  ASN A O   1 
ATOM   404  C CB  . ASN A 1 53  ? 1.701   12.398  -4.304  1.00 37.08 ?  50  ASN A CB  1 
ATOM   405  C CG  . ASN A 1 53  ? 2.308   11.272  -5.184  1.00 40.49 ?  50  ASN A CG  1 
ATOM   406  O OD1 . ASN A 1 53  ? 2.808   10.260  -4.679  1.00 32.35 ?  50  ASN A OD1 1 
ATOM   407  N ND2 . ASN A 1 53  ? 2.261   11.459  -6.512  1.00 39.71 ?  50  ASN A ND2 1 
ATOM   408  N N   . GLY A 1 57  ? -2.261  14.084  -0.691  1.00 28.45 ?  54  GLY A N   1 
ATOM   409  C CA  . GLY A 1 57  ? -1.756  14.489  0.623   1.00 31.29 ?  54  GLY A CA  1 
ATOM   410  C C   . GLY A 1 57  ? -1.467  13.399  1.671   1.00 32.28 ?  54  GLY A C   1 
ATOM   411  O O   . GLY A 1 57  ? -1.167  13.710  2.843   1.00 24.24 ?  54  GLY A O   1 
ATOM   412  N N   . TYR A 1 58  ? -1.567  12.131  1.258   1.00 22.47 ?  55  TYR A N   1 
ATOM   413  C CA  . TYR A 1 58  ? -1.430  10.997  2.173   1.00 20.09 ?  55  TYR A CA  1 
ATOM   414  C C   . TYR A 1 58  ? -0.037  10.910  2.788   1.00 18.45 ?  55  TYR A C   1 
ATOM   415  O O   . TYR A 1 58  ? 0.976   11.100  2.102   1.00 18.82 ?  55  TYR A O   1 
ATOM   416  C CB  . TYR A 1 58  ? -1.730  9.710   1.416   1.00 21.13 ?  55  TYR A CB  1 
ATOM   417  C CG  . TYR A 1 58  ? -3.117  9.657   0.778   1.00 21.42 ?  55  TYR A CG  1 
ATOM   418  C CD1 . TYR A 1 58  ? -3.275  9.897   -0.588  1.00 21.84 ?  55  TYR A CD1 1 
ATOM   419  C CD2 . TYR A 1 58  ? -4.258  9.398   1.537   1.00 21.93 ?  55  TYR A CD2 1 
ATOM   420  C CE1 . TYR A 1 58  ? -4.505  9.855   -1.171  1.00 18.76 ?  55  TYR A CE1 1 
ATOM   421  C CE2 . TYR A 1 58  ? -5.508  9.348   0.949   1.00 21.83 ?  55  TYR A CE2 1 
ATOM   422  C CZ  . TYR A 1 58  ? -5.616  9.588   -0.409  1.00 25.58 ?  55  TYR A CZ  1 
ATOM   423  O OH  . TYR A 1 58  ? -6.844  9.553   -1.015  1.00 30.13 ?  55  TYR A OH  1 
ATOM   424  N N   . THR A 1 59  ? 0.019   10.585  4.100   1.00 16.51 ?  56  THR A N   1 
ATOM   425  C CA  . THR A 1 59  ? 1.281   10.573  4.847   1.00 16.48 ?  56  THR A CA  1 
ATOM   426  C C   . THR A 1 59  ? 1.644   9.225   5.473   1.00 15.04 ?  56  THR A C   1 
ATOM   427  O O   . THR A 1 59  ? 2.821   9.013   5.775   1.00 14.09 ?  56  THR A O   1 
ATOM   428  C CB  . THR A 1 59  ? 1.275   11.603  5.996   1.00 15.23 ?  56  THR A CB  1 
ATOM   429  O OG1 . THR A 1 59  ? 0.166   11.334  6.876   1.00 16.19 ?  56  THR A OG1 1 
ATOM   430  C CG2 . THR A 1 59  ? 1.251   13.052  5.483   1.00 15.60 ?  56  THR A CG2 1 
ATOM   431  N N   . HIS A 1 60  ? 0.684   8.331   5.692   1.00 13.83 ?  57  HIS A N   1 
ATOM   432  C CA  . HIS A 1 60  ? 0.933   7.091   6.414   1.00 13.17 ?  57  HIS A CA  1 
ATOM   433  C C   . HIS A 1 60  ? 0.325   5.889   5.714   1.00 14.65 ?  57  HIS A C   1 
ATOM   434  O O   . HIS A 1 60  ? -0.703  5.990   5.036   1.00 13.18 ?  57  HIS A O   1 
ATOM   435  C CB  . HIS A 1 60  ? 0.366   7.126   7.794   1.00 13.02 ?  57  HIS A CB  1 
ATOM   436  C CG  . HIS A 1 60  ? 1.042   8.104   8.691   1.00 15.40 ?  57  HIS A CG  1 
ATOM   437  N ND1 . HIS A 1 60  ? 0.839   9.465   8.590   1.00 15.63 ?  57  HIS A ND1 1 
ATOM   438  C CD2 . HIS A 1 60  ? 1.903   7.919   9.721   1.00 13.59 ?  57  HIS A CD2 1 
ATOM   439  C CE1 . HIS A 1 60  ? 1.560   10.081  9.509   1.00 16.46 ?  57  HIS A CE1 1 
ATOM   440  N NE2 . HIS A 1 60  ? 2.206   9.166   10.213  1.00 15.38 ?  57  HIS A NE2 1 
ATOM   441  N N   . ILE A 1 61  ? 0.959   4.737   5.944   1.00 13.20 ?  58  ILE A N   1 
ATOM   442  C CA  . ILE A 1 61  ? 0.545   3.443   5.411   1.00 15.80 ?  58  ILE A CA  1 
ATOM   443  C C   . ILE A 1 61  ? 0.399   2.430   6.542   1.00 15.62 ?  58  ILE A C   1 
ATOM   444  O O   . ILE A 1 61  ? 1.128   2.469   7.551   1.00 16.61 ?  58  ILE A O   1 
ATOM   445  C CB  . ILE A 1 61  ? 1.573   2.955   4.367   1.00 20.09 ?  58  ILE A CB  1 
ATOM   446  C CG1 . ILE A 1 61  ? 1.622   3.940   3.193   1.00 17.56 ?  58  ILE A CG1 1 
ATOM   447  C CG2 . ILE A 1 61  ? 1.316   1.522   3.955   1.00 23.02 ?  58  ILE A CG2 1 
ATOM   448  C CD1 . ILE A 1 61  ? 2.783   4.945   3.389   1.00 24.53 ?  58  ILE A CD1 1 
ATOM   449  N N   . VAL A 1 62  ? -0.584  1.541   6.395   1.00 14.00 ?  59  VAL A N   1 
ATOM   450  C CA  . VAL A 1 62  ? -0.746  0.392   7.283   1.00 14.20 ?  59  VAL A CA  1 
ATOM   451  C C   . VAL A 1 62  ? -0.890  -0.846  6.417   1.00 15.87 ?  59  VAL A C   1 
ATOM   452  O O   . VAL A 1 62  ? -1.714  -0.855  5.500   1.00 14.63 ?  59  VAL A O   1 
ATOM   453  C CB  . VAL A 1 62  ? -1.965  0.541   8.209   1.00 13.49 ?  59  VAL A CB  1 
ATOM   454  C CG1 . VAL A 1 62  ? -2.034  -0.633  9.183   1.00 13.02 ?  59  VAL A CG1 1 
ATOM   455  C CG2 . VAL A 1 62  ? -1.893  1.889   8.966   1.00 14.25 ?  59  VAL A CG2 1 
ATOM   456  N N   . GLU A 1 63  ? -0.082  -1.882  6.705   1.00 13.02 ?  60  GLU A N   1 
ATOM   457  C CA  . GLU A 1 63  ? -0.128  -3.188  6.031   1.00 18.18 ?  60  GLU A CA  1 
ATOM   458  C C   . GLU A 1 63  ? -0.700  -4.232  6.994   1.00 18.40 ?  60  GLU A C   1 
ATOM   459  O O   . GLU A 1 63  ? -0.063  -4.552  8.003   1.00 15.52 ?  60  GLU A O   1 
ATOM   460  C CB  . GLU A 1 63  ? 1.274   -3.622  5.592   1.00 17.33 ?  60  GLU A CB  1 
ATOM   461  C CG  . GLU A 1 63  ? 1.974   -2.713  4.613   1.00 22.75 ?  60  GLU A CG  1 
ATOM   462  C CD  . GLU A 1 63  ? 3.328   -3.292  4.161   1.00 27.53 ?  60  GLU A CD  1 
ATOM   463  O OE1 . GLU A 1 63  ? 3.365   -4.521  3.936   1.00 32.68 ?  60  GLU A OE1 1 
ATOM   464  O OE2 . GLU A 1 63  ? 4.327   -2.543  4.007   1.00 23.62 ?  60  GLU A OE2 1 
ATOM   465  N N   . VAL A 1 64  ? -1.871  -4.781  6.683   1.00 16.94 ?  61  VAL A N   1 
ATOM   466  C CA  . VAL A 1 64  ? -2.497  -5.828  7.497   1.00 23.23 ?  61  VAL A CA  1 
ATOM   467  C C   . VAL A 1 64  ? -2.494  -7.143  6.719   1.00 24.43 ?  61  VAL A C   1 
ATOM   468  O O   . VAL A 1 64  ? -2.877  -7.177  5.542   1.00 22.24 ?  61  VAL A O   1 
ATOM   469  C CB  . VAL A 1 64  ? -3.932  -5.456  7.899   1.00 20.34 ?  61  VAL A CB  1 
ATOM   470  C CG1 . VAL A 1 64  ? -4.407  -6.412  8.951   1.00 29.26 ?  61  VAL A CG1 1 
ATOM   471  C CG2 . VAL A 1 64  ? -4.008  -4.011  8.394   1.00 18.42 ?  61  VAL A CG2 1 
ATOM   472  N N   . THR A 1 65  ? -2.094  -8.228  7.380   1.00 19.96 ?  62  THR A N   1 
ATOM   473  C CA  . THR A 1 65  ? -2.015  -9.555  6.773   1.00 26.47 ?  62  THR A CA  1 
ATOM   474  C C   . THR A 1 65  ? -3.087  -10.478 7.343   1.00 31.23 ?  62  THR A C   1 
ATOM   475  O O   . THR A 1 65  ? -3.299  -10.514 8.554   1.00 28.28 ?  62  THR A O   1 
ATOM   476  C CB  . THR A 1 65  ? -0.647  -10.193 7.007   1.00 30.94 ?  62  THR A CB  1 
ATOM   477  O OG1 . THR A 1 65  ? 0.368   -9.403  6.382   1.00 29.16 ?  62  THR A OG1 1 
ATOM   478  C CG2 . THR A 1 65  ? -0.617  -11.601 6.426   1.00 35.26 ?  62  THR A CG2 1 
ATOM   479  N N   . PHE A 1 66  ? -3.739  -11.247 6.465   1.00 37.92 ?  63  PHE A N   1 
ATOM   480  C CA  . PHE A 1 66  ? -4.859  -12.127 6.839   1.00 38.70 ?  63  PHE A CA  1 
ATOM   481  C C   . PHE A 1 66  ? -4.603  -13.595 6.456   1.00 38.57 ?  63  PHE A C   1 
ATOM   482  O O   . PHE A 1 66  ? -3.978  -13.881 5.418   1.00 42.56 ?  63  PHE A O   1 
ATOM   483  C CB  . PHE A 1 66  ? -6.146  -11.624 6.172   1.00 34.17 ?  63  PHE A CB  1 
ATOM   484  C CG  . PHE A 1 66  ? -6.625  -10.314 6.712   1.00 32.81 ?  63  PHE A CG  1 
ATOM   485  C CD1 . PHE A 1 66  ? -6.318  -9.130  6.058   1.00 30.33 ?  63  PHE A CD1 1 
ATOM   486  C CD2 . PHE A 1 66  ? -7.331  -10.253 7.909   1.00 34.39 ?  63  PHE A CD2 1 
ATOM   487  C CE1 . PHE A 1 66  ? -6.744  -7.904  6.563   1.00 30.48 ?  63  PHE A CE1 1 
ATOM   488  C CE2 . PHE A 1 66  ? -7.769  -9.037  8.419   1.00 31.85 ?  63  PHE A CE2 1 
ATOM   489  C CZ  . PHE A 1 66  ? -7.476  -7.859  7.747   1.00 34.44 ?  63  PHE A CZ  1 
ATOM   490  N N   . VAL A 1 69  ? -9.434  -13.464 1.873   1.00 49.96 ?  66  VAL A N   1 
ATOM   491  C CA  . VAL A 1 69  ? -10.460 -12.479 1.504   1.00 46.99 ?  66  VAL A CA  1 
ATOM   492  C C   . VAL A 1 69  ? -11.781 -12.761 2.259   1.00 49.34 ?  66  VAL A C   1 
ATOM   493  O O   . VAL A 1 69  ? -12.495 -11.812 2.651   1.00 49.35 ?  66  VAL A O   1 
ATOM   494  C CB  . VAL A 1 69  ? -10.664 -12.427 -0.065  1.00 50.02 ?  66  VAL A CB  1 
ATOM   495  C CG1 . VAL A 1 69  ? -10.976 -13.829 -0.670  1.00 45.95 ?  66  VAL A CG1 1 
ATOM   496  C CG2 . VAL A 1 69  ? -11.730 -11.369 -0.470  1.00 42.96 ?  66  VAL A CG2 1 
ATOM   497  N N   . GLU A 1 70  ? -12.084 -14.057 2.473   1.00 51.30 ?  67  GLU A N   1 
ATOM   498  C CA  . GLU A 1 70  ? -13.279 -14.450 3.228   1.00 46.07 ?  67  GLU A CA  1 
ATOM   499  C C   . GLU A 1 70  ? -13.140 -14.094 4.698   1.00 48.97 ?  67  GLU A C   1 
ATOM   500  O O   . GLU A 1 70  ? -14.053 -13.503 5.293   1.00 50.60 ?  67  GLU A O   1 
ATOM   501  C CB  . GLU A 1 70  ? -13.542 -15.949 3.083   1.00 47.51 ?  67  GLU A CB  1 
ATOM   502  C CG  . GLU A 1 70  ? -14.042 -16.373 1.694   1.00 50.97 ?  67  GLU A CG  1 
ATOM   503  C CD  . GLU A 1 70  ? -12.938 -16.797 0.727   1.00 51.29 ?  67  GLU A CD  1 
ATOM   504  O OE1 . GLU A 1 70  ? -11.746 -16.601 1.047   1.00 53.54 ?  67  GLU A OE1 1 
ATOM   505  O OE2 . GLU A 1 70  ? -13.290 -17.322 -0.351  1.00 46.90 ?  67  GLU A OE2 1 
ATOM   506  N N   . THR A 1 71  ? -12.003 -14.469 5.302   1.00 49.05 ?  68  THR A N   1 
ATOM   507  C CA  . THR A 1 71  ? -11.626 -14.056 6.650   1.00 44.60 ?  68  THR A CA  1 
ATOM   508  C C   . THR A 1 71  ? -11.404 -12.537 6.770   1.00 47.89 ?  68  THR A C   1 
ATOM   509  O O   . THR A 1 71  ? -11.090 -12.051 7.862   1.00 48.94 ?  68  THR A O   1 
ATOM   510  C CB  . THR A 1 71  ? -10.361 -14.814 7.102   1.00 47.04 ?  68  THR A CB  1 
ATOM   511  O OG1 . THR A 1 71  ? -9.254  -14.511 6.231   1.00 48.32 ?  68  THR A OG1 1 
ATOM   512  C CG2 . THR A 1 71  ? -10.604 -16.342 7.119   1.00 40.12 ?  68  THR A CG2 1 
ATOM   513  N N   . ILE A 1 72  ? -11.535 -11.773 5.669   1.00 47.12 ?  69  ILE A N   1 
ATOM   514  C CA  . ILE A 1 72  ? -11.557 -10.309 5.771   1.00 46.64 ?  69  ILE A CA  1 
ATOM   515  C C   . ILE A 1 72  ? -12.940 -9.825  6.190   1.00 44.54 ?  69  ILE A C   1 
ATOM   516  O O   . ILE A 1 72  ? -13.077 -8.839  6.929   1.00 42.98 ?  69  ILE A O   1 
ATOM   517  C CB  . ILE A 1 72  ? -11.113 -9.629  4.453   1.00 47.07 ?  69  ILE A CB  1 
ATOM   518  C CG1 . ILE A 1 72  ? -9.616  -9.813  4.201   1.00 41.46 ?  69  ILE A CG1 1 
ATOM   519  C CG2 . ILE A 1 72  ? -11.470 -8.116  4.446   1.00 42.28 ?  69  ILE A CG2 1 
ATOM   520  C CD1 . ILE A 1 72  ? -9.077  -8.812  3.187   1.00 38.11 ?  69  ILE A CD1 1 
ATOM   521  N N   . GLN A 1 73  ? -13.990 -10.495 5.721   1.00 45.55 ?  70  GLN A N   1 
ATOM   522  C CA  . GLN A 1 73  ? -15.319 -10.139 6.194   1.00 45.68 ?  70  GLN A CA  1 
ATOM   523  C C   . GLN A 1 73  ? -15.416 -10.294 7.705   1.00 46.38 ?  70  GLN A C   1 
ATOM   524  O O   . GLN A 1 73  ? -16.050 -9.469  8.374   1.00 44.58 ?  70  GLN A O   1 
ATOM   525  C CB  . GLN A 1 73  ? -16.376 -10.979 5.479   1.00 45.60 ?  70  GLN A CB  1 
ATOM   526  C CG  . GLN A 1 73  ? -17.722 -10.305 5.459   1.00 45.01 ?  70  GLN A CG  1 
ATOM   527  C CD  . GLN A 1 73  ? -17.639 -8.914  4.860   1.00 50.40 ?  70  GLN A CD  1 
ATOM   528  O OE1 . GLN A 1 73  ? -16.866 -8.668  3.919   1.00 50.29 ?  70  GLN A OE1 1 
ATOM   529  N NE2 . GLN A 1 73  ? -18.439 -7.990  5.402   1.00 41.77 ?  70  GLN A NE2 1 
ATOM   530  N N   . ASP A 1 74  ? -14.775 -11.330 8.262   1.00 41.48 ?  71  ASP A N   1 
ATOM   531  C CA  . ASP A 1 74  ? -14.799 -11.531 9.710   1.00 46.23 ?  71  ASP A CA  1 
ATOM   532  C C   . ASP A 1 74  ? -14.166 -10.345 10.441  1.00 46.03 ?  71  ASP A C   1 
ATOM   533  O O   . ASP A 1 74  ? -14.725 -9.822  11.419  1.00 40.36 ?  71  ASP A O   1 
ATOM   534  C CB  . ASP A 1 74  ? -14.077 -12.832 10.065  1.00 48.00 ?  71  ASP A CB  1 
ATOM   535  C CG  . ASP A 1 74  ? -14.778 -14.058 9.506   1.00 49.36 ?  71  ASP A CG  1 
ATOM   536  O OD1 . ASP A 1 74  ? -16.018 -13.997 9.318   1.00 48.15 ?  71  ASP A OD1 1 
ATOM   537  O OD2 . ASP A 1 74  ? -14.091 -15.076 9.254   1.00 51.69 ?  71  ASP A OD2 1 
ATOM   538  N N   . TYR A 1 75  ? -12.988 -9.913  9.974   1.00 42.63 ?  72  TYR A N   1 
ATOM   539  C CA  . TYR A 1 75  ? -12.354 -8.704  10.494  1.00 35.85 ?  72  TYR A CA  1 
ATOM   540  C C   . TYR A 1 75  ? -13.277 -7.481  10.395  1.00 40.03 ?  72  TYR A C   1 
ATOM   541  O O   . TYR A 1 75  ? -13.459 -6.751  11.380  1.00 40.88 ?  72  TYR A O   1 
ATOM   542  C CB  . TYR A 1 75  ? -11.037 -8.474  9.750   1.00 35.44 ?  72  TYR A CB  1 
ATOM   543  C CG  . TYR A 1 75  ? -10.525 -7.049  9.758   1.00 37.89 ?  72  TYR A CG  1 
ATOM   544  C CD1 . TYR A 1 75  ? -9.824  -6.553  10.845  1.00 34.35 ?  72  TYR A CD1 1 
ATOM   545  C CD2 . TYR A 1 75  ? -10.728 -6.207  8.657   1.00 39.79 ?  72  TYR A CD2 1 
ATOM   546  C CE1 . TYR A 1 75  ? -9.341  -5.253  10.854  1.00 38.39 ?  72  TYR A CE1 1 
ATOM   547  C CE2 . TYR A 1 75  ? -10.257 -4.907  8.651   1.00 36.64 ?  72  TYR A CE2 1 
ATOM   548  C CZ  . TYR A 1 75  ? -9.563  -4.429  9.755   1.00 41.13 ?  72  TYR A CZ  1 
ATOM   549  O OH  . TYR A 1 75  ? -9.085  -3.124  9.760   1.00 45.30 ?  72  TYR A OH  1 
ATOM   550  N N   . ILE A 1 76  ? -13.882 -7.251  9.216   1.00 43.64 ?  73  ILE A N   1 
ATOM   551  C CA  . ILE A 1 76  ? -14.620 -6.009  8.961   1.00 41.62 ?  73  ILE A CA  1 
ATOM   552  C C   . ILE A 1 76  ? -15.759 -5.848  9.955   1.00 41.46 ?  73  ILE A C   1 
ATOM   553  O O   . ILE A 1 76  ? -15.923 -4.787  10.573  1.00 42.58 ?  73  ILE A O   1 
ATOM   554  C CB  . ILE A 1 76  ? -15.138 -5.967  7.507   1.00 40.53 ?  73  ILE A CB  1 
ATOM   555  C CG1 . ILE A 1 76  ? -14.013 -5.600  6.527   1.00 44.10 ?  73  ILE A CG1 1 
ATOM   556  C CG2 . ILE A 1 76  ? -16.310 -4.998  7.381   1.00 39.17 ?  73  ILE A CG2 1 
ATOM   557  C CD1 . ILE A 1 76  ? -14.358 -5.881  5.049   1.00 47.70 ?  73  ILE A CD1 1 
ATOM   558  N N   . ILE A 1 77  ? -16.580 -6.890  10.100  1.00 39.97 ?  74  ILE A N   1 
ATOM   559  C CA  . ILE A 1 77  ? -17.717 -6.831  11.020  1.00 37.63 ?  74  ILE A CA  1 
ATOM   560  C C   . ILE A 1 77  ? -17.287 -6.909  12.479  1.00 37.70 ?  74  ILE A C   1 
ATOM   561  O O   . ILE A 1 77  ? -18.070 -6.520  13.358  1.00 34.84 ?  74  ILE A O   1 
ATOM   562  C CB  . ILE A 1 77  ? -18.740 -7.954  10.722  1.00 44.87 ?  74  ILE A CB  1 
ATOM   563  C CG1 . ILE A 1 77  ? -18.032 -9.305  10.518  1.00 43.12 ?  74  ILE A CG1 1 
ATOM   564  C CG2 . ILE A 1 77  ? -19.634 -7.596  9.537   1.00 46.88 ?  74  ILE A CG2 1 
ATOM   565  C CD1 . ILE A 1 77  ? -18.916 -10.443 10.013  1.00 40.98 ?  74  ILE A CD1 1 
ATOM   566  N N   . HIS A 1 78  ? -16.064 -7.379  12.752  1.00 38.73 ?  75  HIS A N   1 
ATOM   567  C CA  . HIS A 1 78  ? -15.656 -7.719  14.115  1.00 34.38 ?  75  HIS A CA  1 
ATOM   568  C C   . HIS A 1 78  ? -15.860 -6.539  15.066  1.00 28.90 ?  75  HIS A C   1 
ATOM   569  O O   . HIS A 1 78  ? -15.588 -5.387  14.706  1.00 31.00 ?  75  HIS A O   1 
ATOM   570  C CB  . HIS A 1 78  ? -14.190 -8.173  14.145  1.00 30.36 ?  75  HIS A CB  1 
ATOM   571  C CG  . HIS A 1 78  ? -13.781 -8.810  15.442  1.00 31.19 ?  75  HIS A CG  1 
ATOM   572  N ND1 . HIS A 1 78  ? -13.940 -8.189  16.667  1.00 28.44 ?  75  HIS A ND1 1 
ATOM   573  C CD2 . HIS A 1 78  ? -13.220 -10.016 15.701  1.00 31.30 ?  75  HIS A CD2 1 
ATOM   574  C CE1 . HIS A 1 78  ? -13.501 -8.990  17.622  1.00 30.25 ?  75  HIS A CE1 1 
ATOM   575  N NE2 . HIS A 1 78  ? -13.063 -10.107 17.064  1.00 29.81 ?  75  HIS A NE2 1 
ATOM   576  N N   . PRO A 1 79  ? -16.366 -6.784  16.279  1.00 35.41 ?  76  PRO A N   1 
ATOM   577  C CA  . PRO A 1 79  ? -16.640 -5.654  17.184  1.00 35.24 ?  76  PRO A CA  1 
ATOM   578  C C   . PRO A 1 79  ? -15.405 -4.838  17.501  1.00 26.77 ?  76  PRO A C   1 
ATOM   579  O O   . PRO A 1 79  ? -15.494 -3.605  17.593  1.00 29.98 ?  76  PRO A O   1 
ATOM   580  C CB  . PRO A 1 79  ? -17.204 -6.337  18.438  1.00 34.44 ?  76  PRO A CB  1 
ATOM   581  C CG  . PRO A 1 79  ? -17.801 -7.597  17.929  1.00 32.39 ?  76  PRO A CG  1 
ATOM   582  C CD  . PRO A 1 79  ? -16.946 -8.046  16.776  1.00 31.00 ?  76  PRO A CD  1 
ATOM   583  N N   . ALA A 1 80  ? -14.246 -5.486  17.650  1.00 29.32 ?  77  ALA A N   1 
ATOM   584  C CA  . ALA A 1 80  ? -13.029 -4.727  17.936  1.00 29.94 ?  77  ALA A CA  1 
ATOM   585  C C   . ALA A 1 80  ? -12.660 -3.814  16.769  1.00 28.17 ?  77  ALA A C   1 
ATOM   586  O O   . ALA A 1 80  ? -12.251 -2.664  16.980  1.00 28.70 ?  77  ALA A O   1 
ATOM   587  C CB  . ALA A 1 80  ? -11.886 -5.671  18.282  1.00 24.39 ?  77  ALA A CB  1 
ATOM   588  N N   . HIS A 1 81  ? -12.792 -4.300  15.523  1.00 32.00 ?  78  HIS A N   1 
ATOM   589  C CA  . HIS A 1 81  ? -12.503 -3.422  14.382  1.00 29.33 ?  78  HIS A CA  1 
ATOM   590  C C   . HIS A 1 81  ? -13.533 -2.303  14.268  1.00 28.56 ?  78  HIS A C   1 
ATOM   591  O O   . HIS A 1 81  ? -13.173 -1.137  14.036  1.00 26.30 ?  78  HIS A O   1 
ATOM   592  C CB  . HIS A 1 81  ? -12.453 -4.187  13.061  1.00 31.84 ?  78  HIS A CB  1 
ATOM   593  C CG  . HIS A 1 81  ? -12.381 -3.273  11.874  1.00 38.39 ?  78  HIS A CG  1 
ATOM   594  N ND1 . HIS A 1 81  ? -13.399 -3.161  10.949  1.00 36.46 ?  78  HIS A ND1 1 
ATOM   595  C CD2 . HIS A 1 81  ? -11.443 -2.360  11.515  1.00 35.04 ?  78  HIS A CD2 1 
ATOM   596  C CE1 . HIS A 1 81  ? -13.069 -2.253  10.047  1.00 40.57 ?  78  HIS A CE1 1 
ATOM   597  N NE2 . HIS A 1 81  ? -11.888 -1.750  10.368  1.00 37.84 ?  78  HIS A NE2 1 
ATOM   598  N N   . VAL A 1 82  ? -14.817 -2.633  14.417  1.00 27.45 ?  79  VAL A N   1 
ATOM   599  C CA  . VAL A 1 82  ? -15.855 -1.600  14.411  1.00 28.46 ?  79  VAL A CA  1 
ATOM   600  C C   . VAL A 1 82  ? -15.586 -0.581  15.512  1.00 28.79 ?  79  VAL A C   1 
ATOM   601  O O   . VAL A 1 82  ? -15.644 0.636   15.284  1.00 28.14 ?  79  VAL A O   1 
ATOM   602  C CB  . VAL A 1 82  ? -17.255 -2.233  14.565  1.00 26.61 ?  79  VAL A CB  1 
ATOM   603  C CG1 . VAL A 1 82  ? -18.313 -1.145  14.841  1.00 31.17 ?  79  VAL A CG1 1 
ATOM   604  C CG2 . VAL A 1 82  ? -17.608 -3.050  13.335  1.00 32.90 ?  79  VAL A CG2 1 
ATOM   605  N N   . GLY A 1 83  ? -15.305 -1.074  16.727  1.00 26.64 ?  80  GLY A N   1 
ATOM   606  C CA  . GLY A 1 83  ? -15.004 -0.187  17.843  1.00 28.17 ?  80  GLY A CA  1 
ATOM   607  C C   . GLY A 1 83  ? -13.807 0.713   17.590  1.00 31.60 ?  80  GLY A C   1 
ATOM   608  O O   . GLY A 1 83  ? -13.805 1.878   17.995  1.00 31.97 ?  80  GLY A O   1 
ATOM   609  N N   . PHE A 1 84  ? -12.757 0.182   16.943  1.00 32.12 ?  81  PHE A N   1 
ATOM   610  C CA  . PHE A 1 84  ? -11.597 1.014   16.609  1.00 26.43 ?  81  PHE A CA  1 
ATOM   611  C C   . PHE A 1 84  ? -11.999 2.178   15.715  1.00 26.32 ?  81  PHE A C   1 
ATOM   612  O O   . PHE A 1 84  ? -11.598 3.326   15.948  1.00 23.90 ?  81  PHE A O   1 
ATOM   613  C CB  . PHE A 1 84  ? -10.490 0.189   15.933  1.00 24.39 ?  81  PHE A CB  1 
ATOM   614  C CG  . PHE A 1 84  ? -9.259  1.011   15.574  1.00 25.66 ?  81  PHE A CG  1 
ATOM   615  C CD1 . PHE A 1 84  ? -8.216  1.144   16.475  1.00 23.63 ?  81  PHE A CD1 1 
ATOM   616  C CD2 . PHE A 1 84  ? -9.168  1.677   14.347  1.00 26.01 ?  81  PHE A CD2 1 
ATOM   617  C CE1 . PHE A 1 84  ? -7.081  1.920   16.174  1.00 26.63 ?  81  PHE A CE1 1 
ATOM   618  C CE2 . PHE A 1 84  ? -8.027  2.457   14.035  1.00 32.66 ?  81  PHE A CE2 1 
ATOM   619  C CZ  . PHE A 1 84  ? -6.984  2.571   14.956  1.00 23.10 ?  81  PHE A CZ  1 
ATOM   620  N N   . GLY A 1 85  ? -12.789 1.904   14.677  1.00 25.04 ?  82  GLY A N   1 
ATOM   621  C CA  . GLY A 1 85  ? -13.279 2.989   13.849  1.00 27.93 ?  82  GLY A CA  1 
ATOM   622  C C   . GLY A 1 85  ? -14.143 3.965   14.619  1.00 34.79 ?  82  GLY A C   1 
ATOM   623  O O   . GLY A 1 85  ? -14.058 5.178   14.406  1.00 34.40 ?  82  GLY A O   1 
ATOM   624  N N   . ASP A 1 86  ? -14.965 3.455   15.556  1.00 34.64 ?  83  ASP A N   1 
ATOM   625  C CA  . ASP A 1 86  ? -15.799 4.340   16.373  1.00 36.08 ?  83  ASP A CA  1 
ATOM   626  C C   . ASP A 1 86  ? -14.937 5.269   17.231  1.00 35.61 ?  83  ASP A C   1 
ATOM   627  O O   . ASP A 1 86  ? -15.285 6.442   17.424  1.00 37.86 ?  83  ASP A O   1 
ATOM   628  C CB  . ASP A 1 86  ? -16.751 3.533   17.278  1.00 32.67 ?  83  ASP A CB  1 
ATOM   629  C CG  . ASP A 1 86  ? -17.888 2.835   16.494  1.00 38.88 ?  83  ASP A CG  1 
ATOM   630  O OD1 . ASP A 1 86  ? -18.226 3.286   15.362  1.00 35.65 ?  83  ASP A OD1 1 
ATOM   631  O OD2 . ASP A 1 86  ? -18.472 1.856   17.038  1.00 36.70 ?  83  ASP A OD2 1 
ATOM   632  N N   . VAL A 1 87  ? -13.814 4.774   17.744  1.00 29.04 ?  84  VAL A N   1 
ATOM   633  C CA  . VAL A 1 87  ? -12.961 5.620   18.575  1.00 33.43 ?  84  VAL A CA  1 
ATOM   634  C C   . VAL A 1 87  ? -12.247 6.688   17.733  1.00 33.08 ?  84  VAL A C   1 
ATOM   635  O O   . VAL A 1 87  ? -12.244 7.879   18.071  1.00 34.63 ?  84  VAL A O   1 
ATOM   636  C CB  . VAL A 1 87  ? -11.964 4.755   19.366  1.00 32.17 ?  84  VAL A CB  1 
ATOM   637  C CG1 . VAL A 1 87  ? -10.992 5.665   20.170  1.00 30.25 ?  84  VAL A CG1 1 
ATOM   638  C CG2 . VAL A 1 87  ? -12.709 3.812   20.304  1.00 29.75 ?  84  VAL A CG2 1 
ATOM   639  N N   . TYR A 1 88  ? -11.627 6.290   16.630  1.00 28.07 ?  85  TYR A N   1 
ATOM   640  C CA  . TYR A 1 88  ? -10.580 7.120   16.056  1.00 27.44 ?  85  TYR A CA  1 
ATOM   641  C C   . TYR A 1 88  ? -10.922 7.741   14.723  1.00 30.62 ?  85  TYR A C   1 
ATOM   642  O O   . TYR A 1 88  ? -10.044 8.377   14.128  1.00 27.26 ?  85  TYR A O   1 
ATOM   643  C CB  . TYR A 1 88  ? -9.283  6.322   15.902  1.00 26.43 ?  85  TYR A CB  1 
ATOM   644  C CG  . TYR A 1 88  ? -8.642  5.935   17.210  1.00 28.05 ?  85  TYR A CG  1 
ATOM   645  C CD1 . TYR A 1 88  ? -8.739  4.629   17.695  1.00 25.12 ?  85  TYR A CD1 1 
ATOM   646  C CD2 . TYR A 1 88  ? -7.924  6.885   17.973  1.00 28.23 ?  85  TYR A CD2 1 
ATOM   647  C CE1 . TYR A 1 88  ? -8.156  4.267   18.900  1.00 25.35 ?  85  TYR A CE1 1 
ATOM   648  C CE2 . TYR A 1 88  ? -7.326  6.531   19.179  1.00 22.90 ?  85  TYR A CE2 1 
ATOM   649  C CZ  . TYR A 1 88  ? -7.457  5.234   19.642  1.00 25.03 ?  85  TYR A CZ  1 
ATOM   650  O OH  . TYR A 1 88  ? -6.881  4.853   20.829  1.00 27.81 ?  85  TYR A OH  1 
ATOM   651  N N   . ARG A 1 89  ? -12.150 7.578   14.210  1.00 32.52 ?  86  ARG A N   1 
ATOM   652  C CA  . ARG A 1 89  ? -12.357 8.063   12.851  1.00 31.18 ?  86  ARG A CA  1 
ATOM   653  C C   . ARG A 1 89  ? -12.335 9.578   12.769  1.00 29.60 ?  86  ARG A C   1 
ATOM   654  O O   . ARG A 1 89  ? -12.200 10.118  11.669  1.00 30.47 ?  86  ARG A O   1 
ATOM   655  C CB  . ARG A 1 89  ? -13.652 7.527   12.240  1.00 32.74 ?  86  ARG A CB  1 
ATOM   656  C CG  . ARG A 1 89  ? -14.933 7.988   12.870  1.00 41.51 ?  86  ARG A CG  1 
ATOM   657  C CD  . ARG A 1 89  ? -16.085 7.263   12.180  1.00 50.87 ?  86  ARG A CD  1 
ATOM   658  N NE  . ARG A 1 89  ? -17.372 7.704   12.718  1.00 68.06 ?  86  ARG A NE  1 
ATOM   659  C CZ  . ARG A 1 89  ? -17.926 7.225   13.833  1.00 59.02 ?  86  ARG A CZ  1 
ATOM   660  N NH1 . ARG A 1 89  ? -17.295 6.289   14.545  1.00 55.45 ?  86  ARG A NH1 1 
ATOM   661  N NH2 . ARG A 1 89  ? -19.113 7.680   14.239  1.00 65.35 ?  86  ARG A NH2 1 
ATOM   662  N N   . SER A 1 90  ? -12.446 10.285  13.894  1.00 31.63 ?  87  SER A N   1 
ATOM   663  C CA  . SER A 1 90  ? -12.276 11.726  13.807  1.00 33.61 ?  87  SER A CA  1 
ATOM   664  C C   . SER A 1 90  ? -10.834 12.115  13.479  1.00 31.73 ?  87  SER A C   1 
ATOM   665  O O   . SER A 1 90  ? -10.591 13.270  13.112  1.00 28.58 ?  87  SER A O   1 
ATOM   666  C CB  . SER A 1 90  ? -12.702 12.382  15.123  1.00 36.14 ?  87  SER A CB  1 
ATOM   667  O OG  . SER A 1 90  ? -11.787 12.049  16.160  1.00 34.87 ?  87  SER A OG  1 
ATOM   668  N N   . PHE A 1 91  ? -9.878  11.178  13.594  1.00 32.21 ?  88  PHE A N   1 
ATOM   669  C CA  . PHE A 1 91  ? -8.456  11.486  13.414  1.00 29.00 ?  88  PHE A CA  1 
ATOM   670  C C   . PHE A 1 91  ? -8.083  11.710  11.961  1.00 23.97 ?  88  PHE A C   1 
ATOM   671  O O   . PHE A 1 91  ? -7.179  12.492  11.675  1.00 28.63 ?  88  PHE A O   1 
ATOM   672  C CB  . PHE A 1 91  ? -7.566  10.357  13.973  1.00 27.12 ?  88  PHE A CB  1 
ATOM   673  C CG  . PHE A 1 91  ? -7.331  10.413  15.464  1.00 25.90 ?  88  PHE A CG  1 
ATOM   674  C CD1 . PHE A 1 91  ? -8.271  10.973  16.328  1.00 30.33 ?  88  PHE A CD1 1 
ATOM   675  C CD2 . PHE A 1 91  ? -6.181  9.866   16.006  1.00 27.70 ?  88  PHE A CD2 1 
ATOM   676  C CE1 . PHE A 1 91  ? -8.047  11.006  17.710  1.00 28.31 ?  88  PHE A CE1 1 
ATOM   677  C CE2 . PHE A 1 91  ? -5.952  9.894   17.392  1.00 28.61 ?  88  PHE A CE2 1 
ATOM   678  C CZ  . PHE A 1 91  ? -6.891  10.467  18.242  1.00 26.04 ?  88  PHE A CZ  1 
ATOM   679  N N   . TRP A 1 92  ? -8.714  11.024  11.026  1.00 28.12 ?  89  TRP A N   1 
ATOM   680  C CA  . TRP A 1 92  ? -8.211  11.045  9.662   1.00 28.72 ?  89  TRP A CA  1 
ATOM   681  C C   . TRP A 1 92  ? -9.049  11.958  8.783   1.00 31.90 ?  89  TRP A C   1 
ATOM   682  O O   . TRP A 1 92  ? -10.280 12.008  8.903   1.00 33.09 ?  89  TRP A O   1 
ATOM   683  C CB  . TRP A 1 92  ? -8.156  9.638   9.062   1.00 29.87 ?  89  TRP A CB  1 
ATOM   684  C CG  . TRP A 1 92  ? -9.459  8.863   8.994   1.00 28.99 ?  89  TRP A CG  1 
ATOM   685  C CD1 . TRP A 1 92  ? -10.503 9.071   8.120   1.00 28.40 ?  89  TRP A CD1 1 
ATOM   686  C CD2 . TRP A 1 92  ? -9.809  7.700   9.761   1.00 27.58 ?  89  TRP A CD2 1 
ATOM   687  N NE1 . TRP A 1 92  ? -11.495 8.130   8.331   1.00 27.12 ?  89  TRP A NE1 1 
ATOM   688  C CE2 . TRP A 1 92  ? -11.095 7.277   9.326   1.00 27.70 ?  89  TRP A CE2 1 
ATOM   689  C CE3 . TRP A 1 92  ? -9.168  6.977   10.777  1.00 28.27 ?  89  TRP A CE3 1 
ATOM   690  C CZ2 . TRP A 1 92  ? -11.745 6.166   9.870   1.00 25.78 ?  89  TRP A CZ2 1 
ATOM   691  C CZ3 . TRP A 1 92  ? -9.820  5.881   11.323  1.00 33.22 ?  89  TRP A CZ3 1 
ATOM   692  C CH2 . TRP A 1 92  ? -11.099 5.482   10.861  1.00 30.85 ?  89  TRP A CH2 1 
ATOM   693  N N   . GLU A 1 93  ? -8.352  12.700  7.927   1.00 27.39 ?  90  GLU A N   1 
ATOM   694  C CA  . GLU A 1 93  ? -8.931  13.576  6.925   1.00 29.67 ?  90  GLU A CA  1 
ATOM   695  C C   . GLU A 1 93  ? -9.293  12.832  5.654   1.00 38.49 ?  90  GLU A C   1 
ATOM   696  O O   . GLU A 1 93  ? -10.293 13.178  5.013   1.00 35.53 ?  90  GLU A O   1 
ATOM   697  C CB  . GLU A 1 93  ? -7.942  14.694  6.592   1.00 30.81 ?  90  GLU A CB  1 
ATOM   698  C CG  . GLU A 1 93  ? -8.385  15.655  5.498   1.00 34.18 ?  90  GLU A CG  1 
ATOM   699  C CD  . GLU A 1 93  ? -7.413  16.804  5.333   1.00 33.23 ?  90  GLU A CD  1 
ATOM   700  O OE1 . GLU A 1 93  ? -6.974  17.356  6.355   1.00 34.58 ?  90  GLU A OE1 1 
ATOM   701  O OE2 . GLU A 1 93  ? -7.090  17.161  4.183   1.00 42.49 ?  90  GLU A OE2 1 
ATOM   702  N N   . LYS A 1 94  ? -8.496  11.835  5.262   1.00 31.55 ?  91  LYS A N   1 
ATOM   703  C CA  . LYS A 1 94  ? -8.915  10.947  4.186   1.00 32.53 ?  91  LYS A CA  1 
ATOM   704  C C   . LYS A 1 94  ? -8.129  9.648   4.254   1.00 28.72 ?  91  LYS A C   1 
ATOM   705  O O   . LYS A 1 94  ? -7.081  9.560   4.902   1.00 25.35 ?  91  LYS A O   1 
ATOM   706  C CB  . LYS A 1 94  ? -8.787  11.605  2.804   1.00 35.43 ?  91  LYS A CB  1 
ATOM   707  C CG  . LYS A 1 94  ? -7.525  12.350  2.530   1.00 35.19 ?  91  LYS A CG  1 
ATOM   708  C CD  . LYS A 1 94  ? -7.595  12.907  1.102   1.00 38.62 ?  91  LYS A CD  1 
ATOM   709  C CE  . LYS A 1 94  ? -6.357  13.740  0.735   1.00 34.99 ?  91  LYS A CE  1 
ATOM   710  N NZ  . LYS A 1 94  ? -6.097  13.668  -0.749  1.00 39.56 ?  91  LYS A NZ  1 
ATOM   711  N N   . LEU A 1 95  ? -8.690  8.622   3.618   1.00 28.15 ?  92  LEU A N   1 
ATOM   712  C CA  . LEU A 1 95  ? -8.067  7.313   3.611   1.00 30.05 ?  92  LEU A CA  1 
ATOM   713  C C   . LEU A 1 95  ? -8.496  6.543   2.383   1.00 25.57 ?  92  LEU A C   1 
ATOM   714  O O   . LEU A 1 95  ? -9.613  6.698   1.885   1.00 26.02 ?  92  LEU A O   1 
ATOM   715  C CB  . LEU A 1 95  ? -8.387  6.497   4.868   1.00 29.89 ?  92  LEU A CB  1 
ATOM   716  C CG  . LEU A 1 95  ? -9.826  6.116   5.113   1.00 33.91 ?  92  LEU A CG  1 
ATOM   717  C CD1 . LEU A 1 95  ? -10.173 4.830   4.375   1.00 34.17 ?  92  LEU A CD1 1 
ATOM   718  C CD2 . LEU A 1 95  ? -10.002 5.913   6.588   1.00 33.41 ?  92  LEU A CD2 1 
ATOM   719  N N   . LEU A 1 96  ? -7.583  5.698   1.928   1.00 21.79 ?  93  LEU A N   1 
ATOM   720  C CA  . LEU A 1 96  ? -7.797  4.714   0.881   1.00 21.64 ?  93  LEU A CA  1 
ATOM   721  C C   . LEU A 1 96  ? -7.628  3.340   1.506   1.00 21.13 ?  93  LEU A C   1 
ATOM   722  O O   . LEU A 1 96  ? -6.786  3.160   2.398   1.00 16.72 ?  93  LEU A O   1 
ATOM   723  C CB  . LEU A 1 96  ? -6.784  4.909   -0.246  1.00 19.40 ?  93  LEU A CB  1 
ATOM   724  C CG  . LEU A 1 96  ? -6.866  6.239   -0.981  1.00 24.17 ?  93  LEU A CG  1 
ATOM   725  C CD1 . LEU A 1 96  ? -5.621  6.513   -1.808  1.00 19.91 ?  93  LEU A CD1 1 
ATOM   726  C CD2 . LEU A 1 96  ? -8.102  6.246   -1.868  1.00 31.10 ?  93  LEU A CD2 1 
ATOM   727  N N   . ILE A 1 97  ? -8.443  2.382   1.068   1.00 17.44 ?  94  ILE A N   1 
ATOM   728  C CA  . ILE A 1 97  ? -8.347  1.003   1.540   1.00 19.63 ?  94  ILE A CA  1 
ATOM   729  C C   . ILE A 1 97  ? -8.313  0.079   0.327   1.00 19.05 ?  94  ILE A C   1 
ATOM   730  O O   . ILE A 1 97  ? -9.098  0.255   -0.612  1.00 19.61 ?  94  ILE A O   1 
ATOM   731  C CB  . ILE A 1 97  ? -9.497  0.616   2.499   1.00 22.17 ?  94  ILE A CB  1 
ATOM   732  C CG1 . ILE A 1 97  ? -9.513  1.534   3.726   1.00 18.84 ?  94  ILE A CG1 1 
ATOM   733  C CG2 . ILE A 1 97  ? -9.345  -0.850  2.949   1.00 20.75 ?  94  ILE A CG2 1 
ATOM   734  C CD1 . ILE A 1 97  ? -10.700 1.329   4.622   1.00 31.95 ?  94  ILE A CD1 1 
ATOM   735  N N   . PHE A 1 98  ? -7.362  -0.861  0.322   1.00 15.20 ?  95  PHE A N   1 
ATOM   736  C CA  . PHE A 1 98  ? -7.188  -1.826  -0.760  1.00 16.71 ?  95  PHE A CA  1 
ATOM   737  C C   . PHE A 1 98  ? -7.050  -3.212  -0.147  1.00 17.14 ?  95  PHE A C   1 
ATOM   738  O O   . PHE A 1 98  ? -6.297  -3.379  0.820   1.00 17.60 ?  95  PHE A O   1 
ATOM   739  C CB  . PHE A 1 98  ? -5.939  -1.513  -1.595  1.00 16.70 ?  95  PHE A CB  1 
ATOM   740  C CG  . PHE A 1 98  ? -5.899  -0.097  -2.163  1.00 17.19 ?  95  PHE A CG  1 
ATOM   741  C CD1 . PHE A 1 98  ? -6.618  0.232   -3.318  1.00 17.49 ?  95  PHE A CD1 1 
ATOM   742  C CD2 . PHE A 1 98  ? -5.119  0.881   -1.564  1.00 16.58 ?  95  PHE A CD2 1 
ATOM   743  C CE1 . PHE A 1 98  ? -6.593  1.534   -3.859  1.00 17.04 ?  95  PHE A CE1 1 
ATOM   744  C CE2 . PHE A 1 98  ? -5.046  2.180   -2.108  1.00 18.08 ?  95  PHE A CE2 1 
ATOM   745  C CZ  . PHE A 1 98  ? -5.796  2.514   -3.249  1.00 16.88 ?  95  PHE A CZ  1 
ATOM   746  N N   . ASP A 1 99  ? -7.733  -4.201  -0.727  1.00 14.37 ?  96  ASP A N   1 
ATOM   747  C CA  . ASP A 1 99  ? -7.562  -5.606  -0.371  1.00 15.71 ?  96  ASP A CA  1 
ATOM   748  C C   . ASP A 1 99  ? -7.031  -6.370  -1.583  1.00 16.27 ?  96  ASP A C   1 
ATOM   749  O O   . ASP A 1 99  ? -7.573  -6.242  -2.687  1.00 13.70 ?  96  ASP A O   1 
ATOM   750  C CB  . ASP A 1 99  ? -8.890  -6.216  0.102   1.00 16.49 ?  96  ASP A CB  1 
ATOM   751  C CG  . ASP A 1 99  ? -9.516  -5.430  1.242   1.00 19.32 ?  96  ASP A CG  1 
ATOM   752  O OD1 . ASP A 1 99  ? -10.500 -4.718  1.003   1.00 18.80 ?  96  ASP A OD1 1 
ATOM   753  O OD2 . ASP A 1 99  ? -8.987  -5.473  2.370   1.00 20.62 ?  96  ASP A OD2 1 
ATOM   754  N N   . TYR A 1 100 ? -5.993  -7.182  -1.382  1.00 16.37 ?  97  TYR A N   1 
ATOM   755  C CA  . TYR A 1 100 ? -5.388  -7.865  -2.528  1.00 16.91 ?  97  TYR A CA  1 
ATOM   756  C C   . TYR A 1 100 ? -4.612  -9.087  -2.061  1.00 18.52 ?  97  TYR A C   1 
ATOM   757  O O   . TYR A 1 100 ? -4.232  -9.199  -0.891  1.00 20.24 ?  97  TYR A O   1 
ATOM   758  C CB  . TYR A 1 100 ? -4.459  -6.928  -3.318  1.00 14.22 ?  97  TYR A CB  1 
ATOM   759  C CG  . TYR A 1 100 ? -3.278  -6.389  -2.518  1.00 17.52 ?  97  TYR A CG  1 
ATOM   760  C CD1 . TYR A 1 100 ? -3.434  -5.262  -1.709  1.00 20.91 ?  97  TYR A CD1 1 
ATOM   761  C CD2 . TYR A 1 100 ? -2.018  -6.999  -2.555  1.00 20.50 ?  97  TYR A CD2 1 
ATOM   762  C CE1 . TYR A 1 100 ? -2.380  -4.750  -0.958  1.00 22.67 ?  97  TYR A CE1 1 
ATOM   763  C CE2 . TYR A 1 100 ? -0.946  -6.479  -1.802  1.00 20.82 ?  97  TYR A CE2 1 
ATOM   764  C CZ  . TYR A 1 100 ? -1.144  -5.349  -1.017  1.00 23.99 ?  97  TYR A CZ  1 
ATOM   765  O OH  . TYR A 1 100 ? -0.137  -4.798  -0.259  1.00 27.39 ?  97  TYR A OH  1 
ATOM   766  N N   . THR A 1 101 ? -4.335  -9.984  -3.014  1.00 17.56 ?  98  THR A N   1 
ATOM   767  C CA  . THR A 1 101 ? -3.456  -11.105 -2.734  1.00 20.54 ?  98  THR A CA  1 
ATOM   768  C C   . THR A 1 101 ? -2.093  -10.825 -3.345  1.00 20.34 ?  98  THR A C   1 
ATOM   769  O O   . THR A 1 101 ? -1.985  -10.735 -4.578  1.00 20.89 ?  98  THR A O   1 
ATOM   770  C CB  . THR A 1 101 ? -4.037  -12.387 -3.302  1.00 26.30 ?  98  THR A CB  1 
ATOM   771  O OG1 . THR A 1 101 ? -5.345  -12.588 -2.743  1.00 28.53 ?  98  THR A OG1 1 
ATOM   772  C CG2 . THR A 1 101 ? -3.125  -13.548 -2.931  1.00 23.96 ?  98  THR A CG2 1 
ATOM   773  N N   . PRO A 1 102 ? -1.033  -10.662 -2.555  1.00 22.85 ?  99  PRO A N   1 
ATOM   774  C CA  . PRO A 1 102 ? 0.271   -10.340 -3.158  1.00 23.22 ?  99  PRO A CA  1 
ATOM   775  C C   . PRO A 1 102 ? 0.819   -11.530 -3.940  1.00 28.34 ?  99  PRO A C   1 
ATOM   776  O O   . PRO A 1 102 ? 0.726   -12.684 -3.504  1.00 24.49 ?  99  PRO A O   1 
ATOM   777  C CB  . PRO A 1 102 ? 1.150   -9.984  -1.954  1.00 24.14 ?  99  PRO A CB  1 
ATOM   778  C CG  . PRO A 1 102 ? 0.436   -10.490 -0.741  1.00 25.86 ?  99  PRO A CG  1 
ATOM   779  C CD  . PRO A 1 102 ? -1.013  -10.663 -1.082  1.00 19.75 ?  99  PRO A CD  1 
ATOM   780  N N   . ARG A 1 103 ? 1.352   -11.241 -5.128  1.00 23.16 ?  100 ARG A N   1 
ATOM   781  C CA  . ARG A 1 103 ? 1.862   -12.280 -6.020  1.00 24.80 ?  100 ARG A CA  1 
ATOM   782  C C   . ARG A 1 103 ? 3.081   -11.740 -6.768  1.00 27.55 ?  100 ARG A C   1 
ATOM   783  O O   . ARG A 1 103 ? 3.483   -10.583 -6.594  1.00 21.80 ?  100 ARG A O   1 
ATOM   784  C CB  . ARG A 1 103 ? 0.772   -12.733 -7.006  1.00 29.53 ?  100 ARG A CB  1 
ATOM   785  C CG  . ARG A 1 103 ? 0.019   -11.570 -7.668  1.00 23.95 ?  100 ARG A CG  1 
ATOM   786  C CD  . ARG A 1 103 ? -0.740  -12.078 -8.865  1.00 34.13 ?  100 ARG A CD  1 
ATOM   787  N NE  . ARG A 1 103 ? 0.213   -12.455 -9.917  1.00 39.82 ?  100 ARG A NE  1 
ATOM   788  C CZ  . ARG A 1 103 ? -0.115  -12.767 -11.169 1.00 38.35 ?  100 ARG A CZ  1 
ATOM   789  N NH1 . ARG A 1 103 ? -1.386  -12.739 -11.552 1.00 37.26 ?  100 ARG A NH1 1 
ATOM   790  N NH2 . ARG A 1 103 ? 0.838   -13.091 -12.042 1.00 42.50 ?  100 ARG A NH2 1 
ATOM   791  N N   . LYS A 1 104 ? 3.671   -12.582 -7.617  1.00 27.86 ?  101 LYS A N   1 
ATOM   792  C CA  . LYS A 1 104 ? 4.680   -12.084 -8.548  1.00 30.31 ?  101 LYS A CA  1 
ATOM   793  C C   . LYS A 1 104 ? 4.532   -12.768 -9.893  1.00 34.46 ?  101 LYS A C   1 
ATOM   794  O O   . LYS A 1 104 ? 5.483   -12.899 -10.671 1.00 40.20 ?  101 LYS A O   1 
ATOM   795  C CB  . LYS A 1 104 ? 6.103   -12.217 -7.979  1.00 35.57 ?  101 LYS A CB  1 
ATOM   796  C CG  . LYS A 1 104 ? 6.550   -13.571 -7.542  1.00 33.93 ?  101 LYS A CG  1 
ATOM   797  C CD  . LYS A 1 104 ? 7.280   -13.455 -6.214  1.00 32.64 ?  101 LYS A CD  1 
ATOM   798  C CE  . LYS A 1 104 ? 8.362   -12.408 -6.217  1.00 34.81 ?  101 LYS A CE  1 
ATOM   799  N NZ  . LYS A 1 104 ? 9.061   -12.332 -4.891  1.00 33.80 ?  101 LYS A NZ  1 
ATOM   800  O OXT . LYS A 1 104 ? 3.419   -13.218 -10.200 1.00 36.70 ?  101 LYS A OXT 1 
ATOM   801  N N   . ALA B 1 5   ? 14.683  -2.429  7.154   1.00 40.87 ?  2   ALA B N   1 
ATOM   802  C CA  . ALA B 1 5   ? 14.658  -2.454  5.690   1.00 45.97 ?  2   ALA B CA  1 
ATOM   803  C C   . ALA B 1 5   ? 13.613  -1.453  5.199   1.00 42.61 ?  2   ALA B C   1 
ATOM   804  O O   . ALA B 1 5   ? 12.614  -1.247  5.880   1.00 42.46 ?  2   ALA B O   1 
ATOM   805  C CB  . ALA B 1 5   ? 14.355  -3.857  5.178   1.00 44.68 ?  2   ALA B CB  1 
ATOM   806  N N   . VAL B 1 6   ? 13.826  -0.853  4.019   1.00 38.13 ?  3   VAL B N   1 
ATOM   807  C CA  . VAL B 1 6   ? 12.982  0.225   3.506   1.00 31.44 ?  3   VAL B CA  1 
ATOM   808  C C   . VAL B 1 6   ? 12.101  -0.301  2.371   1.00 28.63 ?  3   VAL B C   1 
ATOM   809  O O   . VAL B 1 6   ? 12.504  -1.187  1.610   1.00 28.72 ?  3   VAL B O   1 
ATOM   810  C CB  . VAL B 1 6   ? 13.869  1.416   3.076   1.00 33.95 ?  3   VAL B CB  1 
ATOM   811  C CG1 . VAL B 1 6   ? 13.184  2.319   2.078   1.00 36.29 ?  3   VAL B CG1 1 
ATOM   812  C CG2 . VAL B 1 6   ? 14.268  2.222   4.314   1.00 38.08 ?  3   VAL B CG2 1 
ATOM   813  N N   . LYS B 1 7   ? 10.869  0.200   2.302   1.00 22.95 ?  4   LYS B N   1 
ATOM   814  C CA  . LYS B 1 7   ? 9.892   -0.274  1.339   1.00 25.00 ?  4   LYS B CA  1 
ATOM   815  C C   . LYS B 1 7   ? 9.396   0.896   0.509   1.00 23.65 ?  4   LYS B C   1 
ATOM   816  O O   . LYS B 1 7   ? 9.403   2.046   0.965   1.00 21.47 ?  4   LYS B O   1 
ATOM   817  C CB  . LYS B 1 7   ? 8.685   -0.981  2.013   1.00 23.50 ?  4   LYS B CB  1 
ATOM   818  C CG  . LYS B 1 7   ? 8.988   -2.406  2.494   1.00 29.51 ?  4   LYS B CG  1 
ATOM   819  C CD  . LYS B 1 7   ? 7.718   -3.142  2.908   1.00 29.61 ?  4   LYS B CD  1 
ATOM   820  C CE  . LYS B 1 7   ? 7.062   -3.886  1.719   1.00 31.00 ?  4   LYS B CE  1 
ATOM   821  N NZ  . LYS B 1 7   ? 5.644   -4.338  2.013   1.00 26.17 1  4   LYS B NZ  1 
ATOM   822  N N   . GLN B 1 8   ? 8.984   0.592   -0.721  1.00 17.97 ?  5   GLN B N   1 
ATOM   823  C CA  . GLN B 1 8   ? 8.284   1.547   -1.562  1.00 17.91 ?  5   GLN B CA  1 
ATOM   824  C C   . GLN B 1 8   ? 6.943   0.952   -1.984  1.00 22.18 ?  5   GLN B C   1 
ATOM   825  O O   . GLN B 1 8   ? 6.871   -0.179  -2.499  1.00 21.21 ?  5   GLN B O   1 
ATOM   826  C CB  . GLN B 1 8   ? 9.103   1.921   -2.777  1.00 18.35 ?  5   GLN B CB  1 
ATOM   827  C CG  . GLN B 1 8   ? 8.391   2.881   -3.709  1.00 19.15 ?  5   GLN B CG  1 
ATOM   828  C CD  . GLN B 1 8   ? 9.312   3.406   -4.797  1.00 21.09 ?  5   GLN B CD  1 
ATOM   829  O OE1 . GLN B 1 8   ? 9.213   2.979   -5.951  1.00 27.22 ?  5   GLN B OE1 1 
ATOM   830  N NE2 . GLN B 1 8   ? 10.201  4.351   -4.442  1.00 18.15 ?  5   GLN B NE2 1 
ATOM   831  N N   . LEU B 1 9   ? 5.880   1.700   -1.728  1.00 18.56 ?  6   LEU B N   1 
ATOM   832  C CA  . LEU B 1 9   ? 4.536   1.325   -2.130  1.00 17.97 ?  6   LEU B CA  1 
ATOM   833  C C   . LEU B 1 9   ? 4.163   2.133   -3.365  1.00 17.34 ?  6   LEU B C   1 
ATOM   834  O O   . LEU B 1 9   ? 4.268   3.367   -3.349  1.00 14.40 ?  6   LEU B O   1 
ATOM   835  C CB  . LEU B 1 9   ? 3.570   1.603   -0.977  1.00 19.49 ?  6   LEU B CB  1 
ATOM   836  C CG  . LEU B 1 9   ? 2.097   1.620   -1.321  1.00 21.22 ?  6   LEU B CG  1 
ATOM   837  C CD1 . LEU B 1 9   ? 1.755   0.244   -1.806  1.00 23.60 ?  6   LEU B CD1 1 
ATOM   838  C CD2 . LEU B 1 9   ? 1.296   2.011   -0.058  1.00 28.14 ?  6   LEU B CD2 1 
ATOM   839  N N   . ILE B 1 10  ? 3.734   1.451   -4.426  1.00 13.02 ?  7   ILE B N   1 
ATOM   840  C CA  . ILE B 1 10  ? 3.238   2.104   -5.645  1.00 16.14 ?  7   ILE B CA  1 
ATOM   841  C C   . ILE B 1 10  ? 1.755   1.762   -5.808  1.00 17.26 ?  7   ILE B C   1 
ATOM   842  O O   . ILE B 1 10  ? 1.380   0.584   -5.831  1.00 15.60 ?  7   ILE B O   1 
ATOM   843  C CB  . ILE B 1 10  ? 4.027   1.669   -6.891  1.00 14.32 ?  7   ILE B CB  1 
ATOM   844  C CG1 . ILE B 1 10  ? 5.514   1.920   -6.685  1.00 14.34 ?  7   ILE B CG1 1 
ATOM   845  C CG2 . ILE B 1 10  ? 3.518   2.385   -8.150  1.00 16.91 ?  7   ILE B CG2 1 
ATOM   846  C CD1 . ILE B 1 10  ? 6.391   0.960   -7.501  1.00 20.85 ?  7   ILE B CD1 1 
ATOM   847  N N   . VAL B 1 11  ? 0.911   2.783   -5.900  1.00 13.02 ?  8   VAL B N   1 
ATOM   848  C CA  . VAL B 1 11  ? -0.514  2.600   -6.122  1.00 15.88 ?  8   VAL B CA  1 
ATOM   849  C C   . VAL B 1 11  ? -0.826  3.202   -7.480  1.00 17.62 ?  8   VAL B C   1 
ATOM   850  O O   . VAL B 1 11  ? -0.385  4.319   -7.766  1.00 15.94 ?  8   VAL B O   1 
ATOM   851  C CB  . VAL B 1 11  ? -1.332  3.269   -5.012  1.00 16.58 ?  8   VAL B CB  1 
ATOM   852  C CG1 . VAL B 1 11  ? -2.789  3.071   -5.229  1.00 14.77 ?  8   VAL B CG1 1 
ATOM   853  C CG2 . VAL B 1 11  ? -0.868  2.721   -3.662  1.00 19.76 ?  8   VAL B CG2 1 
ATOM   854  N N   . LEU B 1 12  ? -1.509  2.446   -8.342  1.00 13.55 ?  9   LEU B N   1 
ATOM   855  C CA  . LEU B 1 12  ? -1.738  2.980   -9.677  1.00 16.12 ?  9   LEU B CA  1 
ATOM   856  C C   . LEU B 1 12  ? -3.097  2.589   -10.257 1.00 18.11 ?  9   LEU B C   1 
ATOM   857  O O   . LEU B 1 12  ? -3.759  1.640   -9.821  1.00 13.02 ?  9   LEU B O   1 
ATOM   858  C CB  . LEU B 1 12  ? -0.601  2.573   -10.626 1.00 21.55 ?  9   LEU B CB  1 
ATOM   859  C CG  . LEU B 1 12  ? -0.430  1.085   -10.873 1.00 22.02 ?  9   LEU B CG  1 
ATOM   860  C CD1 . LEU B 1 12  ? -1.084  0.725   -12.205 1.00 28.18 ?  9   LEU B CD1 1 
ATOM   861  C CD2 . LEU B 1 12  ? 1.023   0.712   -10.893 1.00 18.08 ?  9   LEU B CD2 1 
ATOM   862  N N   . LYS B 1 13  ? -3.506  3.386   -11.244 1.00 16.19 ?  10  LYS B N   1 
ATOM   863  C CA  . LYS B 1 13  ? -4.599  3.088   -12.162 1.00 19.96 ?  10  LYS B CA  1 
ATOM   864  C C   . LYS B 1 13  ? -4.060  3.131   -13.590 1.00 19.72 ?  10  LYS B C   1 
ATOM   865  O O   . LYS B 1 13  ? -3.333  4.065   -13.949 1.00 18.90 ?  10  LYS B O   1 
ATOM   866  C CB  . LYS B 1 13  ? -5.728  4.103   -11.992 1.00 20.94 ?  10  LYS B CB  1 
ATOM   867  C CG  . LYS B 1 13  ? -6.926  3.907   -12.913 1.00 20.46 ?  10  LYS B CG  1 
ATOM   868  C CD  . LYS B 1 13  ? -7.922  5.038   -12.693 1.00 24.70 ?  10  LYS B CD  1 
ATOM   869  C CE  . LYS B 1 13  ? -9.218  4.843   -13.456 1.00 26.73 ?  10  LYS B CE  1 
ATOM   870  N NZ  . LYS B 1 13  ? -9.064  5.389   -14.778 1.00 30.68 1  10  LYS B NZ  1 
ATOM   871  N N   . PHE B 1 14  ? -4.384  2.104   -14.380 1.00 17.41 ?  11  PHE B N   1 
ATOM   872  C CA  . PHE B 1 14  ? -4.015  2.049   -15.790 1.00 23.46 ?  11  PHE B CA  1 
ATOM   873  C C   . PHE B 1 14  ? -5.041  2.809   -16.629 1.00 24.68 ?  11  PHE B C   1 
ATOM   874  O O   . PHE B 1 14  ? -6.225  2.881   -16.274 1.00 16.60 ?  11  PHE B O   1 
ATOM   875  C CB  . PHE B 1 14  ? -3.949  0.596   -16.309 1.00 21.69 ?  11  PHE B CB  1 
ATOM   876  C CG  . PHE B 1 14  ? -2.850  -0.261  -15.687 1.00 16.95 ?  11  PHE B CG  1 
ATOM   877  C CD1 . PHE B 1 14  ? -1.542  -0.209  -16.188 1.00 18.05 ?  11  PHE B CD1 1 
ATOM   878  C CD2 . PHE B 1 14  ? -3.144  -1.158  -14.632 1.00 18.16 ?  11  PHE B CD2 1 
ATOM   879  C CE1 . PHE B 1 14  ? -0.513  -0.994  -15.648 1.00 15.35 ?  11  PHE B CE1 1 
ATOM   880  C CE2 . PHE B 1 14  ? -2.128  -1.972  -14.075 1.00 16.71 ?  11  PHE B CE2 1 
ATOM   881  C CZ  . PHE B 1 14  ? -0.789  -1.865  -14.590 1.00 17.41 ?  11  PHE B CZ  1 
ATOM   882  N N   . LYS B 1 15  ? -4.574  3.375   -17.748 1.00 19.37 ?  12  LYS B N   1 
ATOM   883  C CA  . LYS B 1 15  ? -5.492  3.955   -18.721 1.00 30.76 ?  12  LYS B CA  1 
ATOM   884  C C   . LYS B 1 15  ? -6.437  2.888   -19.261 1.00 25.33 ?  12  LYS B C   1 
ATOM   885  O O   . LYS B 1 15  ? -6.114  1.695   -19.306 1.00 20.46 ?  12  LYS B O   1 
ATOM   886  C CB  . LYS B 1 15  ? -4.740  4.607   -19.890 1.00 26.87 ?  12  LYS B CB  1 
ATOM   887  C CG  . LYS B 1 15  ? -3.942  5.842   -19.523 1.00 29.43 ?  12  LYS B CG  1 
ATOM   888  C CD  . LYS B 1 15  ? -3.185  6.372   -20.743 1.00 31.32 ?  12  LYS B CD  1 
ATOM   889  C CE  . LYS B 1 15  ? -2.154  7.413   -20.344 1.00 33.42 ?  12  LYS B CE  1 
ATOM   890  N NZ  . LYS B 1 15  ? -2.057  8.480   -21.381 1.00 44.29 1  12  LYS B NZ  1 
ATOM   891  N N   . ASP B 1 16  ? -7.612  3.337   -19.708 1.00 27.35 ?  13  ASP B N   1 
ATOM   892  C CA  . ASP B 1 16  ? -8.646  2.394   -20.143 1.00 28.16 ?  13  ASP B CA  1 
ATOM   893  C C   . ASP B 1 16  ? -8.222  1.596   -21.377 1.00 25.23 ?  13  ASP B C   1 
ATOM   894  O O   . ASP B 1 16  ? -8.685  0.462   -21.571 1.00 22.65 ?  13  ASP B O   1 
ATOM   895  C CB  . ASP B 1 16  ? -9.949  3.149   -20.407 1.00 31.65 ?  13  ASP B CB  1 
ATOM   896  C CG  . ASP B 1 16  ? -10.625 3.632   -19.116 1.00 36.39 ?  13  ASP B CG  1 
ATOM   897  O OD1 . ASP B 1 16  ? -10.278 3.131   -18.020 1.00 39.35 ?  13  ASP B OD1 1 
ATOM   898  O OD2 . ASP B 1 16  ? -11.511 4.513   -19.195 1.00 38.15 -1 13  ASP B OD2 1 
ATOM   899  N N   . GLU B 1 17  ? -7.343  2.159   -22.219 1.00 28.03 ?  14  GLU B N   1 
ATOM   900  C CA  . GLU B 1 17  ? -6.897  1.478   -23.441 1.00 29.63 ?  14  GLU B CA  1 
ATOM   901  C C   . GLU B 1 17  ? -6.034  0.258   -23.155 1.00 24.90 ?  14  GLU B C   1 
ATOM   902  O O   . GLU B 1 17  ? -5.952  -0.651  -23.994 1.00 20.29 ?  14  GLU B O   1 
ATOM   903  C CB  . GLU B 1 17  ? -6.092  2.438   -24.342 1.00 34.59 ?  14  GLU B CB  1 
ATOM   904  C CG  . GLU B 1 17  ? -6.707  3.827   -24.516 1.00 36.18 ?  14  GLU B CG  1 
ATOM   905  C CD  . GLU B 1 17  ? -6.328  4.790   -23.392 1.00 37.80 ?  14  GLU B CD  1 
ATOM   906  O OE1 . GLU B 1 17  ? -5.210  5.353   -23.450 1.00 56.82 ?  14  GLU B OE1 1 
ATOM   907  O OE2 . GLU B 1 17  ? -7.128  4.971   -22.439 1.00 41.17 -1 14  GLU B OE2 1 
ATOM   908  N N   . ILE B 1 18  ? -5.382  0.218   -21.996 1.00 23.87 ?  15  ILE B N   1 
ATOM   909  C CA  . ILE B 1 18  ? -4.434  -0.848  -21.693 1.00 21.92 ?  15  ILE B CA  1 
ATOM   910  C C   . ILE B 1 18  ? -5.174  -2.156  -21.445 1.00 19.08 ?  15  ILE B C   1 
ATOM   911  O O   . ILE B 1 18  ? -6.101  -2.209  -20.625 1.00 21.47 ?  15  ILE B O   1 
ATOM   912  C CB  . ILE B 1 18  ? -3.599  -0.463  -20.465 1.00 20.98 ?  15  ILE B CB  1 
ATOM   913  C CG1 . ILE B 1 18  ? -2.986  0.921   -20.686 1.00 22.42 ?  15  ILE B CG1 1 
ATOM   914  C CG2 . ILE B 1 18  ? -2.567  -1.562  -20.175 1.00 14.14 ?  15  ILE B CG2 1 
ATOM   915  C CD1 . ILE B 1 18  ? -2.011  0.940   -21.830 1.00 25.29 ?  15  ILE B CD1 1 
ATOM   916  N N   . THR B 1 19  ? -4.725  -3.229  -22.099 1.00 22.06 ?  16  THR B N   1 
ATOM   917  C CA  . THR B 1 19  ? -5.366  -4.539  -22.014 1.00 21.44 ?  16  THR B CA  1 
ATOM   918  C C   . THR B 1 19  ? -4.817  -5.358  -20.845 1.00 21.49 ?  16  THR B C   1 
ATOM   919  O O   . THR B 1 19  ? -3.743  -5.065  -20.302 1.00 16.60 ?  16  THR B O   1 
ATOM   920  C CB  . THR B 1 19  ? -5.141  -5.333  -23.288 1.00 20.87 ?  16  THR B CB  1 
ATOM   921  O OG1 . THR B 1 19  ? -3.770  -5.705  -23.335 1.00 21.01 ?  16  THR B OG1 1 
ATOM   922  C CG2 . THR B 1 19  ? -5.473  -4.508  -24.514 1.00 23.06 ?  16  THR B CG2 1 
ATOM   923  N N   . GLU B 1 20  ? -5.552  -6.433  -20.489 1.00 21.96 ?  17  GLU B N   1 
ATOM   924  C CA  . GLU B 1 20  ? -5.102  -7.338  -19.421 1.00 23.04 ?  17  GLU B CA  1 
ATOM   925  C C   . GLU B 1 20  ? -3.725  -7.929  -19.712 1.00 19.70 ?  17  GLU B C   1 
ATOM   926  O O   . GLU B 1 20  ? -2.867  -7.997  -18.818 1.00 19.33 ?  17  GLU B O   1 
ATOM   927  C CB  . GLU B 1 20  ? -6.089  -8.487  -19.193 1.00 21.63 ?  17  GLU B CB  1 
ATOM   928  C CG  . GLU B 1 20  ? -7.396  -8.093  -18.600 1.00 29.33 ?  17  GLU B CG  1 
ATOM   929  C CD  . GLU B 1 20  ? -7.235  -7.459  -17.227 1.00 32.79 ?  17  GLU B CD  1 
ATOM   930  O OE1 . GLU B 1 20  ? -6.652  -8.113  -16.320 1.00 38.45 ?  17  GLU B OE1 1 
ATOM   931  O OE2 . GLU B 1 20  ? -7.720  -6.317  -17.071 1.00 33.09 -1 17  GLU B OE2 1 
ATOM   932  N N   . ALA B 1 21  ? -3.507  -8.415  -20.936 1.00 16.62 ?  18  ALA B N   1 
ATOM   933  C CA  . ALA B 1 21  ? -2.200  -8.999  -21.241 1.00 22.07 ?  18  ALA B CA  1 
ATOM   934  C C   . ALA B 1 21  ? -1.096  -7.950  -21.096 1.00 18.85 ?  18  ALA B C   1 
ATOM   935  O O   . ALA B 1 21  ? 0.014   -8.257  -20.640 1.00 15.80 ?  18  ALA B O   1 
ATOM   936  C CB  . ALA B 1 21  ? -2.194  -9.619  -22.645 1.00 20.51 ?  18  ALA B CB  1 
ATOM   937  N N   . GLN B 1 22  ? -1.394  -6.703  -21.468 1.00 18.57 ?  19  GLN B N   1 
ATOM   938  C CA  . GLN B 1 22  ? -0.392  -5.650  -21.323 1.00 19.82 ?  19  GLN B CA  1 
ATOM   939  C C   . GLN B 1 22  ? -0.042  -5.438  -19.861 1.00 20.20 ?  19  GLN B C   1 
ATOM   940  O O   . GLN B 1 22  ? 1.140   -5.307  -19.509 1.00 14.93 ?  19  GLN B O   1 
ATOM   941  C CB  . GLN B 1 22  ? -0.875  -4.342  -21.944 1.00 19.39 ?  19  GLN B CB  1 
ATOM   942  C CG  . GLN B 1 22  ? -0.939  -4.319  -23.469 1.00 18.64 ?  19  GLN B CG  1 
ATOM   943  C CD  . GLN B 1 22  ? -1.302  -2.932  -23.967 1.00 18.62 ?  19  GLN B CD  1 
ATOM   944  O OE1 . GLN B 1 22  ? -2.404  -2.429  -23.702 1.00 21.86 ?  19  GLN B OE1 1 
ATOM   945  N NE2 . GLN B 1 22  ? -0.340  -2.268  -24.632 1.00 21.16 ?  19  GLN B NE2 1 
ATOM   946  N N   . LYS B 1 23  ? -1.059  -5.437  -18.988 1.00 17.36 ?  20  LYS B N   1 
ATOM   947  C CA  . LYS B 1 23  ? -0.804  -5.265  -17.558 1.00 15.47 ?  20  LYS B CA  1 
ATOM   948  C C   . LYS B 1 23  ? 0.037   -6.412  -17.011 1.00 16.02 ?  20  LYS B C   1 
ATOM   949  O O   . LYS B 1 23  ? 0.977   -6.179  -16.247 1.00 14.40 ?  20  LYS B O   1 
ATOM   950  C CB  . LYS B 1 23  ? -2.131  -5.138  -16.800 1.00 13.48 ?  20  LYS B CB  1 
ATOM   951  C CG  . LYS B 1 23  ? -2.943  -3.899  -17.223 1.00 17.34 ?  20  LYS B CG  1 
ATOM   952  C CD  . LYS B 1 23  ? -4.362  -3.909  -16.607 1.00 18.93 ?  20  LYS B CD  1 
ATOM   953  C CE  . LYS B 1 23  ? -5.296  -2.963  -17.387 1.00 20.67 ?  20  LYS B CE  1 
ATOM   954  N NZ  . LYS B 1 23  ? -6.701  -3.060  -16.928 1.00 21.78 1  20  LYS B NZ  1 
ATOM   955  N N   . GLU B 1 24  ? -0.282  -7.660  -17.387 1.00 15.36 ?  21  GLU B N   1 
ATOM   956  C CA  . GLU B 1 24  ? 0.509   -8.782  -16.889 1.00 19.15 ?  21  GLU B CA  1 
ATOM   957  C C   . GLU B 1 24  ? 1.958   -8.642  -17.313 1.00 17.40 ?  21  GLU B C   1 
ATOM   958  O O   . GLU B 1 24  ? 2.867   -8.949  -16.540 1.00 16.28 ?  21  GLU B O   1 
ATOM   959  C CB  . GLU B 1 24  ? -0.064  -10.121 -17.357 1.00 21.64 ?  21  GLU B CB  1 
ATOM   960  C CG  . GLU B 1 24  ? -1.447  -10.397 -16.792 1.00 27.11 ?  21  GLU B CG  1 
ATOM   961  C CD  . GLU B 1 24  ? -1.915  -11.823 -17.051 1.00 47.05 ?  21  GLU B CD  1 
ATOM   962  O OE1 . GLU B 1 24  ? -1.254  -12.550 -17.834 1.00 52.51 ?  21  GLU B OE1 1 
ATOM   963  O OE2 . GLU B 1 24  ? -2.952  -12.229 -16.475 1.00 49.59 -1 21  GLU B OE2 1 
ATOM   964  N N   . GLU B 1 25  ? 2.200   -8.137  -18.521 1.00 18.28 ?  22  GLU B N   1 
ATOM   965  C CA  . GLU B 1 25  ? 3.587   -8.025  -18.957 1.00 19.12 ?  22  GLU B CA  1 
ATOM   966  C C   . GLU B 1 25  ? 4.288   -6.849  -18.280 1.00 17.12 ?  22  GLU B C   1 
ATOM   967  O O   . GLU B 1 25  ? 5.481   -6.949  -17.957 1.00 16.45 ?  22  GLU B O   1 
ATOM   968  C CB  . GLU B 1 25  ? 3.638   -7.943  -20.474 1.00 21.98 ?  22  GLU B CB  1 
ATOM   969  C CG  . GLU B 1 25  ? 5.040   -7.945  -21.055 1.00 32.75 ?  22  GLU B CG  1 
ATOM   970  C CD  . GLU B 1 25  ? 5.007   -7.944  -22.587 1.00 48.73 ?  22  GLU B CD  1 
ATOM   971  O OE1 . GLU B 1 25  ? 5.477   -8.937  -23.191 1.00 48.88 ?  22  GLU B OE1 1 
ATOM   972  O OE2 . GLU B 1 25  ? 4.478   -6.981  -23.196 1.00 60.93 -1 22  GLU B OE2 1 
ATOM   973  N N   . PHE B 1 26  ? 3.541   -5.777  -17.999 1.00 13.87 ?  23  PHE B N   1 
ATOM   974  C CA  . PHE B 1 26  ? 4.029   -4.665  -17.181 1.00 15.44 ?  23  PHE B CA  1 
ATOM   975  C C   . PHE B 1 26  ? 4.533   -5.146  -15.818 1.00 14.17 ?  23  PHE B C   1 
ATOM   976  O O   . PHE B 1 26  ? 5.687   -4.894  -15.456 1.00 15.26 ?  23  PHE B O   1 
ATOM   977  C CB  . PHE B 1 26  ? 2.902   -3.635  -17.047 1.00 17.35 ?  23  PHE B CB  1 
ATOM   978  C CG  . PHE B 1 26  ? 3.187   -2.488  -16.102 1.00 16.36 ?  23  PHE B CG  1 
ATOM   979  C CD1 . PHE B 1 26  ? 2.891   -2.604  -14.751 1.00 13.64 ?  23  PHE B CD1 1 
ATOM   980  C CD2 . PHE B 1 26  ? 3.659   -1.266  -16.586 1.00 19.20 ?  23  PHE B CD2 1 
ATOM   981  C CE1 . PHE B 1 26  ? 3.119   -1.545  -13.870 1.00 16.47 ?  23  PHE B CE1 1 
ATOM   982  C CE2 . PHE B 1 26  ? 3.880   -0.198  -15.722 1.00 22.55 ?  23  PHE B CE2 1 
ATOM   983  C CZ  . PHE B 1 26  ? 3.622   -0.333  -14.361 1.00 21.11 ?  23  PHE B CZ  1 
ATOM   984  N N   . PHE B 1 27  ? 3.691   -5.872  -15.054 1.00 13.39 ?  24  PHE B N   1 
ATOM   985  C CA  . PHE B 1 27  ? 4.119   -6.385  -13.748 1.00 14.28 ?  24  PHE B CA  1 
ATOM   986  C C   . PHE B 1 27  ? 5.231   -7.431  -13.855 1.00 15.67 ?  24  PHE B C   1 
ATOM   987  O O   . PHE B 1 27  ? 6.138   -7.467  -13.003 1.00 16.20 ?  24  PHE B O   1 
ATOM   988  C CB  . PHE B 1 27  ? 2.915   -6.958  -12.988 1.00 14.25 ?  24  PHE B CB  1 
ATOM   989  C CG  . PHE B 1 27  ? 1.934   -5.909  -12.599 1.00 13.02 ?  24  PHE B CG  1 
ATOM   990  C CD1 . PHE B 1 27  ? 2.313   -4.896  -11.735 1.00 13.30 ?  24  PHE B CD1 1 
ATOM   991  C CD2 . PHE B 1 27  ? 0.683   -5.885  -13.148 1.00 13.02 ?  24  PHE B CD2 1 
ATOM   992  C CE1 . PHE B 1 27  ? 1.455   -3.886  -11.396 1.00 14.24 ?  24  PHE B CE1 1 
ATOM   993  C CE2 . PHE B 1 27  ? -0.216  -4.883  -12.820 1.00 15.64 ?  24  PHE B CE2 1 
ATOM   994  C CZ  . PHE B 1 27  ? 0.162   -3.865  -11.944 1.00 15.09 ?  24  PHE B CZ  1 
ATOM   995  N N   . LYS B 1 28  ? 5.163   -8.340  -14.835 1.00 13.91 ?  25  LYS B N   1 
ATOM   996  C CA  . LYS B 1 28  ? 6.241   -9.319  -14.967 1.00 16.92 ?  25  LYS B CA  1 
ATOM   997  C C   . LYS B 1 28  ? 7.587   -8.615  -15.210 1.00 18.86 ?  25  LYS B C   1 
ATOM   998  O O   . LYS B 1 28  ? 8.605   -8.916  -14.560 1.00 16.73 ?  25  LYS B O   1 
ATOM   999  C CB  . LYS B 1 28  ? 5.905   -10.303 -16.089 1.00 18.55 ?  25  LYS B CB  1 
ATOM   1000 C CG  . LYS B 1 28  ? 7.009   -11.301 -16.414 1.00 27.01 ?  25  LYS B CG  1 
ATOM   1001 C CD  . LYS B 1 28  ? 6.758   -12.006 -17.776 1.00 31.36 ?  25  LYS B CD  1 
ATOM   1002 C CE  . LYS B 1 28  ? 6.724   -10.982 -18.922 1.00 33.68 ?  25  LYS B CE  1 
ATOM   1003 N NZ  . LYS B 1 28  ? 8.075   -10.403 -19.308 1.00 37.59 1  25  LYS B NZ  1 
ATOM   1004 N N   . THR B 1 29  ? 7.605   -7.630  -16.107 1.00 18.86 ?  26  THR B N   1 
ATOM   1005 C CA  . THR B 1 29  ? 8.835   -6.871  -16.326 1.00 16.09 ?  26  THR B CA  1 
ATOM   1006 C C   . THR B 1 29  ? 9.295   -6.190  -15.036 1.00 23.16 ?  26  THR B C   1 
ATOM   1007 O O   . THR B 1 29  ? 10.487  -6.222  -14.688 1.00 18.83 ?  26  THR B O   1 
ATOM   1008 C CB  . THR B 1 29  ? 8.624   -5.843  -17.432 1.00 21.44 ?  26  THR B CB  1 
ATOM   1009 O OG1 . THR B 1 29  ? 8.135   -6.519  -18.596 1.00 24.52 ?  26  THR B OG1 1 
ATOM   1010 C CG2 . THR B 1 29  ? 9.955   -5.154  -17.792 1.00 20.80 ?  26  THR B CG2 1 
ATOM   1011 N N   . TYR B 1 30  ? 8.359   -5.564  -14.300 1.00 20.06 ?  27  TYR B N   1 
ATOM   1012 C CA  . TYR B 1 30  ? 8.787   -4.854  -13.097 1.00 21.03 ?  27  TYR B CA  1 
ATOM   1013 C C   . TYR B 1 30  ? 9.326   -5.826  -12.049 1.00 23.18 ?  27  TYR B C   1 
ATOM   1014 O O   . TYR B 1 30  ? 10.307  -5.514  -11.358 1.00 19.55 ?  27  TYR B O   1 
ATOM   1015 C CB  . TYR B 1 30  ? 7.648   -3.995  -12.512 1.00 23.85 ?  27  TYR B CB  1 
ATOM   1016 C CG  . TYR B 1 30  ? 8.196   -3.013  -11.495 1.00 23.12 ?  27  TYR B CG  1 
ATOM   1017 C CD1 . TYR B 1 30  ? 8.791   -1.820  -11.900 1.00 29.38 ?  27  TYR B CD1 1 
ATOM   1018 C CD2 . TYR B 1 30  ? 8.174   -3.300  -10.152 1.00 25.02 ?  27  TYR B CD2 1 
ATOM   1019 C CE1 . TYR B 1 30  ? 9.333   -0.933  -10.971 1.00 31.31 ?  27  TYR B CE1 1 
ATOM   1020 C CE2 . TYR B 1 30  ? 8.702   -2.415  -9.219  1.00 31.71 ?  27  TYR B CE2 1 
ATOM   1021 C CZ  . TYR B 1 30  ? 9.274   -1.240  -9.632  1.00 28.41 ?  27  TYR B CZ  1 
ATOM   1022 O OH  . TYR B 1 30  ? 9.812   -0.383  -8.700  1.00 39.82 ?  27  TYR B OH  1 
ATOM   1023 N N   . VAL B 1 31  ? 8.740   -7.024  -11.956 1.00 18.07 ?  28  VAL B N   1 
ATOM   1024 C CA  . VAL B 1 31  ? 9.239   -8.015  -11.008 1.00 18.26 ?  28  VAL B CA  1 
ATOM   1025 C C   . VAL B 1 31  ? 10.645  -8.456  -11.386 1.00 21.59 ?  28  VAL B C   1 
ATOM   1026 O O   . VAL B 1 31  ? 11.516  -8.618  -10.520 1.00 20.64 ?  28  VAL B O   1 
ATOM   1027 C CB  . VAL B 1 31  ? 8.269   -9.211  -10.907 1.00 21.35 ?  28  VAL B CB  1 
ATOM   1028 C CG1 . VAL B 1 31  ? 8.952   -10.340 -10.165 1.00 24.06 ?  28  VAL B CG1 1 
ATOM   1029 C CG2 . VAL B 1 31  ? 6.977   -8.803  -10.135 1.00 18.68 ?  28  VAL B CG2 1 
ATOM   1030 N N   . ASN B 1 32  ? 10.908  -8.609  -12.685 1.00 20.10 ?  29  ASN B N   1 
ATOM   1031 C CA  . ASN B 1 32  ? 12.240  -9.047  -13.096 1.00 25.92 ?  29  ASN B CA  1 
ATOM   1032 C C   . ASN B 1 32  ? 13.293  -7.967  -12.928 1.00 24.71 ?  29  ASN B C   1 
ATOM   1033 O O   . ASN B 1 32  ? 14.494  -8.279  -12.984 1.00 25.81 ?  29  ASN B O   1 
ATOM   1034 C CB  . ASN B 1 32  ? 12.202  -9.533  -14.534 1.00 20.68 ?  29  ASN B CB  1 
ATOM   1035 C CG  . ASN B 1 32  ? 11.613  -10.918 -14.633 1.00 29.79 ?  29  ASN B CG  1 
ATOM   1036 O OD1 . ASN B 1 32  ? 11.864  -11.760 -13.761 1.00 30.82 ?  29  ASN B OD1 1 
ATOM   1037 N ND2 . ASN B 1 32  ? 10.804  -11.165 -15.676 1.00 28.26 ?  29  ASN B ND2 1 
ATOM   1038 N N   . LEU B 1 33  ? 12.890  -6.718  -12.694 1.00 19.86 ?  30  LEU B N   1 
ATOM   1039 C CA  . LEU B 1 33  ? 13.884  -5.707  -12.386 1.00 23.10 ?  30  LEU B CA  1 
ATOM   1040 C C   . LEU B 1 33  ? 14.703  -6.067  -11.152 1.00 25.25 ?  30  LEU B C   1 
ATOM   1041 O O   . LEU B 1 33  ? 15.805  -5.521  -10.992 1.00 21.90 ?  30  LEU B O   1 
ATOM   1042 C CB  . LEU B 1 33  ? 13.244  -4.333  -12.177 1.00 22.64 ?  30  LEU B CB  1 
ATOM   1043 C CG  . LEU B 1 33  ? 12.714  -3.475  -13.325 1.00 24.71 ?  30  LEU B CG  1 
ATOM   1044 C CD1 . LEU B 1 33  ? 12.254  -2.126  -12.762 1.00 24.89 ?  30  LEU B CD1 1 
ATOM   1045 C CD2 . LEU B 1 33  ? 13.740  -3.296  -14.491 1.00 27.54 ?  30  LEU B CD2 1 
ATOM   1046 N N   . VAL B 1 34  ? 14.195  -6.959  -10.278 1.00 18.12 ?  31  VAL B N   1 
ATOM   1047 C CA  . VAL B 1 34  ? 14.931  -7.297  -9.055  1.00 26.42 ?  31  VAL B CA  1 
ATOM   1048 C C   . VAL B 1 34  ? 16.278  -7.920  -9.402  1.00 30.85 ?  31  VAL B C   1 
ATOM   1049 O O   . VAL B 1 34  ? 17.294  -7.662  -8.747  1.00 28.97 ?  31  VAL B O   1 
ATOM   1050 C CB  . VAL B 1 34  ? 14.116  -8.235  -8.144  1.00 24.01 ?  31  VAL B CB  1 
ATOM   1051 C CG1 . VAL B 1 34  ? 15.007  -8.801  -7.067  1.00 24.02 ?  31  VAL B CG1 1 
ATOM   1052 C CG2 . VAL B 1 34  ? 12.984  -7.477  -7.496  1.00 28.03 ?  31  VAL B CG2 1 
ATOM   1053 N N   . ASN B 1 35  ? 16.307  -8.729  -10.451 1.00 29.57 ?  32  ASN B N   1 
ATOM   1054 C CA  . ASN B 1 35  ? 17.510  -9.472  -10.772 1.00 30.44 ?  32  ASN B CA  1 
ATOM   1055 C C   . ASN B 1 35  ? 18.601  -8.578  -11.341 1.00 29.69 ?  32  ASN B C   1 
ATOM   1056 O O   . ASN B 1 35  ? 19.768  -8.982  -11.376 1.00 30.71 ?  32  ASN B O   1 
ATOM   1057 C CB  . ASN B 1 35  ? 17.131  -10.592 -11.741 1.00 28.47 ?  32  ASN B CB  1 
ATOM   1058 C CG  . ASN B 1 35  ? 16.126  -11.562 -11.135 1.00 31.91 ?  32  ASN B CG  1 
ATOM   1059 O OD1 . ASN B 1 35  ? 16.363  -12.128 -10.065 1.00 37.95 ?  32  ASN B OD1 1 
ATOM   1060 N ND2 . ASN B 1 35  ? 14.983  -11.723 -11.788 1.00 34.22 ?  32  ASN B ND2 1 
ATOM   1061 N N   . ILE B 1 36  ? 18.259  -7.375  -11.798 1.00 27.11 ?  33  ILE B N   1 
ATOM   1062 C CA  . ILE B 1 36  ? 19.237  -6.500  -12.422 1.00 23.81 ?  33  ILE B CA  1 
ATOM   1063 C C   . ILE B 1 36  ? 19.428  -5.185  -11.664 1.00 30.96 ?  33  ILE B C   1 
ATOM   1064 O O   . ILE B 1 36  ? 20.342  -4.422  -11.999 1.00 25.35 ?  33  ILE B O   1 
ATOM   1065 C CB  . ILE B 1 36  ? 18.906  -6.246  -13.913 1.00 30.94 ?  33  ILE B CB  1 
ATOM   1066 C CG1 . ILE B 1 36  ? 17.447  -5.821  -14.127 1.00 29.28 ?  33  ILE B CG1 1 
ATOM   1067 C CG2 . ILE B 1 36  ? 19.176  -7.526  -14.753 1.00 28.41 ?  33  ILE B CG2 1 
ATOM   1068 C CD1 . ILE B 1 36  ? 17.171  -5.225  -15.519 1.00 24.63 ?  33  ILE B CD1 1 
ATOM   1069 N N   . ILE B 1 37  ? 18.645  -4.918  -10.622 1.00 28.79 ?  34  ILE B N   1 
ATOM   1070 C CA  . ILE B 1 37  ? 18.922  -3.753  -9.787  1.00 28.05 ?  34  ILE B CA  1 
ATOM   1071 C C   . ILE B 1 37  ? 19.370  -4.247  -8.409  1.00 25.69 ?  34  ILE B C   1 
ATOM   1072 O O   . ILE B 1 37  ? 18.578  -4.841  -7.655  1.00 28.56 ?  34  ILE B O   1 
ATOM   1073 C CB  . ILE B 1 37  ? 17.736  -2.780  -9.718  1.00 29.90 ?  34  ILE B CB  1 
ATOM   1074 C CG1 . ILE B 1 37  ? 17.396  -2.325  -11.151 1.00 27.13 ?  34  ILE B CG1 1 
ATOM   1075 C CG2 . ILE B 1 37  ? 18.089  -1.553  -8.842  1.00 31.10 ?  34  ILE B CG2 1 
ATOM   1076 C CD1 . ILE B 1 37  ? 16.310  -1.242  -11.290 1.00 28.54 ?  34  ILE B CD1 1 
ATOM   1077 N N   . PRO B 1 38  ? 20.653  -4.077  -8.065  1.00 25.04 ?  35  PRO B N   1 
ATOM   1078 C CA  . PRO B 1 38  ? 21.163  -4.654  -6.813  1.00 26.28 ?  35  PRO B CA  1 
ATOM   1079 C C   . PRO B 1 38  ? 20.463  -4.114  -5.575  1.00 27.34 ?  35  PRO B C   1 
ATOM   1080 O O   . PRO B 1 38  ? 20.317  -4.847  -4.586  1.00 29.50 ?  35  PRO B O   1 
ATOM   1081 C CB  . PRO B 1 38  ? 22.657  -4.281  -6.828  1.00 29.53 ?  35  PRO B CB  1 
ATOM   1082 C CG  . PRO B 1 38  ? 22.953  -3.693  -8.194  1.00 29.13 ?  35  PRO B CG  1 
ATOM   1083 C CD  . PRO B 1 38  ? 21.651  -3.254  -8.778  1.00 27.12 ?  35  PRO B CD  1 
ATOM   1084 N N   . ALA B 1 39  ? 20.039  -2.843  -5.609  1.00 29.54 ?  36  ALA B N   1 
ATOM   1085 C CA  . ALA B 1 39  ? 19.291  -2.249  -4.501  1.00 32.97 ?  36  ALA B CA  1 
ATOM   1086 C C   . ALA B 1 39  ? 17.958  -2.954  -4.256  1.00 35.04 ?  36  ALA B C   1 
ATOM   1087 O O   . ALA B 1 39  ? 17.499  -3.015  -3.107  1.00 31.63 ?  36  ALA B O   1 
ATOM   1088 C CB  . ALA B 1 39  ? 19.053  -0.761  -4.781  1.00 33.45 ?  36  ALA B CB  1 
ATOM   1089 N N   . MET B 1 40  ? 17.335  -3.505  -5.310  1.00 28.96 ?  37  MET B N   1 
ATOM   1090 C CA  . MET B 1 40  ? 16.014  -4.119  -5.205  1.00 28.82 ?  37  MET B CA  1 
ATOM   1091 C C   . MET B 1 40  ? 16.123  -5.529  -4.650  1.00 30.61 ?  37  MET B C   1 
ATOM   1092 O O   . MET B 1 40  ? 16.679  -6.412  -5.307  1.00 31.63 ?  37  MET B O   1 
ATOM   1093 C CB  . MET B 1 40  ? 15.313  -4.162  -6.567  1.00 27.46 ?  37  MET B CB  1 
ATOM   1094 C CG  . MET B 1 40  ? 14.942  -2.822  -7.182  1.00 27.07 ?  37  MET B CG  1 
ATOM   1095 S SD  . MET B 1 40  ? 13.990  -3.038  -8.714  1.00 34.64 ?  37  MET B SD  1 
ATOM   1096 C CE  . MET B 1 40  ? 12.430  -3.601  -8.099  1.00 28.34 ?  37  MET B CE  1 
ATOM   1097 N N   . LYS B 1 41  ? 15.545  -5.758  -3.464  1.00 28.71 ?  38  LYS B N   1 
ATOM   1098 C CA  . LYS B 1 41  ? 15.550  -7.087  -2.868  1.00 30.56 ?  38  LYS B CA  1 
ATOM   1099 C C   . LYS B 1 41  ? 14.286  -7.888  -3.173  1.00 34.74 ?  38  LYS B C   1 
ATOM   1100 O O   . LYS B 1 41  ? 14.368  -9.108  -3.349  1.00 34.16 ?  38  LYS B O   1 
ATOM   1101 C CB  . LYS B 1 41  ? 15.735  -7.001  -1.348  1.00 32.73 ?  38  LYS B CB  1 
ATOM   1102 C CG  . LYS B 1 41  ? 16.597  -8.138  -0.794  1.00 41.55 ?  38  LYS B CG  1 
ATOM   1103 C CD  . LYS B 1 41  ? 17.949  -8.219  -1.552  1.00 47.95 ?  38  LYS B CD  1 
ATOM   1104 C CE  . LYS B 1 41  ? 18.963  -9.159  -0.869  1.00 52.31 ?  38  LYS B CE  1 
ATOM   1105 N NZ  . LYS B 1 41  ? 18.874  -10.588 -1.362  1.00 49.56 1  38  LYS B NZ  1 
ATOM   1106 N N   . ASP B 1 42  ? 13.111  -7.254  -3.236  1.00 30.31 ?  39  ASP B N   1 
ATOM   1107 C CA  . ASP B 1 42  ? 11.892  -8.029  -3.436  1.00 27.12 ?  39  ASP B CA  1 
ATOM   1108 C C   . ASP B 1 42  ? 10.824  -7.140  -4.074  1.00 27.37 ?  39  ASP B C   1 
ATOM   1109 O O   . ASP B 1 42  ? 10.871  -5.914  -3.954  1.00 23.84 ?  39  ASP B O   1 
ATOM   1110 C CB  . ASP B 1 42  ? 11.416  -8.599  -2.100  1.00 32.74 ?  39  ASP B CB  1 
ATOM   1111 C CG  . ASP B 1 42  ? 10.843  -10.002 -2.223  1.00 37.61 ?  39  ASP B CG  1 
ATOM   1112 O OD1 . ASP B 1 42  ? 10.708  -10.545 -3.360  1.00 35.60 ?  39  ASP B OD1 1 
ATOM   1113 O OD2 . ASP B 1 42  ? 10.522  -10.567 -1.149  1.00 46.38 -1 39  ASP B OD2 1 
ATOM   1114 N N   . VAL B 1 43  ? 9.894   -7.768  -4.793  1.00 25.68 ?  40  VAL B N   1 
ATOM   1115 C CA  . VAL B 1 43  ? 8.735   -7.089  -5.371  1.00 23.15 ?  40  VAL B CA  1 
ATOM   1116 C C   . VAL B 1 43  ? 7.548   -8.033  -5.268  1.00 24.89 ?  40  VAL B C   1 
ATOM   1117 O O   . VAL B 1 43  ? 7.643   -9.200  -5.657  1.00 22.02 ?  40  VAL B O   1 
ATOM   1118 C CB  . VAL B 1 43  ? 8.919   -6.691  -6.855  1.00 27.03 ?  40  VAL B CB  1 
ATOM   1119 C CG1 . VAL B 1 43  ? 7.593   -6.123  -7.442  1.00 21.43 ?  40  VAL B CG1 1 
ATOM   1120 C CG2 . VAL B 1 43  ? 10.019  -5.702  -7.041  1.00 27.93 ?  40  VAL B CG2 1 
ATOM   1121 N N   . TYR B 1 44  ? 6.428   -7.535  -4.758  1.00 19.67 ?  41  TYR B N   1 
ATOM   1122 C CA  . TYR B 1 44  ? 5.159   -8.194  -4.980  1.00 20.33 ?  41  TYR B CA  1 
ATOM   1123 C C   . TYR B 1 44  ? 4.179   -7.188  -5.545  1.00 18.60 ?  41  TYR B C   1 
ATOM   1124 O O   . TYR B 1 44  ? 4.345   -5.981  -5.384  1.00 15.48 ?  41  TYR B O   1 
ATOM   1125 C CB  . TYR B 1 44  ? 4.607   -8.823  -3.703  1.00 22.44 ?  41  TYR B CB  1 
ATOM   1126 C CG  . TYR B 1 44  ? 5.452   -9.984  -3.239  1.00 25.38 ?  41  TYR B CG  1 
ATOM   1127 C CD1 . TYR B 1 44  ? 6.569   -9.781  -2.434  1.00 28.28 ?  41  TYR B CD1 1 
ATOM   1128 C CD2 . TYR B 1 44  ? 5.136   -11.284 -3.620  1.00 26.89 ?  41  TYR B CD2 1 
ATOM   1129 C CE1 . TYR B 1 44  ? 7.350   -10.842 -2.015  1.00 28.58 ?  41  TYR B CE1 1 
ATOM   1130 C CE2 . TYR B 1 44  ? 5.907   -12.357 -3.209  1.00 28.92 ?  41  TYR B CE2 1 
ATOM   1131 C CZ  . TYR B 1 44  ? 7.011   -12.130 -2.403  1.00 33.31 ?  41  TYR B CZ  1 
ATOM   1132 O OH  . TYR B 1 44  ? 7.787   -13.190 -1.998  1.00 33.16 ?  41  TYR B OH  1 
ATOM   1133 N N   . TRP B 1 45  ? 3.145   -7.693  -6.210  1.00 16.73 ?  42  TRP B N   1 
ATOM   1134 C CA  . TRP B 1 45  ? 2.088   -6.814  -6.671  1.00 17.58 ?  42  TRP B CA  1 
ATOM   1135 C C   . TRP B 1 45  ? 0.746   -7.496  -6.464  1.00 18.03 ?  42  TRP B C   1 
ATOM   1136 O O   . TRP B 1 45  ? 0.664   -8.684  -6.127  1.00 17.90 ?  42  TRP B O   1 
ATOM   1137 C CB  . TRP B 1 45  ? 2.311   -6.407  -8.126  1.00 14.59 ?  42  TRP B CB  1 
ATOM   1138 C CG  . TRP B 1 45  ? 2.189   -7.554  -9.111  1.00 17.40 ?  42  TRP B CG  1 
ATOM   1139 C CD1 . TRP B 1 45  ? 3.172   -8.448  -9.462  1.00 19.62 ?  42  TRP B CD1 1 
ATOM   1140 C CD2 . TRP B 1 45  ? 1.026   -7.909  -9.885  1.00 17.09 ?  42  TRP B CD2 1 
ATOM   1141 N NE1 . TRP B 1 45  ? 2.688   -9.337  -10.403 1.00 21.50 ?  42  TRP B NE1 1 
ATOM   1142 C CE2 . TRP B 1 45  ? 1.378   -9.030  -10.684 1.00 18.15 ?  42  TRP B CE2 1 
ATOM   1143 C CE3 . TRP B 1 45  ? -0.276  -7.392  -9.972  1.00 16.83 ?  42  TRP B CE3 1 
ATOM   1144 C CZ2 . TRP B 1 45  ? 0.486   -9.635  -11.567 1.00 17.59 ?  42  TRP B CZ2 1 
ATOM   1145 C CZ3 . TRP B 1 45  ? -1.185  -8.007  -10.854 1.00 22.86 ?  42  TRP B CZ3 1 
ATOM   1146 C CH2 . TRP B 1 45  ? -0.790  -9.118  -11.644 1.00 21.13 ?  42  TRP B CH2 1 
ATOM   1147 N N   . GLY B 1 46  ? -0.316  -6.723  -6.640  1.00 18.48 ?  43  GLY B N   1 
ATOM   1148 C CA  . GLY B 1 46  ? -1.651  -7.247  -6.428  1.00 17.21 ?  43  GLY B CA  1 
ATOM   1149 C C   . GLY B 1 46  ? -2.677  -6.302  -7.001  1.00 18.47 ?  43  GLY B C   1 
ATOM   1150 O O   . GLY B 1 46  ? -2.420  -5.102  -7.181  1.00 16.44 ?  43  GLY B O   1 
ATOM   1151 N N   . LYS B 1 47  ? -3.840  -6.870  -7.307  1.00 14.75 ?  44  LYS B N   1 
ATOM   1152 C CA  . LYS B 1 47  ? -4.964  -6.108  -7.809  1.00 16.04 ?  44  LYS B CA  1 
ATOM   1153 C C   . LYS B 1 47  ? -6.027  -6.031  -6.711  1.00 16.59 ?  44  LYS B C   1 
ATOM   1154 O O   . LYS B 1 47  ? -6.364  -7.056  -6.099  1.00 16.23 ?  44  LYS B O   1 
ATOM   1155 C CB  . LYS B 1 47  ? -5.499  -6.762  -9.074  1.00 16.47 ?  44  LYS B CB  1 
ATOM   1156 C CG  . LYS B 1 47  ? -6.850  -6.328  -9.501  1.00 20.47 ?  44  LYS B CG  1 
ATOM   1157 C CD  . LYS B 1 47  ? -7.211  -7.097  -10.776 1.00 26.08 ?  44  LYS B CD  1 
ATOM   1158 C CE  . LYS B 1 47  ? -8.584  -6.694  -11.295 1.00 37.95 ?  44  LYS B CE  1 
ATOM   1159 N NZ  . LYS B 1 47  ? -8.637  -6.132  -12.719 1.00 35.55 1  44  LYS B NZ  1 
ATOM   1160 N N   . ASP B 1 48  ? -6.491  -4.806  -6.420  1.00 13.02 ?  45  ASP B N   1 
ATOM   1161 C CA  . ASP B 1 48  ? -7.501  -4.584  -5.393  1.00 14.78 ?  45  ASP B CA  1 
ATOM   1162 C C   . ASP B 1 48  ? -8.769  -5.338  -5.760  1.00 18.02 ?  45  ASP B C   1 
ATOM   1163 O O   . ASP B 1 48  ? -9.244  -5.251  -6.896  1.00 13.97 ?  45  ASP B O   1 
ATOM   1164 C CB  . ASP B 1 48  ? -7.788  -3.092  -5.270  1.00 14.55 ?  45  ASP B CB  1 
ATOM   1165 C CG  . ASP B 1 48  ? -8.957  -2.778  -4.343  1.00 17.18 ?  45  ASP B CG  1 
ATOM   1166 O OD1 . ASP B 1 48  ? -8.985  -3.290  -3.194  1.00 18.35 ?  45  ASP B OD1 1 
ATOM   1167 O OD2 . ASP B 1 48  ? -9.839  -1.993  -4.758  1.00 16.73 -1 45  ASP B OD2 1 
ATOM   1168 N N   . VAL B 1 49  ? -9.317  -6.100  -4.812  1.00 13.95 ?  46  VAL B N   1 
ATOM   1169 C CA  . VAL B 1 49  ? -10.532 -6.837  -5.147  1.00 20.28 ?  46  VAL B CA  1 
ATOM   1170 C C   . VAL B 1 49  ? -11.806 -6.161  -4.648  1.00 21.62 ?  46  VAL B C   1 
ATOM   1171 O O   . VAL B 1 49  ? -12.893 -6.479  -5.159  1.00 22.85 ?  46  VAL B O   1 
ATOM   1172 C CB  . VAL B 1 49  ? -10.472 -8.297  -4.656  1.00 17.58 ?  46  VAL B CB  1 
ATOM   1173 C CG1 . VAL B 1 49  ? -9.350  -9.064  -5.366  1.00 14.26 ?  46  VAL B CG1 1 
ATOM   1174 C CG2 . VAL B 1 49  ? -10.349 -8.364  -3.134  1.00 16.24 ?  46  VAL B CG2 1 
ATOM   1175 N N   . THR B 1 50  ? -11.717 -5.216  -3.711  1.00 19.83 ?  47  THR B N   1 
ATOM   1176 C CA  . THR B 1 50  ? -12.930 -4.748  -3.047  1.00 24.89 ?  47  THR B CA  1 
ATOM   1177 C C   . THR B 1 50  ? -13.460 -3.449  -3.605  1.00 29.49 ?  47  THR B C   1 
ATOM   1178 O O   . THR B 1 50  ? -14.670 -3.205  -3.501  1.00 30.63 ?  47  THR B O   1 
ATOM   1179 C CB  . THR B 1 50  ? -12.709 -4.576  -1.541  1.00 25.71 ?  47  THR B CB  1 
ATOM   1180 O OG1 . THR B 1 50  ? -11.550 -3.780  -1.325  1.00 28.31 ?  47  THR B OG1 1 
ATOM   1181 C CG2 . THR B 1 50  ? -12.513 -5.920  -0.862  1.00 24.36 ?  47  THR B CG2 1 
ATOM   1182 N N   . GLN B 1 51  ? -12.596 -2.635  -4.228  1.00 22.66 ?  48  GLN B N   1 
ATOM   1183 C CA  . GLN B 1 51  ? -13.002 -1.378  -4.871  1.00 29.24 ?  48  GLN B CA  1 
ATOM   1184 C C   . GLN B 1 51  ? -13.818 -0.489  -3.921  1.00 39.46 ?  48  GLN B C   1 
ATOM   1185 O O   . GLN B 1 51  ? -14.866 0.066   -4.290  1.00 37.67 ?  48  GLN B O   1 
ATOM   1186 C CB  . GLN B 1 51  ? -13.759 -1.667  -6.165  1.00 30.20 ?  48  GLN B CB  1 
ATOM   1187 C CG  . GLN B 1 51  ? -13.036 -2.723  -6.991  1.00 32.91 ?  48  GLN B CG  1 
ATOM   1188 C CD  . GLN B 1 51  ? -13.822 -3.153  -8.221  1.00 39.40 ?  48  GLN B CD  1 
ATOM   1189 O OE1 . GLN B 1 51  ? -14.993 -2.775  -8.390  1.00 44.72 ?  48  GLN B OE1 1 
ATOM   1190 N NE2 . GLN B 1 51  ? -13.203 -3.980  -9.070  1.00 31.87 ?  48  GLN B NE2 1 
ATOM   1191 N N   . LYS B 1 52  ? -13.317 -0.391  -2.672  1.00 32.94 ?  49  LYS B N   1 
ATOM   1192 C CA  . LYS B 1 52  ? -13.930 0.395   -1.599  1.00 34.87 ?  49  LYS B CA  1 
ATOM   1193 C C   . LYS B 1 52  ? -13.930 1.893   -1.903  1.00 40.06 ?  49  LYS B C   1 
ATOM   1194 O O   . LYS B 1 52  ? -14.816 2.619   -1.435  1.00 49.09 ?  49  LYS B O   1 
ATOM   1195 C CB  . LYS B 1 52  ? -13.190 0.106   -0.273  1.00 37.61 ?  49  LYS B CB  1 
ATOM   1196 C CG  . LYS B 1 52  ? -13.663 -1.199  0.438   1.00 36.84 ?  49  LYS B CG  1 
ATOM   1197 C CD  . LYS B 1 52  ? -13.016 -1.476  1.817   1.00 38.34 ?  49  LYS B CD  1 
ATOM   1198 C CE  . LYS B 1 52  ? -13.201 -2.963  2.178   1.00 34.66 ?  49  LYS B CE  1 
ATOM   1199 N NZ  . LYS B 1 52  ? -12.317 -3.568  3.224   1.00 33.43 ?  49  LYS B NZ  1 
ATOM   1200 N N   . ASN B 1 53  ? -12.923 2.384   -2.632  1.00 36.74 ?  50  ASN B N   1 
ATOM   1201 C CA  . ASN B 1 53  ? -12.781 3.807   -2.937  1.00 43.94 ?  50  ASN B CA  1 
ATOM   1202 C C   . ASN B 1 53  ? -12.884 4.074   -4.434  1.00 39.57 ?  50  ASN B C   1 
ATOM   1203 O O   . ASN B 1 53  ? -11.978 4.681   -5.010  1.00 41.50 ?  50  ASN B O   1 
ATOM   1204 C CB  . ASN B 1 53  ? -11.423 4.321   -2.436  1.00 39.51 ?  50  ASN B CB  1 
ATOM   1205 C CG  . ASN B 1 53  ? -11.141 3.910   -1.006  1.00 36.20 ?  50  ASN B CG  1 
ATOM   1206 O OD1 . ASN B 1 53  ? -10.408 2.955   -0.756  1.00 34.12 ?  50  ASN B OD1 1 
ATOM   1207 N ND2 . ASN B 1 53  ? -11.711 4.651   -0.052  1.00 43.76 ?  50  ASN B ND2 1 
ATOM   1208 N N   . LYS B 1 54  ? -13.932 3.612   -5.101  1.00 45.33 ?  51  LYS B N   1 
ATOM   1209 C CA  . LYS B 1 54  ? -13.809 3.622   -6.557  1.00 47.82 ?  51  LYS B CA  1 
ATOM   1210 C C   . LYS B 1 54  ? -13.893 5.036   -7.140  1.00 52.32 ?  51  LYS B C   1 
ATOM   1211 O O   . LYS B 1 54  ? -13.586 5.225   -8.328  1.00 54.96 ?  51  LYS B O   1 
ATOM   1212 C CB  . LYS B 1 54  ? -14.848 2.684   -7.202  1.00 48.92 ?  51  LYS B CB  1 
ATOM   1213 C CG  . LYS B 1 54  ? -14.545 2.341   -8.684  1.00 50.22 ?  51  LYS B CG  1 
ATOM   1214 C CD  . LYS B 1 54  ? -15.274 3.275   -9.657  1.00 46.55 ?  51  LYS B CD  1 
ATOM   1215 C CE  . LYS B 1 54  ? -15.024 2.908   -11.103 1.00 42.65 ?  51  LYS B CE  1 
ATOM   1216 N NZ  . LYS B 1 54  ? -15.757 1.664   -11.474 1.00 46.02 ?  51  LYS B NZ  1 
ATOM   1217 N N   . GLU B 1 55  ? -14.242 6.046   -6.329  1.00 52.19 ?  52  GLU B N   1 
ATOM   1218 C CA  . GLU B 1 55  ? -14.093 7.432   -6.772  1.00 48.02 ?  52  GLU B CA  1 
ATOM   1219 C C   . GLU B 1 55  ? -12.655 7.725   -7.174  1.00 49.17 ?  52  GLU B C   1 
ATOM   1220 O O   . GLU B 1 55  ? -12.401 8.372   -8.201  1.00 52.82 ?  52  GLU B O   1 
ATOM   1221 C CB  . GLU B 1 55  ? -14.512 8.417   -5.674  1.00 51.24 ?  52  GLU B CB  1 
ATOM   1222 C CG  . GLU B 1 55  ? -15.927 8.287   -5.196  1.00 54.38 ?  52  GLU B CG  1 
ATOM   1223 C CD  . GLU B 1 55  ? -16.036 7.300   -4.049  1.00 61.33 ?  52  GLU B CD  1 
ATOM   1224 O OE1 . GLU B 1 55  ? -15.317 7.492   -3.035  1.00 56.54 ?  52  GLU B OE1 1 
ATOM   1225 O OE2 . GLU B 1 55  ? -16.822 6.331   -4.174  1.00 66.63 ?  52  GLU B OE2 1 
ATOM   1226 N N   . GLU B 1 56  ? -11.703 7.271   -6.349  1.00 45.97 ?  53  GLU B N   1 
ATOM   1227 C CA  . GLU B 1 56  ? -10.282 7.477   -6.614  1.00 41.85 ?  53  GLU B CA  1 
ATOM   1228 C C   . GLU B 1 56  ? -9.831  6.690   -7.844  1.00 41.80 ?  53  GLU B C   1 
ATOM   1229 O O   . GLU B 1 56  ? -9.027  7.180   -8.640  1.00 40.37 ?  53  GLU B O   1 
ATOM   1230 C CB  . GLU B 1 56  ? -9.482  7.071   -5.377  1.00 39.26 ?  53  GLU B CB  1 
ATOM   1231 C CG  . GLU B 1 56  ? -8.437  8.073   -4.951  1.00 43.69 ?  53  GLU B CG  1 
ATOM   1232 C CD  . GLU B 1 56  ? -8.983  9.493   -4.886  1.00 50.88 ?  53  GLU B CD  1 
ATOM   1233 O OE1 . GLU B 1 56  ? -8.453  10.348  -5.641  1.00 52.10 ?  53  GLU B OE1 1 
ATOM   1234 O OE2 . GLU B 1 56  ? -9.947  9.740   -4.108  1.00 42.91 ?  53  GLU B OE2 1 
ATOM   1235 N N   . GLY B 1 57  ? -10.337 5.467   -8.005  1.00 39.08 ?  54  GLY B N   1 
ATOM   1236 C CA  . GLY B 1 57  ? -10.114 4.655   -9.184  1.00 35.04 ?  54  GLY B CA  1 
ATOM   1237 C C   . GLY B 1 57  ? -8.836  3.833   -9.204  1.00 29.00 ?  54  GLY B C   1 
ATOM   1238 O O   . GLY B 1 57  ? -8.610  3.124   -10.193 1.00 20.89 ?  54  GLY B O   1 
ATOM   1239 N N   . TYR B 1 58  ? -8.010  3.886   -8.149  1.00 23.23 ?  55  TYR B N   1 
ATOM   1240 C CA  . TYR B 1 58  ? -6.788  3.083   -8.095  1.00 20.53 ?  55  TYR B CA  1 
ATOM   1241 C C   . TYR B 1 58  ? -7.118  1.597   -8.053  1.00 18.28 ?  55  TYR B C   1 
ATOM   1242 O O   . TYR B 1 58  ? -7.978  1.168   -7.269  1.00 18.63 ?  55  TYR B O   1 
ATOM   1243 C CB  . TYR B 1 58  ? -5.971  3.446   -6.868  1.00 19.01 ?  55  TYR B CB  1 
ATOM   1244 C CG  . TYR B 1 58  ? -5.426  4.864   -6.874  1.00 25.67 ?  55  TYR B CG  1 
ATOM   1245 C CD1 . TYR B 1 58  ? -5.946  5.839   -6.034  1.00 22.49 ?  55  TYR B CD1 1 
ATOM   1246 C CD2 . TYR B 1 58  ? -4.355  5.208   -7.712  1.00 21.70 ?  55  TYR B CD2 1 
ATOM   1247 C CE1 . TYR B 1 58  ? -5.437  7.113   -6.036  1.00 27.00 ?  55  TYR B CE1 1 
ATOM   1248 C CE2 . TYR B 1 58  ? -3.839  6.487   -7.720  1.00 21.80 ?  55  TYR B CE2 1 
ATOM   1249 C CZ  . TYR B 1 58  ? -4.389  7.432   -6.882  1.00 26.73 ?  55  TYR B CZ  1 
ATOM   1250 O OH  . TYR B 1 58  ? -3.876  8.709   -6.885  1.00 28.15 ?  55  TYR B OH  1 
ATOM   1251 N N   . THR B 1 59  ? -6.429  0.792   -8.882  1.00 14.67 ?  56  THR B N   1 
ATOM   1252 C CA  . THR B 1 59  ? -6.757  -0.635  -8.986  1.00 13.02 ?  56  THR B CA  1 
ATOM   1253 C C   . THR B 1 59  ? -5.640  -1.585  -8.551  1.00 14.97 ?  56  THR B C   1 
ATOM   1254 O O   . THR B 1 59  ? -5.941  -2.737  -8.217  1.00 14.88 ?  56  THR B O   1 
ATOM   1255 C CB  . THR B 1 59  ? -7.145  -1.007  -10.422 1.00 14.15 ?  56  THR B CB  1 
ATOM   1256 O OG1 . THR B 1 59  ? -6.078  -0.640  -11.296 1.00 16.88 ?  56  THR B OG1 1 
ATOM   1257 C CG2 . THR B 1 59  ? -8.432  -0.311  -10.873 1.00 14.26 ?  56  THR B CG2 1 
ATOM   1258 N N   . HIS B 1 60  ? -4.369  -1.156  -8.548  1.00 13.37 ?  57  HIS B N   1 
ATOM   1259 C CA  . HIS B 1 60  ? -3.245  -2.066  -8.325  1.00 13.15 ?  57  HIS B CA  1 
ATOM   1260 C C   . HIS B 1 60  ? -2.219  -1.494  -7.362  1.00 15.33 ?  57  HIS B C   1 
ATOM   1261 O O   . HIS B 1 60  ? -2.019  -0.272  -7.277  1.00 13.24 ?  57  HIS B O   1 
ATOM   1262 C CB  . HIS B 1 60  ? -2.501  -2.400  -9.596  1.00 13.02 ?  57  HIS B CB  1 
ATOM   1263 C CG  . HIS B 1 60  ? -3.303  -3.191  -10.575 1.00 15.53 ?  57  HIS B CG  1 
ATOM   1264 N ND1 . HIS B 1 60  ? -4.313  -2.630  -11.329 1.00 15.51 ?  57  HIS B ND1 1 
ATOM   1265 C CD2 . HIS B 1 60  ? -3.242  -4.498  -10.936 1.00 14.93 ?  57  HIS B CD2 1 
ATOM   1266 C CE1 . HIS B 1 60  ? -4.846  -3.560  -12.105 1.00 18.34 ?  57  HIS B CE1 1 
ATOM   1267 N NE2 . HIS B 1 60  ? -4.211  -4.701  -11.891 1.00 14.04 ?  57  HIS B NE2 1 
ATOM   1268 N N   . ILE B 1 61  ? -1.492  -2.423  -6.727  1.00 13.52 ?  58  ILE B N   1 
ATOM   1269 C CA  . ILE B 1 61  ? -0.524  -2.146  -5.671  1.00 14.49 ?  58  ILE B CA  1 
ATOM   1270 C C   . ILE B 1 61  ? 0.791   -2.844  -6.013  1.00 16.32 ?  58  ILE B C   1 
ATOM   1271 O O   . ILE B 1 61  ? 0.794   -3.993  -6.481  1.00 14.44 ?  58  ILE B O   1 
ATOM   1272 C CB  . ILE B 1 61  ? -1.045  -2.658  -4.314  1.00 18.34 ?  58  ILE B CB  1 
ATOM   1273 C CG1 . ILE B 1 61  ? -2.368  -1.989  -3.932  1.00 19.64 ?  58  ILE B CG1 1 
ATOM   1274 C CG2 . ILE B 1 61  ? 0.015   -2.518  -3.222  1.00 19.38 ?  58  ILE B CG2 1 
ATOM   1275 C CD1 . ILE B 1 61  ? -2.316  -0.516  -3.809  1.00 19.35 ?  58  ILE B CD1 1 
ATOM   1276 N N   . VAL B 1 62  ? 1.912   -2.156  -5.810  1.00 14.36 ?  59  VAL B N   1 
ATOM   1277 C CA  . VAL B 1 62  ? 3.230   -2.786  -5.923  1.00 16.12 ?  59  VAL B CA  1 
ATOM   1278 C C   . VAL B 1 62  ? 3.983   -2.546  -4.621  1.00 16.85 ?  59  VAL B C   1 
ATOM   1279 O O   . VAL B 1 62  ? 4.097   -1.400  -4.178  1.00 15.25 ?  59  VAL B O   1 
ATOM   1280 C CB  . VAL B 1 62  ? 4.053   -2.238  -7.111  1.00 13.45 ?  59  VAL B CB  1 
ATOM   1281 C CG1 . VAL B 1 62  ? 5.332   -3.025  -7.243  1.00 13.02 ?  59  VAL B CG1 1 
ATOM   1282 C CG2 . VAL B 1 62  ? 3.236   -2.305  -8.395  1.00 13.02 ?  59  VAL B CG2 1 
ATOM   1283 N N   . GLU B 1 63  ? 4.520   -3.623  -4.025  1.00 14.42 ?  60  GLU B N   1 
ATOM   1284 C CA  . GLU B 1 63  ? 5.358   -3.544  -2.831  1.00 20.00 ?  60  GLU B CA  1 
ATOM   1285 C C   . GLU B 1 63  ? 6.795   -3.865  -3.242  1.00 20.41 ?  60  GLU B C   1 
ATOM   1286 O O   . GLU B 1 63  ? 7.075   -4.989  -3.669  1.00 18.55 ?  60  GLU B O   1 
ATOM   1287 C CB  . GLU B 1 63  ? 4.892   -4.529  -1.754  1.00 18.48 ?  60  GLU B CB  1 
ATOM   1288 C CG  . GLU B 1 63  ? 3.465   -4.351  -1.242  1.00 25.90 ?  60  GLU B CG  1 
ATOM   1289 C CD  . GLU B 1 63  ? 3.162   -5.294  -0.070  1.00 29.44 ?  60  GLU B CD  1 
ATOM   1290 O OE1 . GLU B 1 63  ? 4.060   -5.430  0.794   1.00 34.18 ?  60  GLU B OE1 1 
ATOM   1291 O OE2 . GLU B 1 63  ? 2.045   -5.873  0.010   1.00 24.33 -1 60  GLU B OE2 1 
ATOM   1292 N N   . VAL B 1 64  ? 7.696   -2.888  -3.123  1.00 17.16 ?  61  VAL B N   1 
ATOM   1293 C CA  . VAL B 1 64  ? 9.121   -3.072  -3.401  1.00 22.25 ?  61  VAL B CA  1 
ATOM   1294 C C   . VAL B 1 64  ? 9.885   -2.965  -2.092  1.00 25.22 ?  61  VAL B C   1 
ATOM   1295 O O   . VAL B 1 64  ? 9.683   -2.020  -1.322  1.00 21.26 ?  61  VAL B O   1 
ATOM   1296 C CB  . VAL B 1 64  ? 9.657   -2.035  -4.402  1.00 25.49 ?  61  VAL B CB  1 
ATOM   1297 C CG1 . VAL B 1 64  ? 11.069  -2.416  -4.855  1.00 27.55 ?  61  VAL B CG1 1 
ATOM   1298 C CG2 . VAL B 1 64  ? 8.708   -1.876  -5.595  1.00 20.25 ?  61  VAL B CG2 1 
ATOM   1299 N N   . THR B 1 65  ? 10.759  -3.926  -1.840  1.00 26.99 ?  62  THR B N   1 
ATOM   1300 C CA  . THR B 1 65  ? 11.655  -3.893  -0.694  1.00 29.98 ?  62  THR B CA  1 
ATOM   1301 C C   . THR B 1 65  ? 13.056  -3.527  -1.172  1.00 32.96 ?  62  THR B C   1 
ATOM   1302 O O   . THR B 1 65  ? 13.525  -4.042  -2.188  1.00 30.24 ?  62  THR B O   1 
ATOM   1303 C CB  . THR B 1 65  ? 11.690  -5.238  0.023   1.00 30.34 ?  62  THR B CB  1 
ATOM   1304 O OG1 . THR B 1 65  ? 10.359  -5.638  0.372   1.00 30.40 ?  62  THR B OG1 1 
ATOM   1305 C CG2 . THR B 1 65  ? 12.549  -5.135  1.293   1.00 31.88 ?  62  THR B CG2 1 
ATOM   1306 N N   . PHE B 1 66  ? 13.711  -2.625  -0.452  1.00 33.91 ?  63  PHE B N   1 
ATOM   1307 C CA  . PHE B 1 66  ? 15.047  -2.146  -0.788  1.00 36.15 ?  63  PHE B CA  1 
ATOM   1308 C C   . PHE B 1 66  ? 16.037  -2.457  0.333   1.00 37.02 ?  63  PHE B C   1 
ATOM   1309 O O   . PHE B 1 66  ? 15.658  -2.765  1.474   1.00 39.42 ?  63  PHE B O   1 
ATOM   1310 C CB  . PHE B 1 66  ? 15.035  -0.636  -1.055  1.00 35.33 ?  63  PHE B CB  1 
ATOM   1311 C CG  . PHE B 1 66  ? 14.341  -0.244  -2.320  1.00 37.92 ?  63  PHE B CG  1 
ATOM   1312 C CD1 . PHE B 1 66  ? 13.079  0.362   -2.283  1.00 34.71 ?  63  PHE B CD1 1 
ATOM   1313 C CD2 . PHE B 1 66  ? 14.970  -0.441  -3.558  1.00 34.90 ?  63  PHE B CD2 1 
ATOM   1314 C CE1 . PHE B 1 66  ? 12.440  0.755   -3.464  1.00 31.75 ?  63  PHE B CE1 1 
ATOM   1315 C CE2 . PHE B 1 66  ? 14.355  -0.063  -4.754  1.00 33.01 ?  63  PHE B CE2 1 
ATOM   1316 C CZ  . PHE B 1 66  ? 13.083  0.543   -4.714  1.00 36.49 ?  63  PHE B CZ  1 
ATOM   1317 N N   . ILE B 1 72  ? 17.667  3.975   -2.183  1.00 38.16 ?  69  ILE B N   1 
ATOM   1318 C CA  . ILE B 1 72  ? 16.578  4.248   -3.120  1.00 44.86 ?  69  ILE B CA  1 
ATOM   1319 C C   . ILE B 1 72  ? 17.096  5.143   -4.247  1.00 44.92 ?  69  ILE B C   1 
ATOM   1320 O O   . ILE B 1 72  ? 16.639  5.048   -5.394  1.00 43.18 ?  69  ILE B O   1 
ATOM   1321 C CB  . ILE B 1 72  ? 15.354  4.854   -2.384  1.00 45.92 ?  69  ILE B CB  1 
ATOM   1322 C CG1 . ILE B 1 72  ? 14.708  3.792   -1.483  1.00 38.51 ?  69  ILE B CG1 1 
ATOM   1323 C CG2 . ILE B 1 72  ? 14.296  5.397   -3.369  1.00 39.83 ?  69  ILE B CG2 1 
ATOM   1324 C CD1 . ILE B 1 72  ? 13.298  4.151   -1.021  1.00 36.95 ?  69  ILE B CD1 1 
ATOM   1325 N N   . GLN B 1 73  ? 18.115  5.965   -3.956  1.00 43.24 ?  70  GLN B N   1 
ATOM   1326 C CA  . GLN B 1 73  ? 18.711  6.805   -4.984  1.00 44.99 ?  70  GLN B CA  1 
ATOM   1327 C C   . GLN B 1 73  ? 19.446  5.969   -6.033  1.00 46.42 ?  70  GLN B C   1 
ATOM   1328 O O   . GLN B 1 73  ? 19.446  6.326   -7.220  1.00 46.73 ?  70  GLN B O   1 
ATOM   1329 C CB  . GLN B 1 73  ? 19.662  7.825   -4.359  1.00 46.02 ?  70  GLN B CB  1 
ATOM   1330 C CG  . GLN B 1 73  ? 19.794  9.091   -5.200  1.00 43.83 ?  70  GLN B CG  1 
ATOM   1331 C CD  . GLN B 1 73  ? 18.434  9.761   -5.396  1.00 52.70 ?  70  GLN B CD  1 
ATOM   1332 O OE1 . GLN B 1 73  ? 17.593  9.769   -4.480  1.00 56.92 ?  70  GLN B OE1 1 
ATOM   1333 N NE2 . GLN B 1 73  ? 18.201  10.302  -6.590  1.00 49.36 ?  70  GLN B NE2 1 
ATOM   1334 N N   . ASP B 1 74  ? 20.099  4.871   -5.617  1.00 46.39 ?  71  ASP B N   1 
ATOM   1335 C CA  . ASP B 1 74  ? 20.757  3.980   -6.583  1.00 47.02 ?  71  ASP B CA  1 
ATOM   1336 C C   . ASP B 1 74  ? 19.738  3.365   -7.534  1.00 42.02 ?  71  ASP B C   1 
ATOM   1337 O O   . ASP B 1 74  ? 20.018  3.149   -8.722  1.00 40.64 ?  71  ASP B O   1 
ATOM   1338 C CB  . ASP B 1 74  ? 21.518  2.875   -5.845  1.00 44.57 ?  71  ASP B CB  1 
ATOM   1339 C CG  . ASP B 1 74  ? 22.686  3.404   -5.025  1.00 52.19 ?  71  ASP B CG  1 
ATOM   1340 O OD1 . ASP B 1 74  ? 23.274  4.439   -5.423  1.00 47.77 ?  71  ASP B OD1 1 
ATOM   1341 O OD2 . ASP B 1 74  ? 22.981  2.805   -3.960  1.00 53.50 -1 71  ASP B OD2 1 
ATOM   1342 N N   . TYR B 1 75  ? 18.551  3.063   -7.011  1.00 41.72 ?  72  TYR B N   1 
ATOM   1343 C CA  . TYR B 1 75  ? 17.468  2.528   -7.821  1.00 35.70 ?  72  TYR B CA  1 
ATOM   1344 C C   . TYR B 1 75  ? 16.881  3.601   -8.737  1.00 35.99 ?  72  TYR B C   1 
ATOM   1345 O O   . TYR B 1 75  ? 16.700  3.360   -9.939  1.00 35.71 ?  72  TYR B O   1 
ATOM   1346 C CB  . TYR B 1 75  ? 16.422  1.930   -6.880  1.00 35.37 ?  72  TYR B CB  1 
ATOM   1347 C CG  . TYR B 1 75  ? 15.011  1.839   -7.430  1.00 39.18 ?  72  TYR B CG  1 
ATOM   1348 C CD1 . TYR B 1 75  ? 14.629  0.791   -8.267  1.00 31.85 ?  72  TYR B CD1 1 
ATOM   1349 C CD2 . TYR B 1 75  ? 14.051  2.797   -7.080  1.00 34.90 ?  72  TYR B CD2 1 
ATOM   1350 C CE1 . TYR B 1 75  ? 13.326  0.706   -8.749  1.00 34.96 ?  72  TYR B CE1 1 
ATOM   1351 C CE2 . TYR B 1 75  ? 12.756  2.726   -7.565  1.00 35.77 ?  72  TYR B CE2 1 
ATOM   1352 C CZ  . TYR B 1 75  ? 12.390  1.682   -8.394  1.00 35.17 ?  72  TYR B CZ  1 
ATOM   1353 O OH  . TYR B 1 75  ? 11.081  1.626   -8.859  1.00 39.23 ?  72  TYR B OH  1 
ATOM   1354 N N   . ILE B 1 76  ? 16.663  4.813   -8.202  1.00 36.19 ?  73  ILE B N   1 
ATOM   1355 C CA  . ILE B 1 76  ? 15.970  5.881   -8.935  1.00 38.13 ?  73  ILE B CA  1 
ATOM   1356 C C   . ILE B 1 76  ? 16.678  6.221   -10.243 1.00 39.55 ?  73  ILE B C   1 
ATOM   1357 O O   . ILE B 1 76  ? 16.028  6.422   -11.284 1.00 34.14 ?  73  ILE B O   1 
ATOM   1358 C CB  . ILE B 1 76  ? 15.809  7.136   -8.047  1.00 36.36 ?  73  ILE B CB  1 
ATOM   1359 C CG1 . ILE B 1 76  ? 14.664  6.941   -7.056  1.00 43.36 ?  73  ILE B CG1 1 
ATOM   1360 C CG2 . ILE B 1 76  ? 15.591  8.378   -8.894  1.00 35.55 ?  73  ILE B CG2 1 
ATOM   1361 C CD1 . ILE B 1 76  ? 14.580  8.000   -5.976  1.00 46.37 ?  73  ILE B CD1 1 
ATOM   1362 N N   . ILE B 1 77  ? 18.012  6.310   -10.215 1.00 36.22 ?  74  ILE B N   1 
ATOM   1363 C CA  . ILE B 1 77  ? 18.776  6.705   -11.397 1.00 38.33 ?  74  ILE B CA  1 
ATOM   1364 C C   . ILE B 1 77  ? 19.351  5.510   -12.139 1.00 32.83 ?  74  ILE B C   1 
ATOM   1365 O O   . ILE B 1 77  ? 19.996  5.691   -13.181 1.00 33.91 ?  74  ILE B O   1 
ATOM   1366 C CB  . ILE B 1 77  ? 19.913  7.681   -11.030 1.00 44.21 ?  74  ILE B CB  1 
ATOM   1367 C CG1 . ILE B 1 77  ? 20.717  7.126   -9.853  1.00 40.98 ?  74  ILE B CG1 1 
ATOM   1368 C CG2 . ILE B 1 77  ? 19.340  9.071   -10.694 1.00 46.59 ?  74  ILE B CG2 1 
ATOM   1369 C CD1 . ILE B 1 77  ? 21.750  8.080   -9.314  1.00 46.83 ?  74  ILE B CD1 1 
ATOM   1370 N N   . HIS B 1 78  ? 19.149  4.306   -11.628 1.00 35.32 ?  75  HIS B N   1 
ATOM   1371 C CA  . HIS B 1 78  ? 19.595  3.108   -12.321 1.00 34.26 ?  75  HIS B CA  1 
ATOM   1372 C C   . HIS B 1 78  ? 18.972  3.037   -13.717 1.00 30.21 ?  75  HIS B C   1 
ATOM   1373 O O   . HIS B 1 78  ? 17.746  3.177   -13.853 1.00 30.51 ?  75  HIS B O   1 
ATOM   1374 C CB  . HIS B 1 78  ? 19.218  1.874   -11.515 1.00 30.99 ?  75  HIS B CB  1 
ATOM   1375 C CG  . HIS B 1 78  ? 19.925  0.641   -11.961 1.00 30.28 ?  75  HIS B CG  1 
ATOM   1376 N ND1 . HIS B 1 78  ? 19.938  0.226   -13.277 1.00 29.36 ?  75  HIS B ND1 1 
ATOM   1377 C CD2 . HIS B 1 78  ? 20.631  -0.277  -11.264 1.00 28.83 ?  75  HIS B CD2 1 
ATOM   1378 C CE1 . HIS B 1 78  ? 20.635  -0.889  -13.372 1.00 28.82 ?  75  HIS B CE1 1 
ATOM   1379 N NE2 . HIS B 1 78  ? 21.060  -1.219  -12.164 1.00 29.39 ?  75  HIS B NE2 1 
ATOM   1380 N N   . PRO B 1 79  ? 19.774  2.852   -14.774 1.00 31.63 ?  76  PRO B N   1 
ATOM   1381 C CA  . PRO B 1 79  ? 19.212  2.860   -16.142 1.00 30.70 ?  76  PRO B CA  1 
ATOM   1382 C C   . PRO B 1 79  ? 18.105  1.841   -16.360 1.00 29.28 ?  76  PRO B C   1 
ATOM   1383 O O   . PRO B 1 79  ? 17.232  2.057   -17.220 1.00 29.34 ?  76  PRO B O   1 
ATOM   1384 C CB  . PRO B 1 79  ? 20.433  2.543   -17.021 1.00 33.04 ?  76  PRO B CB  1 
ATOM   1385 C CG  . PRO B 1 79  ? 21.602  3.005   -16.220 1.00 34.74 ?  76  PRO B CG  1 
ATOM   1386 C CD  . PRO B 1 79  ? 21.247  2.782   -14.772 1.00 31.17 ?  76  PRO B CD  1 
ATOM   1387 N N   . ALA B 1 80  ? 18.134  0.718   -15.632 1.00 28.27 ?  77  ALA B N   1 
ATOM   1388 C CA  . ALA B 1 80  ? 17.044  -0.251  -15.737 1.00 31.26 ?  77  ALA B CA  1 
ATOM   1389 C C   . ALA B 1 80  ? 15.743  0.336   -15.200 1.00 27.86 ?  77  ALA B C   1 
ATOM   1390 O O   . ALA B 1 80  ? 14.673  0.183   -15.818 1.00 24.86 ?  77  ALA B O   1 
ATOM   1391 C CB  . ALA B 1 80  ? 17.413  -1.539  -14.998 1.00 19.74 ?  77  ALA B CB  1 
ATOM   1392 N N   . HIS B 1 81  ? 15.825  1.057   -14.108 1.00 31.82 ?  78  HIS B N   1 
ATOM   1393 C CA  . HIS B 1 81  ? 14.647  1.690   -13.536 1.00 29.57 ?  78  HIS B CA  1 
ATOM   1394 C C   . HIS B 1 81  ? 14.168  2.804   -14.399 1.00 33.37 ?  78  HIS B C   1 
ATOM   1395 O O   . HIS B 1 81  ? 13.005  2.879   -14.668 1.00 31.29 ?  78  HIS B O   1 
ATOM   1396 C CB  . HIS B 1 81  ? 14.817  2.208   -12.129 1.00 32.01 ?  78  HIS B CB  1 
ATOM   1397 C CG  . HIS B 1 81  ? 13.581  2.875   -11.619 1.00 37.88 ?  78  HIS B CG  1 
ATOM   1398 N ND1 . HIS B 1 81  ? 13.518  4.219   -11.362 1.00 33.74 ?  78  HIS B ND1 1 
ATOM   1399 C CD2 . HIS B 1 81  ? 12.329  2.398   -11.450 1.00 29.40 ?  78  HIS B CD2 1 
ATOM   1400 C CE1 . HIS B 1 81  ? 12.293  4.527   -10.991 1.00 36.35 ?  78  HIS B CE1 1 
ATOM   1401 N NE2 . HIS B 1 81  ? 11.559  3.437   -11.023 1.00 33.76 ?  78  HIS B NE2 1 
ATOM   1402 N N   . VAL B 1 82  ? 15.079  3.674   -14.805 1.00 28.95 ?  79  VAL B N   1 
ATOM   1403 C CA  . VAL B 1 82  ? 14.724  4.771   -15.701 1.00 31.66 ?  79  VAL B CA  1 
ATOM   1404 C C   . VAL B 1 82  ? 14.180  4.222   -17.008 1.00 29.44 ?  79  VAL B C   1 
ATOM   1405 O O   . VAL B 1 82  ? 13.244  4.784   -17.597 1.00 27.15 ?  79  VAL B O   1 
ATOM   1406 C CB  . VAL B 1 82  ? 15.936  5.696   -15.942 1.00 31.61 ?  79  VAL B CB  1 
ATOM   1407 C CG1 . VAL B 1 82  ? 15.678  6.622   -17.127 1.00 29.70 ?  79  VAL B CG1 1 
ATOM   1408 C CG2 . VAL B 1 82  ? 16.247  6.511   -14.683 1.00 30.61 ?  79  VAL B CG2 1 
ATOM   1409 N N   . GLY B 1 83  ? 14.781  3.133   -17.499 1.00 27.99 ?  80  GLY B N   1 
ATOM   1410 C CA  . GLY B 1 83  ? 14.310  2.541   -18.743 1.00 29.80 ?  80  GLY B CA  1 
ATOM   1411 C C   . GLY B 1 83  ? 12.911  1.971   -18.599 1.00 32.71 ?  80  GLY B C   1 
ATOM   1412 O O   . GLY B 1 83  ? 12.068  2.126   -19.494 1.00 33.80 ?  80  GLY B O   1 
ATOM   1413 N N   . PHE B 1 84  ? 12.635  1.319   -17.466 1.00 29.24 ?  81  PHE B N   1 
ATOM   1414 C CA  . PHE B 1 84  ? 11.282  0.823   -17.242 1.00 26.63 ?  81  PHE B CA  1 
ATOM   1415 C C   . PHE B 1 84  ? 10.281  1.978   -17.291 1.00 27.51 ?  81  PHE B C   1 
ATOM   1416 O O   . PHE B 1 84  ? 9.261   1.904   -17.990 1.00 25.72 ?  81  PHE B O   1 
ATOM   1417 C CB  . PHE B 1 84  ? 11.215  0.058   -15.919 1.00 26.51 ?  81  PHE B CB  1 
ATOM   1418 C CG  . PHE B 1 84  ? 9.863   -0.524  -15.636 1.00 27.73 ?  81  PHE B CG  1 
ATOM   1419 C CD1 . PHE B 1 84  ? 9.526   -1.784  -16.103 1.00 22.87 ?  81  PHE B CD1 1 
ATOM   1420 C CD2 . PHE B 1 84  ? 8.909   0.205   -14.939 1.00 25.69 ?  81  PHE B CD2 1 
ATOM   1421 C CE1 . PHE B 1 84  ? 8.280   -2.318  -15.878 1.00 21.70 ?  81  PHE B CE1 1 
ATOM   1422 C CE2 . PHE B 1 84  ? 7.641   -0.334  -14.710 1.00 30.46 ?  81  PHE B CE2 1 
ATOM   1423 C CZ  . PHE B 1 84  ? 7.334   -1.601  -15.170 1.00 23.66 ?  81  PHE B CZ  1 
ATOM   1424 N N   . GLY B 1 85  ? 10.597  3.093   -16.620 1.00 28.85 ?  82  GLY B N   1 
ATOM   1425 C CA  . GLY B 1 85  ? 9.745   4.272   -16.720 1.00 27.31 ?  82  GLY B CA  1 
ATOM   1426 C C   . GLY B 1 85  ? 9.619   4.789   -18.142 1.00 33.61 ?  82  GLY B C   1 
ATOM   1427 O O   . GLY B 1 85  ? 8.532   5.190   -18.575 1.00 32.51 ?  82  GLY B O   1 
ATOM   1428 N N   . ASP B 1 86  ? 10.714  4.734   -18.908 1.00 34.35 ?  83  ASP B N   1 
ATOM   1429 C CA  . ASP B 1 86  ? 10.642  5.143   -20.308 1.00 35.19 ?  83  ASP B CA  1 
ATOM   1430 C C   . ASP B 1 86  ? 9.695   4.252   -21.117 1.00 35.30 ?  83  ASP B C   1 
ATOM   1431 O O   . ASP B 1 86  ? 8.924   4.752   -21.950 1.00 36.51 ?  83  ASP B O   1 
ATOM   1432 C CB  . ASP B 1 86  ? 12.040  5.131   -20.938 1.00 29.09 ?  83  ASP B CB  1 
ATOM   1433 C CG  . ASP B 1 86  ? 12.921  6.287   -20.445 1.00 41.97 ?  83  ASP B CG  1 
ATOM   1434 O OD1 . ASP B 1 86  ? 12.364  7.328   -20.036 1.00 32.95 ?  83  ASP B OD1 1 
ATOM   1435 O OD2 . ASP B 1 86  ? 14.180  6.176   -20.450 1.00 53.71 -1 83  ASP B OD2 1 
ATOM   1436 N N   . VAL B 1 87  ? 9.769   2.937   -20.934 1.00 27.77 ?  84  VAL B N   1 
ATOM   1437 C CA  . VAL B 1 87  ? 8.946   2.049   -21.747 1.00 27.55 ?  84  VAL B CA  1 
ATOM   1438 C C   . VAL B 1 87  ? 7.465   2.228   -21.408 1.00 26.54 ?  84  VAL B C   1 
ATOM   1439 O O   . VAL B 1 87  ? 6.624   2.355   -22.306 1.00 20.98 ?  84  VAL B O   1 
ATOM   1440 C CB  . VAL B 1 87  ? 9.399   0.589   -21.567 1.00 27.75 ?  84  VAL B CB  1 
ATOM   1441 C CG1 . VAL B 1 87  ? 8.553   -0.367  -22.436 1.00 23.16 ?  84  VAL B CG1 1 
ATOM   1442 C CG2 . VAL B 1 87  ? 10.890  0.453   -21.812 1.00 30.46 ?  84  VAL B CG2 1 
ATOM   1443 N N   . TYR B 1 88  ? 7.110   2.237   -20.113 1.00 22.73 ?  85  TYR B N   1 
ATOM   1444 C CA  . TYR B 1 88  ? 5.719   1.978   -19.724 1.00 21.84 ?  85  TYR B CA  1 
ATOM   1445 C C   . TYR B 1 88  ? 4.938   3.187   -19.228 1.00 28.02 ?  85  TYR B C   1 
ATOM   1446 O O   . TYR B 1 88  ? 3.792   3.015   -18.779 1.00 24.18 ?  85  TYR B O   1 
ATOM   1447 C CB  . TYR B 1 88  ? 5.652   0.895   -18.652 1.00 20.77 ?  85  TYR B CB  1 
ATOM   1448 C CG  . TYR B 1 88  ? 6.084   -0.450  -19.173 1.00 22.47 ?  85  TYR B CG  1 
ATOM   1449 C CD1 . TYR B 1 88  ? 7.356   -0.950  -18.888 1.00 20.57 ?  85  TYR B CD1 1 
ATOM   1450 C CD2 . TYR B 1 88  ? 5.219   -1.218  -19.974 1.00 22.05 ?  85  TYR B CD2 1 
ATOM   1451 C CE1 . TYR B 1 88  ? 7.772   -2.186  -19.391 1.00 20.58 ?  85  TYR B CE1 1 
ATOM   1452 C CE2 . TYR B 1 88  ? 5.617   -2.464  -20.481 1.00 18.64 ?  85  TYR B CE2 1 
ATOM   1453 C CZ  . TYR B 1 88  ? 6.901   -2.935  -20.196 1.00 20.66 ?  85  TYR B CZ  1 
ATOM   1454 O OH  . TYR B 1 88  ? 7.317   -4.164  -20.677 1.00 22.41 ?  85  TYR B OH  1 
ATOM   1455 N N   . ARG B 1 89  ? 5.526   4.391   -19.275 1.00 26.89 ?  86  ARG B N   1 
ATOM   1456 C CA  . ARG B 1 89  ? 4.882   5.597   -18.749 1.00 29.23 ?  86  ARG B CA  1 
ATOM   1457 C C   . ARG B 1 89  ? 3.504   5.837   -19.331 1.00 23.05 ?  86  ARG B C   1 
ATOM   1458 O O   . ARG B 1 89  ? 2.623   6.335   -18.626 1.00 27.64 ?  86  ARG B O   1 
ATOM   1459 C CB  . ARG B 1 89  ? 5.725   6.850   -19.024 1.00 32.75 ?  86  ARG B CB  1 
ATOM   1460 C CG  . ARG B 1 89  ? 5.144   8.129   -18.495 1.00 43.74 ?  86  ARG B CG  1 
ATOM   1461 C CD  . ARG B 1 89  ? 6.140   9.299   -18.780 1.00 59.32 ?  86  ARG B CD  1 
ATOM   1462 N NE  . ARG B 1 89  ? 5.642   10.564  -18.267 1.00 73.31 ?  86  ARG B NE  1 
ATOM   1463 C CZ  . ARG B 1 89  ? 6.340   11.690  -18.191 1.00 72.71 ?  86  ARG B CZ  1 
ATOM   1464 N NH1 . ARG B 1 89  ? 7.617   11.727  -18.568 1.00 71.05 1  86  ARG B NH1 1 
ATOM   1465 N NH2 . ARG B 1 89  ? 5.742   12.781  -17.704 1.00 68.42 ?  86  ARG B NH2 1 
ATOM   1466 N N   . SER B 1 90  ? 3.304   5.565   -20.617 1.00 23.29 ?  87  SER B N   1 
ATOM   1467 C CA  . SER B 1 90  ? 1.974   5.772   -21.183 1.00 27.39 ?  87  SER B CA  1 
ATOM   1468 C C   . SER B 1 90  ? 0.923   4.805   -20.618 1.00 28.11 ?  87  SER B C   1 
ATOM   1469 O O   . SER B 1 90  ? -0.273  4.979   -20.903 1.00 24.61 ?  87  SER B O   1 
ATOM   1470 C CB  . SER B 1 90  ? 2.038   5.658   -22.714 1.00 28.73 ?  87  SER B CB  1 
ATOM   1471 O OG  . SER B 1 90  ? 2.356   4.329   -23.133 1.00 31.01 ?  87  SER B OG  1 
ATOM   1472 N N   . PHE B 1 91  ? 1.320   3.807   -19.814 1.00 22.24 ?  88  PHE B N   1 
ATOM   1473 C CA  . PHE B 1 91  ? 0.354   2.813   -19.333 1.00 23.01 ?  88  PHE B CA  1 
ATOM   1474 C C   . PHE B 1 91  ? -0.528  3.346   -18.212 1.00 24.70 ?  88  PHE B C   1 
ATOM   1475 O O   . PHE B 1 91  ? -1.681  2.906   -18.075 1.00 28.32 ?  88  PHE B O   1 
ATOM   1476 C CB  . PHE B 1 91  ? 1.044   1.536   -18.835 1.00 20.02 ?  88  PHE B CB  1 
ATOM   1477 C CG  . PHE B 1 91  ? 1.412   0.560   -19.929 1.00 23.07 ?  88  PHE B CG  1 
ATOM   1478 C CD1 . PHE B 1 91  ? 1.759   1.004   -21.206 1.00 24.24 ?  88  PHE B CD1 1 
ATOM   1479 C CD2 . PHE B 1 91  ? 1.370   -0.812  -19.682 1.00 20.45 ?  88  PHE B CD2 1 
ATOM   1480 C CE1 . PHE B 1 91  ? 2.093   0.099   -22.205 1.00 22.12 ?  88  PHE B CE1 1 
ATOM   1481 C CE2 . PHE B 1 91  ? 1.696   -1.736  -20.675 1.00 20.48 ?  88  PHE B CE2 1 
ATOM   1482 C CZ  . PHE B 1 91  ? 2.057   -1.289  -21.938 1.00 22.39 ?  88  PHE B CZ  1 
ATOM   1483 N N   . TRP B 1 92  ? -0.029  4.251   -17.379 1.00 21.32 ?  89  TRP B N   1 
ATOM   1484 C CA  . TRP B 1 92  ? -0.748  4.576   -16.156 1.00 24.79 ?  89  TRP B CA  1 
ATOM   1485 C C   . TRP B 1 92  ? -1.435  5.926   -16.235 1.00 24.11 ?  89  TRP B C   1 
ATOM   1486 O O   . TRP B 1 92  ? -0.865  6.908   -16.717 1.00 24.06 ?  89  TRP B O   1 
ATOM   1487 C CB  . TRP B 1 92  ? 0.158   4.536   -14.932 1.00 22.66 ?  89  TRP B CB  1 
ATOM   1488 C CG  . TRP B 1 92  ? 1.385   5.406   -14.956 1.00 25.12 ?  89  TRP B CG  1 
ATOM   1489 C CD1 . TRP B 1 92  ? 1.450   6.771   -14.809 1.00 25.30 ?  89  TRP B CD1 1 
ATOM   1490 C CD2 . TRP B 1 92  ? 2.746   4.945   -15.017 1.00 26.36 ?  89  TRP B CD2 1 
ATOM   1491 N NE1 . TRP B 1 92  ? 2.774   7.186   -14.815 1.00 24.08 ?  89  TRP B NE1 1 
ATOM   1492 C CE2 . TRP B 1 92  ? 3.584   6.085   -14.932 1.00 26.17 ?  89  TRP B CE2 1 
ATOM   1493 C CE3 . TRP B 1 92  ? 3.338   3.673   -15.126 1.00 28.89 ?  89  TRP B CE3 1 
ATOM   1494 C CZ2 . TRP B 1 92  ? 4.983   5.994   -14.979 1.00 23.89 ?  89  TRP B CZ2 1 
ATOM   1495 C CZ3 . TRP B 1 92  ? 4.726   3.583   -15.172 1.00 27.66 ?  89  TRP B CZ3 1 
ATOM   1496 C CH2 . TRP B 1 92  ? 5.533   4.740   -15.097 1.00 28.61 ?  89  TRP B CH2 1 
ATOM   1497 N N   . GLU B 1 93  ? -2.664  5.956   -15.735 1.00 22.63 ?  90  GLU B N   1 
ATOM   1498 C CA  . GLU B 1 93  ? -3.430  7.187   -15.691 1.00 24.11 ?  90  GLU B CA  1 
ATOM   1499 C C   . GLU B 1 93  ? -3.126  7.979   -14.427 1.00 26.77 ?  90  GLU B C   1 
ATOM   1500 O O   . GLU B 1 93  ? -3.038  9.208   -14.474 1.00 21.49 ?  90  GLU B O   1 
ATOM   1501 C CB  . GLU B 1 93  ? -4.918  6.859   -15.763 1.00 23.17 ?  90  GLU B CB  1 
ATOM   1502 C CG  . GLU B 1 93  ? -5.791  8.074   -15.682 1.00 26.40 ?  90  GLU B CG  1 
ATOM   1503 C CD  . GLU B 1 93  ? -7.239  7.712   -15.827 1.00 28.92 ?  90  GLU B CD  1 
ATOM   1504 O OE1 . GLU B 1 93  ? -7.569  6.879   -16.684 1.00 28.05 ?  90  GLU B OE1 1 
ATOM   1505 O OE2 . GLU B 1 93  ? -8.060  8.282   -15.095 1.00 36.78 -1 90  GLU B OE2 1 
ATOM   1506 N N   . LYS B 1 94  ? -2.998  7.296   -13.280 1.00 26.55 ?  91  LYS B N   1 
ATOM   1507 C CA  . LYS B 1 94  ? -2.516  7.910   -12.042 1.00 28.64 ?  91  LYS B CA  1 
ATOM   1508 C C   . LYS B 1 94  ? -1.581  6.962   -11.308 1.00 24.21 ?  91  LYS B C   1 
ATOM   1509 O O   . LYS B 1 94  ? -1.585  5.743   -11.518 1.00 21.63 ?  91  LYS B O   1 
ATOM   1510 C CB  . LYS B 1 94  ? -3.636  8.300   -11.061 1.00 28.66 ?  91  LYS B CB  1 
ATOM   1511 C CG  . LYS B 1 94  ? -4.768  9.068   -11.649 1.00 32.86 ?  91  LYS B CG  1 
ATOM   1512 C CD  . LYS B 1 94  ? -5.818  9.297   -10.595 1.00 37.77 ?  91  LYS B CD  1 
ATOM   1513 C CE  . LYS B 1 94  ? -7.058  8.512   -10.929 1.00 40.06 ?  91  LYS B CE  1 
ATOM   1514 N NZ  . LYS B 1 94  ? -8.077  8.759   -9.902  1.00 42.21 1  91  LYS B NZ  1 
ATOM   1515 N N   . LEU B 1 95  ? -0.855  7.547   -10.360 1.00 22.12 ?  92  LEU B N   1 
ATOM   1516 C CA  . LEU B 1 95  ? 0.273   6.916   -9.690  1.00 23.74 ?  92  LEU B CA  1 
ATOM   1517 C C   . LEU B 1 95  ? 0.541   7.659   -8.385  1.00 26.67 ?  92  LEU B C   1 
ATOM   1518 O O   . LEU B 1 95  ? 0.673   8.888   -8.395  1.00 24.04 ?  92  LEU B O   1 
ATOM   1519 C CB  . LEU B 1 95  ? 1.495   6.961   -10.605 1.00 21.67 ?  92  LEU B CB  1 
ATOM   1520 C CG  . LEU B 1 95  ? 2.696   6.131   -10.217 1.00 27.84 ?  92  LEU B CG  1 
ATOM   1521 C CD1 . LEU B 1 95  ? 3.450   5.739   -11.479 1.00 30.72 ?  92  LEU B CD1 1 
ATOM   1522 C CD2 . LEU B 1 95  ? 3.541   7.058   -9.394  1.00 29.29 ?  92  LEU B CD2 1 
ATOM   1523 N N   . LEU B 1 96  ? 0.589   6.920   -7.272  1.00 22.15 ?  93  LEU B N   1 
ATOM   1524 C CA  . LEU B 1 96  ? 1.080   7.411   -5.985  1.00 20.71 ?  93  LEU B CA  1 
ATOM   1525 C C   . LEU B 1 96  ? 2.292   6.574   -5.603  1.00 22.41 ?  93  LEU B C   1 
ATOM   1526 O O   . LEU B 1 96  ? 2.306   5.353   -5.838  1.00 18.29 ?  93  LEU B O   1 
ATOM   1527 C CB  . LEU B 1 96  ? 0.009   7.296   -4.887  1.00 17.36 ?  93  LEU B CB  1 
ATOM   1528 C CG  . LEU B 1 96  ? -1.312  8.056   -5.061  1.00 22.46 ?  93  LEU B CG  1 
ATOM   1529 C CD1 . LEU B 1 96  ? -2.375  7.533   -4.103  1.00 20.30 ?  93  LEU B CD1 1 
ATOM   1530 C CD2 . LEU B 1 96  ? -1.117  9.551   -4.836  1.00 27.01 ?  93  LEU B CD2 1 
ATOM   1531 N N   . ILE B 1 97  ? 3.312   7.223   -5.029  1.00 18.27 ?  94  ILE B N   1 
ATOM   1532 C CA  . ILE B 1 97  ? 4.509   6.545   -4.534  1.00 19.71 ?  94  ILE B CA  1 
ATOM   1533 C C   . ILE B 1 97  ? 4.718   6.939   -3.079  1.00 20.39 ?  94  ILE B C   1 
ATOM   1534 O O   . ILE B 1 97  ? 4.710   8.133   -2.755  1.00 17.51 ?  94  ILE B O   1 
ATOM   1535 C CB  . ILE B 1 97  ? 5.774   6.913   -5.329  1.00 24.28 ?  94  ILE B CB  1 
ATOM   1536 C CG1 . ILE B 1 97  ? 5.590   6.667   -6.823  1.00 25.79 ?  94  ILE B CG1 1 
ATOM   1537 C CG2 . ILE B 1 97  ? 6.957   6.087   -4.817  1.00 23.45 ?  94  ILE B CG2 1 
ATOM   1538 C CD1 . ILE B 1 97  ? 6.091   5.344   -7.301  1.00 30.48 ?  94  ILE B CD1 1 
ATOM   1539 N N   . PHE B 1 98  ? 4.928   5.940   -2.214  1.00 16.26 ?  95  PHE B N   1 
ATOM   1540 C CA  . PHE B 1 98  ? 5.256   6.136   -0.809  1.00 16.00 ?  95  PHE B CA  1 
ATOM   1541 C C   . PHE B 1 98  ? 6.530   5.361   -0.471  1.00 18.22 ?  95  PHE B C   1 
ATOM   1542 O O   . PHE B 1 98  ? 6.666   4.203   -0.871  1.00 14.95 ?  95  PHE B O   1 
ATOM   1543 C CB  . PHE B 1 98  ? 4.094   5.678   0.091   1.00 19.09 ?  95  PHE B CB  1 
ATOM   1544 C CG  . PHE B 1 98  ? 2.776   6.342   -0.255  1.00 20.18 ?  95  PHE B CG  1 
ATOM   1545 C CD1 . PHE B 1 98  ? 2.527   7.655   0.128   1.00 19.48 ?  95  PHE B CD1 1 
ATOM   1546 C CD2 . PHE B 1 98  ? 1.794   5.656   -0.952  1.00 19.74 ?  95  PHE B CD2 1 
ATOM   1547 C CE1 . PHE B 1 98  ? 1.322   8.285   -0.202  1.00 19.72 ?  95  PHE B CE1 1 
ATOM   1548 C CE2 . PHE B 1 98  ? 0.582   6.268   -1.272  1.00 20.17 ?  95  PHE B CE2 1 
ATOM   1549 C CZ  . PHE B 1 98  ? 0.342   7.575   -0.907  1.00 19.67 ?  95  PHE B CZ  1 
ATOM   1550 N N   . ASP B 1 99  ? 7.460   6.003   0.251   1.00 16.32 ?  96  ASP B N   1 
ATOM   1551 C CA  . ASP B 1 99  ? 8.666   5.358   0.780   1.00 13.76 ?  96  ASP B CA  1 
ATOM   1552 C C   . ASP B 1 99  ? 8.608   5.396   2.296   1.00 14.32 ?  96  ASP B C   1 
ATOM   1553 O O   . ASP B 1 99  ? 8.391   6.466   2.870   1.00 14.48 ?  96  ASP B O   1 
ATOM   1554 C CB  . ASP B 1 99  ? 9.960   6.048   0.309   1.00 14.03 ?  96  ASP B CB  1 
ATOM   1555 C CG  . ASP B 1 99  ? 10.087  6.097   -1.201  1.00 19.35 ?  96  ASP B CG  1 
ATOM   1556 O OD1 . ASP B 1 99  ? 9.951   7.187   -1.793  1.00 16.33 ?  96  ASP B OD1 1 
ATOM   1557 O OD2 . ASP B 1 99  ? 10.305  5.016   -1.797  1.00 19.68 -1 96  ASP B OD2 1 
ATOM   1558 N N   . TYR B 1 100 ? 8.848   4.254   2.948   1.00 14.78 ?  97  TYR B N   1 
ATOM   1559 C CA  . TYR B 1 100 ? 8.707   4.215   4.409   1.00 16.99 ?  97  TYR B CA  1 
ATOM   1560 C C   . TYR B 1 100 ? 9.464   3.035   5.013   1.00 18.95 ?  97  TYR B C   1 
ATOM   1561 O O   . TYR B 1 100 ? 9.769   2.042   4.337   1.00 20.07 ?  97  TYR B O   1 
ATOM   1562 C CB  . TYR B 1 100 ? 7.230   4.146   4.810   1.00 15.42 ?  97  TYR B CB  1 
ATOM   1563 C CG  . TYR B 1 100 ? 6.520   2.904   4.286   1.00 16.12 ?  97  TYR B CG  1 
ATOM   1564 C CD1 . TYR B 1 100 ? 5.971   2.885   3.007   1.00 20.28 ?  97  TYR B CD1 1 
ATOM   1565 C CD2 . TYR B 1 100 ? 6.420   1.748   5.055   1.00 19.02 ?  97  TYR B CD2 1 
ATOM   1566 C CE1 . TYR B 1 100 ? 5.335   1.739   2.509   1.00 24.27 ?  97  TYR B CE1 1 
ATOM   1567 C CE2 . TYR B 1 100 ? 5.784   0.614   4.569   1.00 19.40 ?  97  TYR B CE2 1 
ATOM   1568 C CZ  . TYR B 1 100 ? 5.237   0.620   3.305   1.00 23.30 ?  97  TYR B CZ  1 
ATOM   1569 O OH  . TYR B 1 100 ? 4.602   -0.496  2.825   1.00 28.05 ?  97  TYR B OH  1 
ATOM   1570 N N   . THR B 1 101 ? 9.736   3.131   6.317   1.00 15.75 ?  98  THR B N   1 
ATOM   1571 C CA  . THR B 1 101 ? 10.264  1.972   7.009   1.00 18.38 ?  98  THR B CA  1 
ATOM   1572 C C   . THR B 1 101 ? 9.153   1.318   7.811   1.00 17.40 ?  98  THR B C   1 
ATOM   1573 O O   . THR B 1 101 ? 8.555   1.986   8.675   1.00 18.88 ?  98  THR B O   1 
ATOM   1574 C CB  . THR B 1 101 ? 11.429  2.361   7.909   1.00 26.10 ?  98  THR B CB  1 
ATOM   1575 O OG1 . THR B 1 101 ? 12.465  2.928   7.090   1.00 25.31 ?  98  THR B OG1 1 
ATOM   1576 C CG2 . THR B 1 101 ? 11.986  1.101   8.650   1.00 26.27 ?  98  THR B CG2 1 
ATOM   1577 N N   . PRO B 1 102 ? 8.819   0.045   7.548   1.00 20.23 ?  99  PRO B N   1 
ATOM   1578 C CA  . PRO B 1 102 ? 7.709   -0.588  8.276   1.00 20.27 ?  99  PRO B CA  1 
ATOM   1579 C C   . PRO B 1 102 ? 8.085   -0.850  9.732   1.00 22.40 ?  99  PRO B C   1 
ATOM   1580 O O   . PRO B 1 102 ? 9.231   -1.182  10.043  1.00 23.62 ?  99  PRO B O   1 
ATOM   1581 C CB  . PRO B 1 102 ? 7.455   -1.889  7.499   1.00 21.93 ?  99  PRO B CB  1 
ATOM   1582 C CG  . PRO B 1 102 ? 8.683   -2.113  6.647   1.00 21.24 ?  99  PRO B CG  1 
ATOM   1583 C CD  . PRO B 1 102 ? 9.380   -0.808  6.480   1.00 17.26 ?  99  PRO B CD  1 
ATOM   1584 N N   . ARG B 1 103 ? 7.133   -0.632  10.638  1.00 21.03 ?  100 ARG B N   1 
ATOM   1585 C CA  . ARG B 1 103 ? 7.397   -0.807  12.068  1.00 23.00 ?  100 ARG B CA  1 
ATOM   1586 C C   . ARG B 1 103 ? 6.124   -1.245  12.782  1.00 25.65 ?  100 ARG B C   1 
ATOM   1587 O O   . ARG B 1 103 ? 5.066   -1.410  12.169  1.00 21.21 ?  100 ARG B O   1 
ATOM   1588 C CB  . ARG B 1 103 ? 7.925   0.489   12.681  1.00 28.19 ?  100 ARG B CB  1 
ATOM   1589 C CG  . ARG B 1 103 ? 7.108   1.692   12.284  1.00 23.39 ?  100 ARG B CG  1 
ATOM   1590 C CD  . ARG B 1 103 ? 7.458   2.891   13.108  1.00 28.60 ?  100 ARG B CD  1 
ATOM   1591 N NE  . ARG B 1 103 ? 7.020   2.739   14.492  1.00 37.41 ?  100 ARG B NE  1 
ATOM   1592 C CZ  . ARG B 1 103 ? 7.032   3.733   15.380  1.00 39.06 ?  100 ARG B CZ  1 
ATOM   1593 N NH1 . ARG B 1 103 ? 7.449   4.944   15.016  1.00 36.45 1  100 ARG B NH1 1 
ATOM   1594 N NH2 . ARG B 1 103 ? 6.612   3.521   16.625  1.00 45.28 ?  100 ARG B NH2 1 
ATOM   1595 N N   . LYS B 1 104 ? 6.238   -1.428  14.101  1.00 29.36 ?  101 LYS B N   1 
ATOM   1596 C CA  . LYS B 1 104 ? 5.099   -1.765  14.959  1.00 28.62 ?  101 LYS B CA  1 
ATOM   1597 C C   . LYS B 1 104 ? 4.994   -0.815  16.134  1.00 31.65 ?  101 LYS B C   1 
ATOM   1598 O O   . LYS B 1 104 ? 4.290   -1.113  17.117  1.00 39.14 ?  101 LYS B O   1 
ATOM   1599 C CB  . LYS B 1 104 ? 5.213   -3.198  15.487  1.00 29.33 ?  101 LYS B CB  1 
ATOM   1600 C CG  . LYS B 1 104 ? 5.106   -4.245  14.401  1.00 34.19 ?  101 LYS B CG  1 
ATOM   1601 C CD  . LYS B 1 104 ? 4.837   -5.621  14.973  1.00 28.83 ?  101 LYS B CD  1 
ATOM   1602 C CE  . LYS B 1 104 ? 4.526   -6.580  13.849  1.00 29.47 ?  101 LYS B CE  1 
ATOM   1603 N NZ  . LYS B 1 104 ? 3.892   -7.812  14.381  1.00 40.59 1  101 LYS B NZ  1 
ATOM   1604 O OXT . LYS B 1 104 ? 5.578   0.279   16.100  1.00 34.09 -1 101 LYS B OXT 1 
HETATM 1605 O O   . HOH C 2 .   ? -1.657  16.130  12.379  1.00 32.49 ?  201 HOH A O   1 
HETATM 1606 O O   . HOH C 2 .   ? -9.969  -1.722  7.653   1.00 34.79 ?  202 HOH A O   1 
HETATM 1607 O O   . HOH C 2 .   ? -1.068  13.218  8.020   1.00 16.55 ?  203 HOH A O   1 
HETATM 1608 O O   . HOH C 2 .   ? -16.210 1.543   12.962  1.00 38.15 ?  204 HOH A O   1 
HETATM 1609 O O   . HOH C 2 .   ? -10.701 -1.026  -2.196  1.00 24.78 ?  205 HOH A O   1 
HETATM 1610 O O   . HOH C 2 .   ? 9.156   5.802   7.479   1.00 15.56 ?  206 HOH A O   1 
HETATM 1611 O O   . HOH C 2 .   ? -3.209  20.129  5.934   1.00 39.11 ?  207 HOH A O   1 
HETATM 1612 O O   . HOH C 2 .   ? 4.715   11.783  5.422   1.00 22.79 ?  208 HOH A O   1 
HETATM 1613 O O   . HOH C 2 .   ? 3.429   12.090  2.504   1.00 17.02 ?  209 HOH A O   1 
HETATM 1614 O O   . HOH C 2 .   ? 7.451   12.168  12.109  1.00 37.38 ?  210 HOH A O   1 
HETATM 1615 O O   . HOH C 2 .   ? -7.179  18.753  8.876   1.00 35.64 ?  211 HOH A O   1 
HETATM 1616 O O   . HOH C 2 .   ? 0.321   15.764  3.875   1.00 29.83 ?  212 HOH A O   1 
HETATM 1617 O O   . HOH C 2 .   ? -10.624 14.163  17.531  1.00 34.72 ?  213 HOH A O   1 
HETATM 1618 O O   . HOH C 2 .   ? 0.236   -13.878 -1.039  1.00 36.91 ?  214 HOH A O   1 
HETATM 1619 O O   . HOH C 2 .   ? -6.333  -2.271  20.274  1.00 21.46 ?  215 HOH A O   1 
HETATM 1620 O O   . HOH C 2 .   ? -3.586  -9.907  -6.730  1.00 22.23 ?  216 HOH A O   1 
HETATM 1621 O O   . HOH C 2 .   ? 3.739   12.400  11.747  1.00 28.84 ?  217 HOH A O   1 
HETATM 1622 O O   . HOH C 2 .   ? 1.299   -7.000  7.599   1.00 20.18 ?  218 HOH A O   1 
HETATM 1623 O O   . HOH C 2 .   ? 3.375   3.943   18.133  1.00 27.47 ?  219 HOH A O   1 
HETATM 1624 O O   . HOH C 2 .   ? 4.759   14.498  6.031   1.00 36.60 ?  220 HOH A O   1 
HETATM 1625 O O   . HOH C 2 .   ? -6.309  -13.360 17.816  1.00 26.48 ?  221 HOH A O   1 
HETATM 1626 O O   . HOH C 2 .   ? -1.276  15.635  6.880   1.00 25.71 ?  222 HOH A O   1 
HETATM 1627 O O   . HOH C 2 .   ? -15.296 12.487  17.944  1.00 26.31 ?  223 HOH A O   1 
HETATM 1628 O O   . HOH C 2 .   ? -9.657  0.929   20.620  1.00 26.84 ?  224 HOH A O   1 
HETATM 1629 O O   . HOH D 2 .   ? 10.616  -9.671  -17.603 1.00 34.76 ?  201 HOH B O   1 
HETATM 1630 O O   . HOH D 2 .   ? -6.715  -6.264  -14.243 1.00 29.17 ?  202 HOH B O   1 
HETATM 1631 O O   . HOH D 2 .   ? -6.591  0.225   -13.589 1.00 16.94 ?  203 HOH B O   1 
HETATM 1632 O O   . HOH D 2 .   ? 4.813   4.269   -22.439 1.00 26.30 ?  204 HOH B O   1 
HETATM 1633 O O   . HOH D 2 .   ? -5.767  -9.504  -5.596  1.00 15.00 ?  205 HOH B O   1 
HETATM 1634 O O   . HOH D 2 .   ? -9.844  -0.659  -7.243  1.00 19.63 ?  206 HOH B O   1 
HETATM 1635 O O   . HOH D 2 .   ? 7.878   4.431   9.325   1.00 22.96 ?  207 HOH B O   1 
HETATM 1636 O O   . HOH D 2 .   ? -10.458 2.023   -11.735 1.00 27.26 ?  208 HOH B O   1 
HETATM 1637 O O   . HOH D 2 .   ? 8.872   -11.989 -14.051 1.00 33.89 ?  209 HOH B O   1 
HETATM 1638 O O   . HOH D 2 .   ? -4.526  7.921   -23.715 1.00 33.85 ?  210 HOH B O   1 
HETATM 1639 O O   . HOH D 2 .   ? 2.228   -10.981 -14.899 1.00 24.52 ?  211 HOH B O   1 
HETATM 1640 O O   . HOH D 2 .   ? 0.531   3.617   -24.979 1.00 35.40 ?  212 HOH B O   1 
HETATM 1641 O O   . HOH D 2 .   ? 12.649  -6.316  -16.326 1.00 21.76 ?  213 HOH B O   1 
HETATM 1642 O O   . HOH D 2 .   ? -3.286  10.862  -20.944 1.00 33.66 ?  214 HOH B O   1 
HETATM 1643 O O   . HOH D 2 .   ? -4.107  -8.325  -15.383 1.00 31.59 ?  215 HOH B O   1 
HETATM 1644 O O   . HOH D 2 .   ? 18.678  -8.242  -5.738  1.00 34.64 ?  216 HOH B O   1 
HETATM 1645 O O   . HOH D 2 .   ? 1.194   -10.716 -21.277 1.00 27.78 ?  217 HOH B O   1 
HETATM 1646 O O   . HOH D 2 .   ? -7.417  -0.797  -18.561 1.00 23.34 ?  218 HOH B O   1 
HETATM 1647 O O   . HOH D 2 .   ? 14.533  -1.545  -18.070 1.00 34.01 ?  219 HOH B O   1 
HETATM 1648 O O   . HOH D 2 .   ? 22.449  3.308   -10.207 1.00 31.23 ?  220 HOH B O   1 
HETATM 1649 O O   . HOH D 2 .   ? 8.253   -6.506  -1.489  1.00 25.57 ?  221 HOH B O   1 
HETATM 1650 O O   . HOH D 2 .   ? -3.815  -7.178  -25.859 1.00 28.24 ?  222 HOH B O   1 
HETATM 1651 O O   . HOH D 2 .   ? -4.629  -7.445  -12.876 1.00 28.13 ?  223 HOH B O   1 
HETATM 1652 O O   . HOH D 2 .   ? 6.486   -7.284  -0.083  1.00 31.95 ?  224 HOH B O   1 
HETATM 1653 O O   . HOH D 2 .   ? 20.630  -7.794  -7.924  1.00 23.92 ?  225 HOH B O   1 
HETATM 1654 O O   . HOH D 2 .   ? -8.741  1.386   -14.254 1.00 26.28 ?  226 HOH B O   1 
HETATM 1655 O O   . HOH D 2 .   ? 3.224   -11.586 -19.961 1.00 28.50 ?  227 HOH B O   1 
# 
loop_
_pdbx_poly_seq_scheme.asym_id 
_pdbx_poly_seq_scheme.entity_id 
_pdbx_poly_seq_scheme.seq_id 
_pdbx_poly_seq_scheme.mon_id 
_pdbx_poly_seq_scheme.ndb_seq_num 
_pdbx_poly_seq_scheme.pdb_seq_num 
_pdbx_poly_seq_scheme.auth_seq_num 
_pdbx_poly_seq_scheme.pdb_mon_id 
_pdbx_poly_seq_scheme.auth_mon_id 
_pdbx_poly_seq_scheme.pdb_strand_id 
_pdbx_poly_seq_scheme.pdb_ins_code 
_pdbx_poly_seq_scheme.hetero 
A 1 1   GLY 1   -2  ?   ?   ?   A . n 
A 1 2   PRO 2   -1  ?   ?   ?   A . n 
A 1 3   GLY 3   0   ?   ?   ?   A . n 
A 1 4   MET 4   1   ?   ?   ?   A . n 
A 1 5   ALA 5   2   2   ALA ALA A . n 
A 1 6   VAL 6   3   3   VAL VAL A . n 
A 1 7   LYS 7   4   4   LYS LYS A . n 
A 1 8   GLN 8   5   5   GLN GLN A . n 
A 1 9   LEU 9   6   6   LEU LEU A . n 
A 1 10  ILE 10  7   7   ILE ILE A . n 
A 1 11  VAL 11  8   8   VAL VAL A . n 
A 1 12  LEU 12  9   9   LEU LEU A . n 
A 1 13  LYS 13  10  10  LYS LYS A . n 
A 1 14  PHE 14  11  11  PHE PHE A . n 
A 1 15  LYS 15  12  12  LYS LYS A . n 
A 1 16  ASP 16  13  13  ASP ASP A . n 
A 1 17  GLU 17  14  14  GLU GLU A . n 
A 1 18  ILE 18  15  15  ILE ILE A . n 
A 1 19  THR 19  16  16  THR THR A . n 
A 1 20  GLU 20  17  17  GLU GLU A . n 
A 1 21  ALA 21  18  18  ALA ALA A . n 
A 1 22  GLN 22  19  19  GLN GLN A . n 
A 1 23  LYS 23  20  20  LYS LYS A . n 
A 1 24  GLU 24  21  21  GLU GLU A . n 
A 1 25  GLU 25  22  22  GLU GLU A . n 
A 1 26  PHE 26  23  23  PHE PHE A . n 
A 1 27  PHE 27  24  24  PHE PHE A . n 
A 1 28  LYS 28  25  25  LYS LYS A . n 
A 1 29  THR 29  26  26  THR THR A . n 
A 1 30  TYR 30  27  27  TYR TYR A . n 
A 1 31  VAL 31  28  28  VAL VAL A . n 
A 1 32  ASN 32  29  29  ASN ASN A . n 
A 1 33  LEU 33  30  30  LEU LEU A . n 
A 1 34  VAL 34  31  31  VAL VAL A . n 
A 1 35  ASN 35  32  32  ASN ASN A . n 
A 1 36  ILE 36  33  33  ILE ILE A . n 
A 1 37  ILE 37  34  34  ILE ILE A . n 
A 1 38  PRO 38  35  35  PRO PRO A . n 
A 1 39  ALA 39  36  36  ALA ALA A . n 
A 1 40  MET 40  37  37  MET MET A . n 
A 1 41  LYS 41  38  38  LYS LYS A . n 
A 1 42  ASP 42  39  39  ASP ASP A . n 
A 1 43  VAL 43  40  40  VAL VAL A . n 
A 1 44  TYR 44  41  41  TYR TYR A . n 
A 1 45  TRP 45  42  42  TRP TRP A . n 
A 1 46  GLY 46  43  43  GLY GLY A . n 
A 1 47  LYS 47  44  44  LYS LYS A . n 
A 1 48  ASP 48  45  45  ASP ASP A . n 
A 1 49  VAL 49  46  46  VAL VAL A . n 
A 1 50  THR 50  47  47  THR THR A . n 
A 1 51  GLN 51  48  48  GLN GLN A . n 
A 1 52  LYS 52  49  49  LYS LYS A . n 
A 1 53  ASN 53  50  50  ASN ASN A . n 
A 1 54  LYS 54  51  ?   ?   ?   A . n 
A 1 55  GLU 55  52  ?   ?   ?   A . n 
A 1 56  GLU 56  53  ?   ?   ?   A . n 
A 1 57  GLY 57  54  54  GLY GLY A . n 
A 1 58  TYR 58  55  55  TYR TYR A . n 
A 1 59  THR 59  56  56  THR THR A . n 
A 1 60  HIS 60  57  57  HIS HIS A . n 
A 1 61  ILE 61  58  58  ILE ILE A . n 
A 1 62  VAL 62  59  59  VAL VAL A . n 
A 1 63  GLU 63  60  60  GLU GLU A . n 
A 1 64  VAL 64  61  61  VAL VAL A . n 
A 1 65  THR 65  62  62  THR THR A . n 
A 1 66  PHE 66  63  63  PHE PHE A . n 
A 1 67  GLU 67  64  ?   ?   ?   A . n 
A 1 68  SER 68  65  ?   ?   ?   A . n 
A 1 69  VAL 69  66  66  VAL VAL A . n 
A 1 70  GLU 70  67  67  GLU GLU A . n 
A 1 71  THR 71  68  68  THR THR A . n 
A 1 72  ILE 72  69  69  ILE ILE A . n 
A 1 73  GLN 73  70  70  GLN GLN A . n 
A 1 74  ASP 74  71  71  ASP ASP A . n 
A 1 75  TYR 75  72  72  TYR TYR A . n 
A 1 76  ILE 76  73  73  ILE ILE A . n 
A 1 77  ILE 77  74  74  ILE ILE A . n 
A 1 78  HIS 78  75  75  HIS HIS A . n 
A 1 79  PRO 79  76  76  PRO PRO A . n 
A 1 80  ALA 80  77  77  ALA ALA A . n 
A 1 81  HIS 81  78  78  HIS HIS A . n 
A 1 82  VAL 82  79  79  VAL VAL A . n 
A 1 83  GLY 83  80  80  GLY GLY A . n 
A 1 84  PHE 84  81  81  PHE PHE A . n 
A 1 85  GLY 85  82  82  GLY GLY A . n 
A 1 86  ASP 86  83  83  ASP ASP A . n 
A 1 87  VAL 87  84  84  VAL VAL A . n 
A 1 88  TYR 88  85  85  TYR TYR A . n 
A 1 89  ARG 89  86  86  ARG ARG A . n 
A 1 90  SER 90  87  87  SER SER A . n 
A 1 91  PHE 91  88  88  PHE PHE A . n 
A 1 92  TRP 92  89  89  TRP TRP A . n 
A 1 93  GLU 93  90  90  GLU GLU A . n 
A 1 94  LYS 94  91  91  LYS LYS A . n 
A 1 95  LEU 95  92  92  LEU LEU A . n 
A 1 96  LEU 96  93  93  LEU LEU A . n 
A 1 97  ILE 97  94  94  ILE ILE A . n 
A 1 98  PHE 98  95  95  PHE PHE A . n 
A 1 99  ASP 99  96  96  ASP ASP A . n 
A 1 100 TYR 100 97  97  TYR TYR A . n 
A 1 101 THR 101 98  98  THR THR A . n 
A 1 102 PRO 102 99  99  PRO PRO A . n 
A 1 103 ARG 103 100 100 ARG ARG A . n 
A 1 104 LYS 104 101 101 LYS LYS A . n 
B 1 1   GLY 1   -2  ?   ?   ?   B . n 
B 1 2   PRO 2   -1  ?   ?   ?   B . n 
B 1 3   GLY 3   0   ?   ?   ?   B . n 
B 1 4   MET 4   1   ?   ?   ?   B . n 
B 1 5   ALA 5   2   2   ALA ALA B . n 
B 1 6   VAL 6   3   3   VAL VAL B . n 
B 1 7   LYS 7   4   4   LYS LYS B . n 
B 1 8   GLN 8   5   5   GLN GLN B . n 
B 1 9   LEU 9   6   6   LEU LEU B . n 
B 1 10  ILE 10  7   7   ILE ILE B . n 
B 1 11  VAL 11  8   8   VAL VAL B . n 
B 1 12  LEU 12  9   9   LEU LEU B . n 
B 1 13  LYS 13  10  10  LYS LYS B . n 
B 1 14  PHE 14  11  11  PHE PHE B . n 
B 1 15  LYS 15  12  12  LYS LYS B . n 
B 1 16  ASP 16  13  13  ASP ASP B . n 
B 1 17  GLU 17  14  14  GLU GLU B . n 
B 1 18  ILE 18  15  15  ILE ILE B . n 
B 1 19  THR 19  16  16  THR THR B . n 
B 1 20  GLU 20  17  17  GLU GLU B . n 
B 1 21  ALA 21  18  18  ALA ALA B . n 
B 1 22  GLN 22  19  19  GLN GLN B . n 
B 1 23  LYS 23  20  20  LYS LYS B . n 
B 1 24  GLU 24  21  21  GLU GLU B . n 
B 1 25  GLU 25  22  22  GLU GLU B . n 
B 1 26  PHE 26  23  23  PHE PHE B . n 
B 1 27  PHE 27  24  24  PHE PHE B . n 
B 1 28  LYS 28  25  25  LYS LYS B . n 
B 1 29  THR 29  26  26  THR THR B . n 
B 1 30  TYR 30  27  27  TYR TYR B . n 
B 1 31  VAL 31  28  28  VAL VAL B . n 
B 1 32  ASN 32  29  29  ASN ASN B . n 
B 1 33  LEU 33  30  30  LEU LEU B . n 
B 1 34  VAL 34  31  31  VAL VAL B . n 
B 1 35  ASN 35  32  32  ASN ASN B . n 
B 1 36  ILE 36  33  33  ILE ILE B . n 
B 1 37  ILE 37  34  34  ILE ILE B . n 
B 1 38  PRO 38  35  35  PRO PRO B . n 
B 1 39  ALA 39  36  36  ALA ALA B . n 
B 1 40  MET 40  37  37  MET MET B . n 
B 1 41  LYS 41  38  38  LYS LYS B . n 
B 1 42  ASP 42  39  39  ASP ASP B . n 
B 1 43  VAL 43  40  40  VAL VAL B . n 
B 1 44  TYR 44  41  41  TYR TYR B . n 
B 1 45  TRP 45  42  42  TRP TRP B . n 
B 1 46  GLY 46  43  43  GLY GLY B . n 
B 1 47  LYS 47  44  44  LYS LYS B . n 
B 1 48  ASP 48  45  45  ASP ASP B . n 
B 1 49  VAL 49  46  46  VAL VAL B . n 
B 1 50  THR 50  47  47  THR THR B . n 
B 1 51  GLN 51  48  48  GLN GLN B . n 
B 1 52  LYS 52  49  49  LYS LYS B . n 
B 1 53  ASN 53  50  50  ASN ASN B . n 
B 1 54  LYS 54  51  51  LYS LYS B . n 
B 1 55  GLU 55  52  52  GLU GLU B . n 
B 1 56  GLU 56  53  53  GLU GLU B . n 
B 1 57  GLY 57  54  54  GLY GLY B . n 
B 1 58  TYR 58  55  55  TYR TYR B . n 
B 1 59  THR 59  56  56  THR THR B . n 
B 1 60  HIS 60  57  57  HIS HIS B . n 
B 1 61  ILE 61  58  58  ILE ILE B . n 
B 1 62  VAL 62  59  59  VAL VAL B . n 
B 1 63  GLU 63  60  60  GLU GLU B . n 
B 1 64  VAL 64  61  61  VAL VAL B . n 
B 1 65  THR 65  62  62  THR THR B . n 
B 1 66  PHE 66  63  63  PHE PHE B . n 
B 1 67  GLU 67  64  ?   ?   ?   B . n 
B 1 68  SER 68  65  ?   ?   ?   B . n 
B 1 69  VAL 69  66  ?   ?   ?   B . n 
B 1 70  GLU 70  67  ?   ?   ?   B . n 
B 1 71  THR 71  68  ?   ?   ?   B . n 
B 1 72  ILE 72  69  69  ILE ILE B . n 
B 1 73  GLN 73  70  70  GLN GLN B . n 
B 1 74  ASP 74  71  71  ASP ASP B . n 
B 1 75  TYR 75  72  72  TYR TYR B . n 
B 1 76  ILE 76  73  73  ILE ILE B . n 
B 1 77  ILE 77  74  74  ILE ILE B . n 
B 1 78  HIS 78  75  75  HIS HIS B . n 
B 1 79  PRO 79  76  76  PRO PRO B . n 
B 1 80  ALA 80  77  77  ALA ALA B . n 
B 1 81  HIS 81  78  78  HIS HIS B . n 
B 1 82  VAL 82  79  79  VAL VAL B . n 
B 1 83  GLY 83  80  80  GLY GLY B . n 
B 1 84  PHE 84  81  81  PHE PHE B . n 
B 1 85  GLY 85  82  82  GLY GLY B . n 
B 1 86  ASP 86  83  83  ASP ASP B . n 
B 1 87  VAL 87  84  84  VAL VAL B . n 
B 1 88  TYR 88  85  85  TYR TYR B . n 
B 1 89  ARG 89  86  86  ARG ARG B . n 
B 1 90  SER 90  87  87  SER SER B . n 
B 1 91  PHE 91  88  88  PHE PHE B . n 
B 1 92  TRP 92  89  89  TRP TRP B . n 
B 1 93  GLU 93  90  90  GLU GLU B . n 
B 1 94  LYS 94  91  91  LYS LYS B . n 
B 1 95  LEU 95  92  92  LEU LEU B . n 
B 1 96  LEU 96  93  93  LEU LEU B . n 
B 1 97  ILE 97  94  94  ILE ILE B . n 
B 1 98  PHE 98  95  95  PHE PHE B . n 
B 1 99  ASP 99  96  96  ASP ASP B . n 
B 1 100 TYR 100 97  97  TYR TYR B . n 
B 1 101 THR 101 98  98  THR THR B . n 
B 1 102 PRO 102 99  99  PRO PRO B . n 
B 1 103 ARG 103 100 100 ARG ARG B . n 
B 1 104 LYS 104 101 101 LYS LYS B . n 
# 
loop_
_pdbx_nonpoly_scheme.asym_id 
_pdbx_nonpoly_scheme.entity_id 
_pdbx_nonpoly_scheme.mon_id 
_pdbx_nonpoly_scheme.ndb_seq_num 
_pdbx_nonpoly_scheme.pdb_seq_num 
_pdbx_nonpoly_scheme.auth_seq_num 
_pdbx_nonpoly_scheme.pdb_mon_id 
_pdbx_nonpoly_scheme.auth_mon_id 
_pdbx_nonpoly_scheme.pdb_strand_id 
_pdbx_nonpoly_scheme.pdb_ins_code 
C 2 HOH 1  201 70 HOH HOH A . 
C 2 HOH 2  202 20 HOH HOH A . 
C 2 HOH 3  203 9  HOH HOH A . 
C 2 HOH 4  204 85 HOH HOH A . 
C 2 HOH 5  205 24 HOH HOH A . 
C 2 HOH 6  206 15 HOH HOH A . 
C 2 HOH 7  207 47 HOH HOH A . 
C 2 HOH 8  208 13 HOH HOH A . 
C 2 HOH 9  209 1  HOH HOH A . 
C 2 HOH 10 210 73 HOH HOH A . 
C 2 HOH 11 211 42 HOH HOH A . 
C 2 HOH 12 212 69 HOH HOH A . 
C 2 HOH 13 213 56 HOH HOH A . 
C 2 HOH 14 214 77 HOH HOH A . 
C 2 HOH 15 215 36 HOH HOH A . 
C 2 HOH 16 216 43 HOH HOH A . 
C 2 HOH 17 217 30 HOH HOH A . 
C 2 HOH 18 218 17 HOH HOH A . 
C 2 HOH 19 219 54 HOH HOH A . 
C 2 HOH 20 220 84 HOH HOH A . 
C 2 HOH 21 221 14 HOH HOH A . 
C 2 HOH 22 222 25 HOH HOH A . 
C 2 HOH 23 223 68 HOH HOH A . 
C 2 HOH 24 224 78 HOH HOH A . 
D 2 HOH 1  201 61 HOH HOH B . 
D 2 HOH 2  202 18 HOH HOH B . 
D 2 HOH 3  203 11 HOH HOH B . 
D 2 HOH 4  204 19 HOH HOH B . 
D 2 HOH 5  205 10 HOH HOH B . 
D 2 HOH 6  206 16 HOH HOH B . 
D 2 HOH 7  207 21 HOH HOH B . 
D 2 HOH 8  208 49 HOH HOH B . 
D 2 HOH 9  209 41 HOH HOH B . 
D 2 HOH 10 210 89 HOH HOH B . 
D 2 HOH 11 211 72 HOH HOH B . 
D 2 HOH 12 212 63 HOH HOH B . 
D 2 HOH 13 213 35 HOH HOH B . 
D 2 HOH 14 214 76 HOH HOH B . 
D 2 HOH 15 215 64 HOH HOH B . 
D 2 HOH 16 216 66 HOH HOH B . 
D 2 HOH 17 217 34 HOH HOH B . 
D 2 HOH 18 218 33 HOH HOH B . 
D 2 HOH 19 219 74 HOH HOH B . 
D 2 HOH 20 220 44 HOH HOH B . 
D 2 HOH 21 221 40 HOH HOH B . 
D 2 HOH 22 222 52 HOH HOH B . 
D 2 HOH 23 223 50 HOH HOH B . 
D 2 HOH 24 224 83 HOH HOH B . 
D 2 HOH 25 225 28 HOH HOH B . 
D 2 HOH 26 226 22 HOH HOH B . 
D 2 HOH 27 227 51 HOH HOH B . 
# 
_pdbx_struct_assembly.id                   1 
_pdbx_struct_assembly.details              author_and_software_defined_assembly 
_pdbx_struct_assembly.method_details       PISA 
_pdbx_struct_assembly.oligomeric_details   dimeric 
_pdbx_struct_assembly.oligomeric_count     2 
# 
_pdbx_struct_assembly_gen.assembly_id       1 
_pdbx_struct_assembly_gen.oper_expression   1 
_pdbx_struct_assembly_gen.asym_id_list      A,B,C,D 
# 
loop_
_pdbx_struct_assembly_prop.biol_id 
_pdbx_struct_assembly_prop.type 
_pdbx_struct_assembly_prop.value 
_pdbx_struct_assembly_prop.details 
1 'ABSA (A^2)' 2820  ? 
1 MORE         -11   ? 
1 'SSA (A^2)'  10210 ? 
# 
_pdbx_struct_oper_list.id                   1 
_pdbx_struct_oper_list.type                 'identity operation' 
_pdbx_struct_oper_list.name                 1_555 
_pdbx_struct_oper_list.symmetry_operation   x,y,z 
_pdbx_struct_oper_list.matrix[1][1]         1.0000000000 
_pdbx_struct_oper_list.matrix[1][2]         0.0000000000 
_pdbx_struct_oper_list.matrix[1][3]         0.0000000000 
_pdbx_struct_oper_list.vector[1]            0.0000000000 
_pdbx_struct_oper_list.matrix[2][1]         0.0000000000 
_pdbx_struct_oper_list.matrix[2][2]         1.0000000000 
_pdbx_struct_oper_list.matrix[2][3]         0.0000000000 
_pdbx_struct_oper_list.vector[2]            0.0000000000 
_pdbx_struct_oper_list.matrix[3][1]         0.0000000000 
_pdbx_struct_oper_list.matrix[3][2]         0.0000000000 
_pdbx_struct_oper_list.matrix[3][3]         1.0000000000 
_pdbx_struct_oper_list.vector[3]            0.0000000000 
# 
loop_
_pdbx_audit_revision_history.ordinal 
_pdbx_audit_revision_history.data_content_type 
_pdbx_audit_revision_history.major_revision 
_pdbx_audit_revision_history.minor_revision 
_pdbx_audit_revision_history.revision_date 
1 'Structure model' 1 0 2016-01-27 
2 'Structure model' 1 1 2016-04-06 
3 'Structure model' 1 2 2017-09-27 
4 'Structure model' 1 3 2023-11-08 
# 
_pdbx_audit_revision_details.ordinal             1 
_pdbx_audit_revision_details.revision_ordinal    1 
_pdbx_audit_revision_details.data_content_type   'Structure model' 
_pdbx_audit_revision_details.provider            repository 
_pdbx_audit_revision_details.type                'Initial release' 
_pdbx_audit_revision_details.description         ? 
_pdbx_audit_revision_details.details             ? 
# 
loop_
_pdbx_audit_revision_group.ordinal 
_pdbx_audit_revision_group.revision_ordinal 
_pdbx_audit_revision_group.data_content_type 
_pdbx_audit_revision_group.group 
1 2 'Structure model' 'Database references'    
2 3 'Structure model' 'Data collection'        
3 3 'Structure model' 'Derived calculations'   
4 4 'Structure model' 'Data collection'        
5 4 'Structure model' 'Database references'    
6 4 'Structure model' 'Refinement description' 
# 
loop_
_pdbx_audit_revision_category.ordinal 
_pdbx_audit_revision_category.revision_ordinal 
_pdbx_audit_revision_category.data_content_type 
_pdbx_audit_revision_category.category 
1 3 'Structure model' diffrn_detector               
2 3 'Structure model' pdbx_struct_oper_list         
3 4 'Structure model' chem_comp_atom                
4 4 'Structure model' chem_comp_bond                
5 4 'Structure model' database_2                    
6 4 'Structure model' pdbx_initial_refinement_model 
# 
loop_
_pdbx_audit_revision_item.ordinal 
_pdbx_audit_revision_item.revision_ordinal 
_pdbx_audit_revision_item.data_content_type 
_pdbx_audit_revision_item.item 
1 3 'Structure model' '_diffrn_detector.detector'                 
2 3 'Structure model' '_pdbx_struct_oper_list.symmetry_operation' 
3 4 'Structure model' '_database_2.pdbx_DOI'                      
4 4 'Structure model' '_database_2.pdbx_database_accession'       
# 
_pdbx_phasing_MR.entry_id                     5B0A 
_pdbx_phasing_MR.method_rotation              ? 
_pdbx_phasing_MR.method_translation           ? 
_pdbx_phasing_MR.model_details                ? 
_pdbx_phasing_MR.R_factor                     ? 
_pdbx_phasing_MR.R_rigid_body                 ? 
_pdbx_phasing_MR.correlation_coeff_Fo_to_Fc   ? 
_pdbx_phasing_MR.correlation_coeff_Io_to_Ic   ? 
_pdbx_phasing_MR.d_res_high_rotation          2.100 
_pdbx_phasing_MR.d_res_low_rotation           34.650 
_pdbx_phasing_MR.d_res_high_translation       2.100 
_pdbx_phasing_MR.d_res_low_translation        34.650 
_pdbx_phasing_MR.packing                      ? 
_pdbx_phasing_MR.reflns_percent_rotation      ? 
_pdbx_phasing_MR.reflns_percent_translation   ? 
_pdbx_phasing_MR.sigma_F_rotation             ? 
_pdbx_phasing_MR.sigma_F_translation          ? 
_pdbx_phasing_MR.sigma_I_rotation             ? 
_pdbx_phasing_MR.sigma_I_translation          ? 
# 
_phasing.method   MR 
# 
loop_
_software.citation_id 
_software.classification 
_software.compiler_name 
_software.compiler_version 
_software.contact_author 
_software.contact_author_email 
_software.date 
_software.description 
_software.dependencies 
_software.hardware 
_software.language 
_software.location 
_software.mods 
_software.name 
_software.os 
_software.os_version 
_software.type 
_software.version 
_software.pdbx_ordinal 
? refinement        ? ? ? ? ? ? ? ? ? ? ? PHENIX      ? ? ? 1.10_2152 1 
? phasing           ? ? ? ? ? ? ? ? ? ? ? PHASER      ? ? ? 2.6.0     2 
? 'data extraction' ? ? ? ? ? ? ? ? ? ? ? PDB_EXTRACT ? ? ? 3.15      3 
? 'data reduction'  ? ? ? ? ? ? ? ? ? ? ? XDS         ? ? ? .         4 
? 'data scaling'    ? ? ? ? ? ? ? ? ? ? ? Aimless     ? ? ? .         5 
# 
_pdbx_validate_torsion.id              1 
_pdbx_validate_torsion.PDB_model_num   1 
_pdbx_validate_torsion.auth_comp_id    ASN 
_pdbx_validate_torsion.auth_asym_id    B 
_pdbx_validate_torsion.auth_seq_id     50 
_pdbx_validate_torsion.PDB_ins_code    ? 
_pdbx_validate_torsion.label_alt_id    ? 
_pdbx_validate_torsion.phi             -116.55 
_pdbx_validate_torsion.psi             52.77 
# 
loop_
_pdbx_unobs_or_zero_occ_residues.id 
_pdbx_unobs_or_zero_occ_residues.PDB_model_num 
_pdbx_unobs_or_zero_occ_residues.polymer_flag 
_pdbx_unobs_or_zero_occ_residues.occupancy_flag 
_pdbx_unobs_or_zero_occ_residues.auth_asym_id 
_pdbx_unobs_or_zero_occ_residues.auth_comp_id 
_pdbx_unobs_or_zero_occ_residues.auth_seq_id 
_pdbx_unobs_or_zero_occ_residues.PDB_ins_code 
_pdbx_unobs_or_zero_occ_residues.label_asym_id 
_pdbx_unobs_or_zero_occ_residues.label_comp_id 
_pdbx_unobs_or_zero_occ_residues.label_seq_id 
1  1 Y 1 A GLY -2 ? A GLY 1  
2  1 Y 1 A PRO -1 ? A PRO 2  
3  1 Y 1 A GLY 0  ? A GLY 3  
4  1 Y 1 A MET 1  ? A MET 4  
5  1 Y 1 A LYS 51 ? A LYS 54 
6  1 Y 1 A GLU 52 ? A GLU 55 
7  1 Y 1 A GLU 53 ? A GLU 56 
8  1 Y 1 A GLU 64 ? A GLU 67 
9  1 Y 1 A SER 65 ? A SER 68 
10 1 Y 1 B GLY -2 ? B GLY 1  
11 1 Y 1 B PRO -1 ? B PRO 2  
12 1 Y 1 B GLY 0  ? B GLY 3  
13 1 Y 1 B MET 1  ? B MET 4  
14 1 Y 1 B GLU 64 ? B GLU 67 
15 1 Y 1 B SER 65 ? B SER 68 
16 1 Y 1 B VAL 66 ? B VAL 69 
17 1 Y 1 B GLU 67 ? B GLU 70 
18 1 Y 1 B THR 68 ? B THR 71 
# 
loop_
_chem_comp_atom.comp_id 
_chem_comp_atom.atom_id 
_chem_comp_atom.type_symbol 
_chem_comp_atom.pdbx_aromatic_flag 
_chem_comp_atom.pdbx_stereo_config 
_chem_comp_atom.pdbx_ordinal 
ALA N    N N N 1   
ALA CA   C N S 2   
ALA C    C N N 3   
ALA O    O N N 4   
ALA CB   C N N 5   
ALA OXT  O N N 6   
ALA H    H N N 7   
ALA H2   H N N 8   
ALA HA   H N N 9   
ALA HB1  H N N 10  
ALA HB2  H N N 11  
ALA HB3  H N N 12  
ALA HXT  H N N 13  
ARG N    N N N 14  
ARG CA   C N S 15  
ARG C    C N N 16  
ARG O    O N N 17  
ARG CB   C N N 18  
ARG CG   C N N 19  
ARG CD   C N N 20  
ARG NE   N N N 21  
ARG CZ   C N N 22  
ARG NH1  N N N 23  
ARG NH2  N N N 24  
ARG OXT  O N N 25  
ARG H    H N N 26  
ARG H2   H N N 27  
ARG HA   H N N 28  
ARG HB2  H N N 29  
ARG HB3  H N N 30  
ARG HG2  H N N 31  
ARG HG3  H N N 32  
ARG HD2  H N N 33  
ARG HD3  H N N 34  
ARG HE   H N N 35  
ARG HH11 H N N 36  
ARG HH12 H N N 37  
ARG HH21 H N N 38  
ARG HH22 H N N 39  
ARG HXT  H N N 40  
ASN N    N N N 41  
ASN CA   C N S 42  
ASN C    C N N 43  
ASN O    O N N 44  
ASN CB   C N N 45  
ASN CG   C N N 46  
ASN OD1  O N N 47  
ASN ND2  N N N 48  
ASN OXT  O N N 49  
ASN H    H N N 50  
ASN H2   H N N 51  
ASN HA   H N N 52  
ASN HB2  H N N 53  
ASN HB3  H N N 54  
ASN HD21 H N N 55  
ASN HD22 H N N 56  
ASN HXT  H N N 57  
ASP N    N N N 58  
ASP CA   C N S 59  
ASP C    C N N 60  
ASP O    O N N 61  
ASP CB   C N N 62  
ASP CG   C N N 63  
ASP OD1  O N N 64  
ASP OD2  O N N 65  
ASP OXT  O N N 66  
ASP H    H N N 67  
ASP H2   H N N 68  
ASP HA   H N N 69  
ASP HB2  H N N 70  
ASP HB3  H N N 71  
ASP HD2  H N N 72  
ASP HXT  H N N 73  
GLN N    N N N 74  
GLN CA   C N S 75  
GLN C    C N N 76  
GLN O    O N N 77  
GLN CB   C N N 78  
GLN CG   C N N 79  
GLN CD   C N N 80  
GLN OE1  O N N 81  
GLN NE2  N N N 82  
GLN OXT  O N N 83  
GLN H    H N N 84  
GLN H2   H N N 85  
GLN HA   H N N 86  
GLN HB2  H N N 87  
GLN HB3  H N N 88  
GLN HG2  H N N 89  
GLN HG3  H N N 90  
GLN HE21 H N N 91  
GLN HE22 H N N 92  
GLN HXT  H N N 93  
GLU N    N N N 94  
GLU CA   C N S 95  
GLU C    C N N 96  
GLU O    O N N 97  
GLU CB   C N N 98  
GLU CG   C N N 99  
GLU CD   C N N 100 
GLU OE1  O N N 101 
GLU OE2  O N N 102 
GLU OXT  O N N 103 
GLU H    H N N 104 
GLU H2   H N N 105 
GLU HA   H N N 106 
GLU HB2  H N N 107 
GLU HB3  H N N 108 
GLU HG2  H N N 109 
GLU HG3  H N N 110 
GLU HE2  H N N 111 
GLU HXT  H N N 112 
GLY N    N N N 113 
GLY CA   C N N 114 
GLY C    C N N 115 
GLY O    O N N 116 
GLY OXT  O N N 117 
GLY H    H N N 118 
GLY H2   H N N 119 
GLY HA2  H N N 120 
GLY HA3  H N N 121 
GLY HXT  H N N 122 
HIS N    N N N 123 
HIS CA   C N S 124 
HIS C    C N N 125 
HIS O    O N N 126 
HIS CB   C N N 127 
HIS CG   C Y N 128 
HIS ND1  N Y N 129 
HIS CD2  C Y N 130 
HIS CE1  C Y N 131 
HIS NE2  N Y N 132 
HIS OXT  O N N 133 
HIS H    H N N 134 
HIS H2   H N N 135 
HIS HA   H N N 136 
HIS HB2  H N N 137 
HIS HB3  H N N 138 
HIS HD1  H N N 139 
HIS HD2  H N N 140 
HIS HE1  H N N 141 
HIS HE2  H N N 142 
HIS HXT  H N N 143 
HOH O    O N N 144 
HOH H1   H N N 145 
HOH H2   H N N 146 
ILE N    N N N 147 
ILE CA   C N S 148 
ILE C    C N N 149 
ILE O    O N N 150 
ILE CB   C N S 151 
ILE CG1  C N N 152 
ILE CG2  C N N 153 
ILE CD1  C N N 154 
ILE OXT  O N N 155 
ILE H    H N N 156 
ILE H2   H N N 157 
ILE HA   H N N 158 
ILE HB   H N N 159 
ILE HG12 H N N 160 
ILE HG13 H N N 161 
ILE HG21 H N N 162 
ILE HG22 H N N 163 
ILE HG23 H N N 164 
ILE HD11 H N N 165 
ILE HD12 H N N 166 
ILE HD13 H N N 167 
ILE HXT  H N N 168 
LEU N    N N N 169 
LEU CA   C N S 170 
LEU C    C N N 171 
LEU O    O N N 172 
LEU CB   C N N 173 
LEU CG   C N N 174 
LEU CD1  C N N 175 
LEU CD2  C N N 176 
LEU OXT  O N N 177 
LEU H    H N N 178 
LEU H2   H N N 179 
LEU HA   H N N 180 
LEU HB2  H N N 181 
LEU HB3  H N N 182 
LEU HG   H N N 183 
LEU HD11 H N N 184 
LEU HD12 H N N 185 
LEU HD13 H N N 186 
LEU HD21 H N N 187 
LEU HD22 H N N 188 
LEU HD23 H N N 189 
LEU HXT  H N N 190 
LYS N    N N N 191 
LYS CA   C N S 192 
LYS C    C N N 193 
LYS O    O N N 194 
LYS CB   C N N 195 
LYS CG   C N N 196 
LYS CD   C N N 197 
LYS CE   C N N 198 
LYS NZ   N N N 199 
LYS OXT  O N N 200 
LYS H    H N N 201 
LYS H2   H N N 202 
LYS HA   H N N 203 
LYS HB2  H N N 204 
LYS HB3  H N N 205 
LYS HG2  H N N 206 
LYS HG3  H N N 207 
LYS HD2  H N N 208 
LYS HD3  H N N 209 
LYS HE2  H N N 210 
LYS HE3  H N N 211 
LYS HZ1  H N N 212 
LYS HZ2  H N N 213 
LYS HZ3  H N N 214 
LYS HXT  H N N 215 
MET N    N N N 216 
MET CA   C N S 217 
MET C    C N N 218 
MET O    O N N 219 
MET CB   C N N 220 
MET CG   C N N 221 
MET SD   S N N 222 
MET CE   C N N 223 
MET OXT  O N N 224 
MET H    H N N 225 
MET H2   H N N 226 
MET HA   H N N 227 
MET HB2  H N N 228 
MET HB3  H N N 229 
MET HG2  H N N 230 
MET HG3  H N N 231 
MET HE1  H N N 232 
MET HE2  H N N 233 
MET HE3  H N N 234 
MET HXT  H N N 235 
PHE N    N N N 236 
PHE CA   C N S 237 
PHE C    C N N 238 
PHE O    O N N 239 
PHE CB   C N N 240 
PHE CG   C Y N 241 
PHE CD1  C Y N 242 
PHE CD2  C Y N 243 
PHE CE1  C Y N 244 
PHE CE2  C Y N 245 
PHE CZ   C Y N 246 
PHE OXT  O N N 247 
PHE H    H N N 248 
PHE H2   H N N 249 
PHE HA   H N N 250 
PHE HB2  H N N 251 
PHE HB3  H N N 252 
PHE HD1  H N N 253 
PHE HD2  H N N 254 
PHE HE1  H N N 255 
PHE HE2  H N N 256 
PHE HZ   H N N 257 
PHE HXT  H N N 258 
PRO N    N N N 259 
PRO CA   C N S 260 
PRO C    C N N 261 
PRO O    O N N 262 
PRO CB   C N N 263 
PRO CG   C N N 264 
PRO CD   C N N 265 
PRO OXT  O N N 266 
PRO H    H N N 267 
PRO HA   H N N 268 
PRO HB2  H N N 269 
PRO HB3  H N N 270 
PRO HG2  H N N 271 
PRO HG3  H N N 272 
PRO HD2  H N N 273 
PRO HD3  H N N 274 
PRO HXT  H N N 275 
SER N    N N N 276 
SER CA   C N S 277 
SER C    C N N 278 
SER O    O N N 279 
SER CB   C N N 280 
SER OG   O N N 281 
SER OXT  O N N 282 
SER H    H N N 283 
SER H2   H N N 284 
SER HA   H N N 285 
SER HB2  H N N 286 
SER HB3  H N N 287 
SER HG   H N N 288 
SER HXT  H N N 289 
THR N    N N N 290 
THR CA   C N S 291 
THR C    C N N 292 
THR O    O N N 293 
THR CB   C N R 294 
THR OG1  O N N 295 
THR CG2  C N N 296 
THR OXT  O N N 297 
THR H    H N N 298 
THR H2   H N N 299 
THR HA   H N N 300 
THR HB   H N N 301 
THR HG1  H N N 302 
THR HG21 H N N 303 
THR HG22 H N N 304 
THR HG23 H N N 305 
THR HXT  H N N 306 
TRP N    N N N 307 
TRP CA   C N S 308 
TRP C    C N N 309 
TRP O    O N N 310 
TRP CB   C N N 311 
TRP CG   C Y N 312 
TRP CD1  C Y N 313 
TRP CD2  C Y N 314 
TRP NE1  N Y N 315 
TRP CE2  C Y N 316 
TRP CE3  C Y N 317 
TRP CZ2  C Y N 318 
TRP CZ3  C Y N 319 
TRP CH2  C Y N 320 
TRP OXT  O N N 321 
TRP H    H N N 322 
TRP H2   H N N 323 
TRP HA   H N N 324 
TRP HB2  H N N 325 
TRP HB3  H N N 326 
TRP HD1  H N N 327 
TRP HE1  H N N 328 
TRP HE3  H N N 329 
TRP HZ2  H N N 330 
TRP HZ3  H N N 331 
TRP HH2  H N N 332 
TRP HXT  H N N 333 
TYR N    N N N 334 
TYR CA   C N S 335 
TYR C    C N N 336 
TYR O    O N N 337 
TYR CB   C N N 338 
TYR CG   C Y N 339 
TYR CD1  C Y N 340 
TYR CD2  C Y N 341 
TYR CE1  C Y N 342 
TYR CE2  C Y N 343 
TYR CZ   C Y N 344 
TYR OH   O N N 345 
TYR OXT  O N N 346 
TYR H    H N N 347 
TYR H2   H N N 348 
TYR HA   H N N 349 
TYR HB2  H N N 350 
TYR HB3  H N N 351 
TYR HD1  H N N 352 
TYR HD2  H N N 353 
TYR HE1  H N N 354 
TYR HE2  H N N 355 
TYR HH   H N N 356 
TYR HXT  H N N 357 
VAL N    N N N 358 
VAL CA   C N S 359 
VAL C    C N N 360 
VAL O    O N N 361 
VAL CB   C N N 362 
VAL CG1  C N N 363 
VAL CG2  C N N 364 
VAL OXT  O N N 365 
VAL H    H N N 366 
VAL H2   H N N 367 
VAL HA   H N N 368 
VAL HB   H N N 369 
VAL HG11 H N N 370 
VAL HG12 H N N 371 
VAL HG13 H N N 372 
VAL HG21 H N N 373 
VAL HG22 H N N 374 
VAL HG23 H N N 375 
VAL HXT  H N N 376 
# 
loop_
_chem_comp_bond.comp_id 
_chem_comp_bond.atom_id_1 
_chem_comp_bond.atom_id_2 
_chem_comp_bond.value_order 
_chem_comp_bond.pdbx_aromatic_flag 
_chem_comp_bond.pdbx_stereo_config 
_chem_comp_bond.pdbx_ordinal 
ALA N   CA   sing N N 1   
ALA N   H    sing N N 2   
ALA N   H2   sing N N 3   
ALA CA  C    sing N N 4   
ALA CA  CB   sing N N 5   
ALA CA  HA   sing N N 6   
ALA C   O    doub N N 7   
ALA C   OXT  sing N N 8   
ALA CB  HB1  sing N N 9   
ALA CB  HB2  sing N N 10  
ALA CB  HB3  sing N N 11  
ALA OXT HXT  sing N N 12  
ARG N   CA   sing N N 13  
ARG N   H    sing N N 14  
ARG N   H2   sing N N 15  
ARG CA  C    sing N N 16  
ARG CA  CB   sing N N 17  
ARG CA  HA   sing N N 18  
ARG C   O    doub N N 19  
ARG C   OXT  sing N N 20  
ARG CB  CG   sing N N 21  
ARG CB  HB2  sing N N 22  
ARG CB  HB3  sing N N 23  
ARG CG  CD   sing N N 24  
ARG CG  HG2  sing N N 25  
ARG CG  HG3  sing N N 26  
ARG CD  NE   sing N N 27  
ARG CD  HD2  sing N N 28  
ARG CD  HD3  sing N N 29  
ARG NE  CZ   sing N N 30  
ARG NE  HE   sing N N 31  
ARG CZ  NH1  sing N N 32  
ARG CZ  NH2  doub N N 33  
ARG NH1 HH11 sing N N 34  
ARG NH1 HH12 sing N N 35  
ARG NH2 HH21 sing N N 36  
ARG NH2 HH22 sing N N 37  
ARG OXT HXT  sing N N 38  
ASN N   CA   sing N N 39  
ASN N   H    sing N N 40  
ASN N   H2   sing N N 41  
ASN CA  C    sing N N 42  
ASN CA  CB   sing N N 43  
ASN CA  HA   sing N N 44  
ASN C   O    doub N N 45  
ASN C   OXT  sing N N 46  
ASN CB  CG   sing N N 47  
ASN CB  HB2  sing N N 48  
ASN CB  HB3  sing N N 49  
ASN CG  OD1  doub N N 50  
ASN CG  ND2  sing N N 51  
ASN ND2 HD21 sing N N 52  
ASN ND2 HD22 sing N N 53  
ASN OXT HXT  sing N N 54  
ASP N   CA   sing N N 55  
ASP N   H    sing N N 56  
ASP N   H2   sing N N 57  
ASP CA  C    sing N N 58  
ASP CA  CB   sing N N 59  
ASP CA  HA   sing N N 60  
ASP C   O    doub N N 61  
ASP C   OXT  sing N N 62  
ASP CB  CG   sing N N 63  
ASP CB  HB2  sing N N 64  
ASP CB  HB3  sing N N 65  
ASP CG  OD1  doub N N 66  
ASP CG  OD2  sing N N 67  
ASP OD2 HD2  sing N N 68  
ASP OXT HXT  sing N N 69  
GLN N   CA   sing N N 70  
GLN N   H    sing N N 71  
GLN N   H2   sing N N 72  
GLN CA  C    sing N N 73  
GLN CA  CB   sing N N 74  
GLN CA  HA   sing N N 75  
GLN C   O    doub N N 76  
GLN C   OXT  sing N N 77  
GLN CB  CG   sing N N 78  
GLN CB  HB2  sing N N 79  
GLN CB  HB3  sing N N 80  
GLN CG  CD   sing N N 81  
GLN CG  HG2  sing N N 82  
GLN CG  HG3  sing N N 83  
GLN CD  OE1  doub N N 84  
GLN CD  NE2  sing N N 85  
GLN NE2 HE21 sing N N 86  
GLN NE2 HE22 sing N N 87  
GLN OXT HXT  sing N N 88  
GLU N   CA   sing N N 89  
GLU N   H    sing N N 90  
GLU N   H2   sing N N 91  
GLU CA  C    sing N N 92  
GLU CA  CB   sing N N 93  
GLU CA  HA   sing N N 94  
GLU C   O    doub N N 95  
GLU C   OXT  sing N N 96  
GLU CB  CG   sing N N 97  
GLU CB  HB2  sing N N 98  
GLU CB  HB3  sing N N 99  
GLU CG  CD   sing N N 100 
GLU CG  HG2  sing N N 101 
GLU CG  HG3  sing N N 102 
GLU CD  OE1  doub N N 103 
GLU CD  OE2  sing N N 104 
GLU OE2 HE2  sing N N 105 
GLU OXT HXT  sing N N 106 
GLY N   CA   sing N N 107 
GLY N   H    sing N N 108 
GLY N   H2   sing N N 109 
GLY CA  C    sing N N 110 
GLY CA  HA2  sing N N 111 
GLY CA  HA3  sing N N 112 
GLY C   O    doub N N 113 
GLY C   OXT  sing N N 114 
GLY OXT HXT  sing N N 115 
HIS N   CA   sing N N 116 
HIS N   H    sing N N 117 
HIS N   H2   sing N N 118 
HIS CA  C    sing N N 119 
HIS CA  CB   sing N N 120 
HIS CA  HA   sing N N 121 
HIS C   O    doub N N 122 
HIS C   OXT  sing N N 123 
HIS CB  CG   sing N N 124 
HIS CB  HB2  sing N N 125 
HIS CB  HB3  sing N N 126 
HIS CG  ND1  sing Y N 127 
HIS CG  CD2  doub Y N 128 
HIS ND1 CE1  doub Y N 129 
HIS ND1 HD1  sing N N 130 
HIS CD2 NE2  sing Y N 131 
HIS CD2 HD2  sing N N 132 
HIS CE1 NE2  sing Y N 133 
HIS CE1 HE1  sing N N 134 
HIS NE2 HE2  sing N N 135 
HIS OXT HXT  sing N N 136 
HOH O   H1   sing N N 137 
HOH O   H2   sing N N 138 
ILE N   CA   sing N N 139 
ILE N   H    sing N N 140 
ILE N   H2   sing N N 141 
ILE CA  C    sing N N 142 
ILE CA  CB   sing N N 143 
ILE CA  HA   sing N N 144 
ILE C   O    doub N N 145 
ILE C   OXT  sing N N 146 
ILE CB  CG1  sing N N 147 
ILE CB  CG2  sing N N 148 
ILE CB  HB   sing N N 149 
ILE CG1 CD1  sing N N 150 
ILE CG1 HG12 sing N N 151 
ILE CG1 HG13 sing N N 152 
ILE CG2 HG21 sing N N 153 
ILE CG2 HG22 sing N N 154 
ILE CG2 HG23 sing N N 155 
ILE CD1 HD11 sing N N 156 
ILE CD1 HD12 sing N N 157 
ILE CD1 HD13 sing N N 158 
ILE OXT HXT  sing N N 159 
LEU N   CA   sing N N 160 
LEU N   H    sing N N 161 
LEU N   H2   sing N N 162 
LEU CA  C    sing N N 163 
LEU CA  CB   sing N N 164 
LEU CA  HA   sing N N 165 
LEU C   O    doub N N 166 
LEU C   OXT  sing N N 167 
LEU CB  CG   sing N N 168 
LEU CB  HB2  sing N N 169 
LEU CB  HB3  sing N N 170 
LEU CG  CD1  sing N N 171 
LEU CG  CD2  sing N N 172 
LEU CG  HG   sing N N 173 
LEU CD1 HD11 sing N N 174 
LEU CD1 HD12 sing N N 175 
LEU CD1 HD13 sing N N 176 
LEU CD2 HD21 sing N N 177 
LEU CD2 HD22 sing N N 178 
LEU CD2 HD23 sing N N 179 
LEU OXT HXT  sing N N 180 
LYS N   CA   sing N N 181 
LYS N   H    sing N N 182 
LYS N   H2   sing N N 183 
LYS CA  C    sing N N 184 
LYS CA  CB   sing N N 185 
LYS CA  HA   sing N N 186 
LYS C   O    doub N N 187 
LYS C   OXT  sing N N 188 
LYS CB  CG   sing N N 189 
LYS CB  HB2  sing N N 190 
LYS CB  HB3  sing N N 191 
LYS CG  CD   sing N N 192 
LYS CG  HG2  sing N N 193 
LYS CG  HG3  sing N N 194 
LYS CD  CE   sing N N 195 
LYS CD  HD2  sing N N 196 
LYS CD  HD3  sing N N 197 
LYS CE  NZ   sing N N 198 
LYS CE  HE2  sing N N 199 
LYS CE  HE3  sing N N 200 
LYS NZ  HZ1  sing N N 201 
LYS NZ  HZ2  sing N N 202 
LYS NZ  HZ3  sing N N 203 
LYS OXT HXT  sing N N 204 
MET N   CA   sing N N 205 
MET N   H    sing N N 206 
MET N   H2   sing N N 207 
MET CA  C    sing N N 208 
MET CA  CB   sing N N 209 
MET CA  HA   sing N N 210 
MET C   O    doub N N 211 
MET C   OXT  sing N N 212 
MET CB  CG   sing N N 213 
MET CB  HB2  sing N N 214 
MET CB  HB3  sing N N 215 
MET CG  SD   sing N N 216 
MET CG  HG2  sing N N 217 
MET CG  HG3  sing N N 218 
MET SD  CE   sing N N 219 
MET CE  HE1  sing N N 220 
MET CE  HE2  sing N N 221 
MET CE  HE3  sing N N 222 
MET OXT HXT  sing N N 223 
PHE N   CA   sing N N 224 
PHE N   H    sing N N 225 
PHE N   H2   sing N N 226 
PHE CA  C    sing N N 227 
PHE CA  CB   sing N N 228 
PHE CA  HA   sing N N 229 
PHE C   O    doub N N 230 
PHE C   OXT  sing N N 231 
PHE CB  CG   sing N N 232 
PHE CB  HB2  sing N N 233 
PHE CB  HB3  sing N N 234 
PHE CG  CD1  doub Y N 235 
PHE CG  CD2  sing Y N 236 
PHE CD1 CE1  sing Y N 237 
PHE CD1 HD1  sing N N 238 
PHE CD2 CE2  doub Y N 239 
PHE CD2 HD2  sing N N 240 
PHE CE1 CZ   doub Y N 241 
PHE CE1 HE1  sing N N 242 
PHE CE2 CZ   sing Y N 243 
PHE CE2 HE2  sing N N 244 
PHE CZ  HZ   sing N N 245 
PHE OXT HXT  sing N N 246 
PRO N   CA   sing N N 247 
PRO N   CD   sing N N 248 
PRO N   H    sing N N 249 
PRO CA  C    sing N N 250 
PRO CA  CB   sing N N 251 
PRO CA  HA   sing N N 252 
PRO C   O    doub N N 253 
PRO C   OXT  sing N N 254 
PRO CB  CG   sing N N 255 
PRO CB  HB2  sing N N 256 
PRO CB  HB3  sing N N 257 
PRO CG  CD   sing N N 258 
PRO CG  HG2  sing N N 259 
PRO CG  HG3  sing N N 260 
PRO CD  HD2  sing N N 261 
PRO CD  HD3  sing N N 262 
PRO OXT HXT  sing N N 263 
SER N   CA   sing N N 264 
SER N   H    sing N N 265 
SER N   H2   sing N N 266 
SER CA  C    sing N N 267 
SER CA  CB   sing N N 268 
SER CA  HA   sing N N 269 
SER C   O    doub N N 270 
SER C   OXT  sing N N 271 
SER CB  OG   sing N N 272 
SER CB  HB2  sing N N 273 
SER CB  HB3  sing N N 274 
SER OG  HG   sing N N 275 
SER OXT HXT  sing N N 276 
THR N   CA   sing N N 277 
THR N   H    sing N N 278 
THR N   H2   sing N N 279 
THR CA  C    sing N N 280 
THR CA  CB   sing N N 281 
THR CA  HA   sing N N 282 
THR C   O    doub N N 283 
THR C   OXT  sing N N 284 
THR CB  OG1  sing N N 285 
THR CB  CG2  sing N N 286 
THR CB  HB   sing N N 287 
THR OG1 HG1  sing N N 288 
THR CG2 HG21 sing N N 289 
THR CG2 HG22 sing N N 290 
THR CG2 HG23 sing N N 291 
THR OXT HXT  sing N N 292 
TRP N   CA   sing N N 293 
TRP N   H    sing N N 294 
TRP N   H2   sing N N 295 
TRP CA  C    sing N N 296 
TRP CA  CB   sing N N 297 
TRP CA  HA   sing N N 298 
TRP C   O    doub N N 299 
TRP C   OXT  sing N N 300 
TRP CB  CG   sing N N 301 
TRP CB  HB2  sing N N 302 
TRP CB  HB3  sing N N 303 
TRP CG  CD1  doub Y N 304 
TRP CG  CD2  sing Y N 305 
TRP CD1 NE1  sing Y N 306 
TRP CD1 HD1  sing N N 307 
TRP CD2 CE2  doub Y N 308 
TRP CD2 CE3  sing Y N 309 
TRP NE1 CE2  sing Y N 310 
TRP NE1 HE1  sing N N 311 
TRP CE2 CZ2  sing Y N 312 
TRP CE3 CZ3  doub Y N 313 
TRP CE3 HE3  sing N N 314 
TRP CZ2 CH2  doub Y N 315 
TRP CZ2 HZ2  sing N N 316 
TRP CZ3 CH2  sing Y N 317 
TRP CZ3 HZ3  sing N N 318 
TRP CH2 HH2  sing N N 319 
TRP OXT HXT  sing N N 320 
TYR N   CA   sing N N 321 
TYR N   H    sing N N 322 
TYR N   H2   sing N N 323 
TYR CA  C    sing N N 324 
TYR CA  CB   sing N N 325 
TYR CA  HA   sing N N 326 
TYR C   O    doub N N 327 
TYR C   OXT  sing N N 328 
TYR CB  CG   sing N N 329 
TYR CB  HB2  sing N N 330 
TYR CB  HB3  sing N N 331 
TYR CG  CD1  doub Y N 332 
TYR CG  CD2  sing Y N 333 
TYR CD1 CE1  sing Y N 334 
TYR CD1 HD1  sing N N 335 
TYR CD2 CE2  doub Y N 336 
TYR CD2 HD2  sing N N 337 
TYR CE1 CZ   doub Y N 338 
TYR CE1 HE1  sing N N 339 
TYR CE2 CZ   sing Y N 340 
TYR CE2 HE2  sing N N 341 
TYR CZ  OH   sing N N 342 
TYR OH  HH   sing N N 343 
TYR OXT HXT  sing N N 344 
VAL N   CA   sing N N 345 
VAL N   H    sing N N 346 
VAL N   H2   sing N N 347 
VAL CA  C    sing N N 348 
VAL CA  CB   sing N N 349 
VAL CA  HA   sing N N 350 
VAL C   O    doub N N 351 
VAL C   OXT  sing N N 352 
VAL CB  CG1  sing N N 353 
VAL CB  CG2  sing N N 354 
VAL CB  HB   sing N N 355 
VAL CG1 HG11 sing N N 356 
VAL CG1 HG12 sing N N 357 
VAL CG1 HG13 sing N N 358 
VAL CG2 HG21 sing N N 359 
VAL CG2 HG22 sing N N 360 
VAL CG2 HG23 sing N N 361 
VAL OXT HXT  sing N N 362 
# 
_pdbx_entity_nonpoly.entity_id   2 
_pdbx_entity_nonpoly.name        water 
_pdbx_entity_nonpoly.comp_id     HOH 
# 
_pdbx_initial_refinement_model.id               1 
_pdbx_initial_refinement_model.entity_id_list   ? 
_pdbx_initial_refinement_model.type             'experimental model' 
_pdbx_initial_refinement_model.source_name      PDB 
_pdbx_initial_refinement_model.accession_code   5B08 
_pdbx_initial_refinement_model.details          ? 
# 
